data_2K2C
#
_entry.id   2K2C
#
loop_
_entity.id
_entity.type
_entity.pdbx_description
1 polymer 'RING finger and CHY zinc finger domain-containing protein 1'
2 non-polymer 'ZINC ION'
#
_entity_poly.entity_id   1
_entity_poly.type   'polypeptide(L)'
_entity_poly.pdbx_seq_one_letter_code
;MAATAREDGATGEERGQRGCEHYDRGCLLKAPCCDKLYTCRLCHDNNEDHQLDRFKVKEVQCINCEKIQHAQQTCEECST
LFGEYYCDICHLFDKDKKQYHCENCGICRIGPKEDFFHCLKCNLCLAMNLQGRHKCI
;
_entity_poly.pdbx_strand_id   A
#
# COMPACT_ATOMS: atom_id res chain seq x y z
N MET A 1 15.65 34.49 29.69
CA MET A 1 15.09 34.51 28.32
C MET A 1 16.02 33.81 27.33
N ALA A 2 15.57 33.68 26.07
CA ALA A 2 16.38 33.15 24.97
C ALA A 2 17.42 34.19 24.53
N ALA A 3 18.57 34.19 25.23
CA ALA A 3 19.68 35.12 24.99
C ALA A 3 21.02 34.48 25.43
N THR A 4 21.03 33.14 25.51
CA THR A 4 22.22 32.35 25.88
C THR A 4 22.26 31.02 25.09
N ALA A 5 21.43 30.95 24.03
CA ALA A 5 21.25 29.74 23.22
C ALA A 5 22.48 29.47 22.34
N ARG A 6 22.81 30.44 21.43
CA ARG A 6 24.01 30.42 20.55
C ARG A 6 23.92 29.39 19.40
N GLU A 7 23.03 28.37 19.52
CA GLU A 7 22.84 27.32 18.51
C GLU A 7 21.69 27.72 17.55
N ASP A 8 21.42 29.04 17.48
CA ASP A 8 20.34 29.61 16.67
C ASP A 8 20.67 29.52 15.18
N GLY A 9 19.85 28.77 14.43
CA GLY A 9 20.07 28.53 13.01
C GLY A 9 19.00 27.64 12.39
N ALA A 10 19.33 26.99 11.28
CA ALA A 10 18.40 26.15 10.50
C ALA A 10 18.95 24.72 10.35
N THR A 11 18.05 23.76 10.15
CA THR A 11 18.37 22.33 9.90
C THR A 11 18.02 21.96 8.45
N GLY A 12 18.87 21.11 7.83
CA GLY A 12 18.65 20.68 6.43
C GLY A 12 18.35 19.19 6.33
N GLU A 13 17.64 18.67 7.34
CA GLU A 13 17.36 17.23 7.48
C GLU A 13 16.20 16.83 6.53
N GLU A 14 16.55 16.41 5.30
CA GLU A 14 15.56 16.02 4.28
C GLU A 14 14.94 14.63 4.60
N ARG A 15 13.63 14.50 4.34
CA ARG A 15 12.85 13.29 4.64
C ARG A 15 11.65 13.19 3.69
N GLY A 16 11.23 11.95 3.35
CA GLY A 16 10.06 11.70 2.51
C GLY A 16 8.77 12.26 3.13
N GLN A 17 7.99 13.00 2.31
CA GLN A 17 6.79 13.72 2.78
C GLN A 17 5.62 12.74 3.05
N ARG A 18 5.24 11.97 2.00
CA ARG A 18 4.12 11.00 2.04
C ARG A 18 4.14 10.10 0.78
N GLY A 19 3.34 9.01 0.83
CA GLY A 19 3.18 8.09 -0.29
C GLY A 19 4.47 7.35 -0.67
N CYS A 20 4.40 6.70 -1.84
CA CYS A 20 5.55 6.06 -2.49
C CYS A 20 5.21 5.83 -3.97
N GLU A 21 6.26 5.59 -4.79
CA GLU A 21 6.11 5.27 -6.23
C GLU A 21 5.20 4.02 -6.45
N HIS A 22 5.20 3.12 -5.47
CA HIS A 22 4.43 1.87 -5.50
C HIS A 22 2.96 2.09 -5.08
N TYR A 23 2.74 2.86 -3.99
CA TYR A 23 1.39 3.13 -3.44
C TYR A 23 1.28 4.60 -3.03
N ASP A 24 0.29 5.32 -3.60
CA ASP A 24 -0.05 6.70 -3.19
C ASP A 24 -0.98 6.63 -1.97
N ARG A 25 -0.39 6.66 -0.77
CA ARG A 25 -1.14 6.57 0.49
C ARG A 25 -0.51 7.45 1.58
N GLY A 26 -1.36 7.95 2.49
CA GLY A 26 -0.92 8.71 3.66
C GLY A 26 -0.66 7.83 4.88
N CYS A 27 -0.19 6.58 4.62
CA CYS A 27 0.12 5.61 5.67
C CYS A 27 1.32 4.73 5.32
N LEU A 28 1.95 4.16 6.36
CA LEU A 28 3.01 3.14 6.22
C LEU A 28 2.57 1.86 6.94
N LEU A 29 2.79 0.71 6.29
CA LEU A 29 2.53 -0.62 6.89
C LEU A 29 3.51 -0.88 8.06
N LYS A 30 2.97 -0.94 9.29
CA LYS A 30 3.76 -1.31 10.47
C LYS A 30 3.96 -2.84 10.49
N ALA A 31 5.20 -3.25 10.20
CA ALA A 31 5.62 -4.66 10.15
C ALA A 31 5.88 -5.16 11.57
N PRO A 32 5.02 -6.06 12.17
CA PRO A 32 5.15 -6.52 13.58
C PRO A 32 6.42 -7.38 13.80
N CYS A 33 7.04 -7.79 12.68
CA CYS A 33 8.29 -8.57 12.65
C CYS A 33 9.48 -7.75 13.18
N CYS A 34 9.41 -6.40 13.06
CA CYS A 34 10.47 -5.48 13.55
C CYS A 34 9.89 -4.11 13.97
N ASP A 35 8.54 -4.03 14.08
CA ASP A 35 7.77 -2.81 14.46
C ASP A 35 8.07 -1.58 13.57
N LYS A 36 8.59 -1.83 12.35
CA LYS A 36 9.05 -0.77 11.42
C LYS A 36 7.94 -0.30 10.48
N LEU A 37 8.15 0.89 9.89
CA LEU A 37 7.13 1.62 9.11
C LEU A 37 7.57 1.78 7.64
N TYR A 38 6.90 1.05 6.71
CA TYR A 38 7.20 1.11 5.24
C TYR A 38 5.89 1.08 4.43
N THR A 39 5.79 1.92 3.39
CA THR A 39 4.59 2.00 2.50
C THR A 39 4.27 0.64 1.83
N CYS A 40 5.34 -0.13 1.54
CA CYS A 40 5.27 -1.35 0.71
C CYS A 40 6.02 -2.51 1.39
N ARG A 41 5.67 -3.76 1.06
CA ARG A 41 6.36 -4.96 1.58
C ARG A 41 7.78 -5.09 0.99
N LEU A 42 7.92 -4.66 -0.27
CA LEU A 42 9.20 -4.70 -1.00
C LEU A 42 10.15 -3.56 -0.58
N CYS A 43 9.56 -2.41 -0.16
CA CYS A 43 10.34 -1.28 0.39
C CYS A 43 10.86 -1.60 1.80
N HIS A 44 10.13 -2.49 2.52
CA HIS A 44 10.63 -3.11 3.76
C HIS A 44 11.76 -4.08 3.44
N ASP A 45 11.50 -4.97 2.47
CA ASP A 45 12.36 -6.11 2.10
C ASP A 45 13.77 -5.65 1.66
N ASN A 46 13.83 -4.46 1.05
CA ASN A 46 15.08 -3.85 0.58
C ASN A 46 16.04 -3.52 1.74
N ASN A 47 15.49 -3.02 2.85
CA ASN A 47 16.27 -2.59 4.03
C ASN A 47 16.50 -3.77 5.00
N GLU A 48 15.57 -4.72 5.00
CA GLU A 48 15.54 -5.82 5.98
C GLU A 48 16.09 -7.11 5.37
N ASP A 49 16.65 -7.96 6.23
CA ASP A 49 17.19 -9.28 5.84
C ASP A 49 16.03 -10.29 5.64
N HIS A 50 14.87 -9.97 6.23
CA HIS A 50 13.66 -10.82 6.24
C HIS A 50 12.51 -10.14 5.46
N GLN A 51 11.42 -10.88 5.23
CA GLN A 51 10.28 -10.44 4.37
C GLN A 51 9.13 -9.81 5.19
N LEU A 52 8.44 -8.85 4.57
CA LEU A 52 7.11 -8.38 5.03
C LEU A 52 6.05 -9.10 4.19
N ASP A 53 4.97 -9.55 4.84
CA ASP A 53 3.81 -10.11 4.13
C ASP A 53 2.55 -9.32 4.49
N ARG A 54 1.67 -9.16 3.49
CA ARG A 54 0.47 -8.29 3.55
C ARG A 54 -0.68 -8.90 4.37
N PHE A 55 -0.45 -10.09 4.96
CA PHE A 55 -1.36 -10.69 5.96
C PHE A 55 -0.74 -10.63 7.37
N LYS A 56 0.60 -10.50 7.45
CA LYS A 56 1.32 -10.47 8.75
C LYS A 56 1.20 -9.10 9.43
N VAL A 57 1.14 -8.01 8.64
CA VAL A 57 0.95 -6.64 9.18
C VAL A 57 -0.43 -6.50 9.83
N LYS A 58 -0.49 -5.74 10.93
CA LYS A 58 -1.72 -5.54 11.72
C LYS A 58 -1.97 -4.03 11.89
N GLU A 59 -0.89 -3.28 12.13
CA GLU A 59 -0.94 -1.84 12.34
C GLU A 59 -0.43 -1.08 11.14
N VAL A 60 -0.68 0.23 11.19
CA VAL A 60 -0.19 1.23 10.22
C VAL A 60 0.07 2.55 10.95
N GLN A 61 0.86 3.44 10.36
CA GLN A 61 1.01 4.82 10.87
C GLN A 61 0.38 5.79 9.87
N CYS A 62 0.25 7.04 10.29
CA CYS A 62 -0.22 8.15 9.44
C CYS A 62 0.97 9.06 9.14
N ILE A 63 1.41 9.16 7.87
CA ILE A 63 2.67 9.89 7.52
C ILE A 63 2.52 11.40 7.86
N ASN A 64 1.24 11.84 7.85
CA ASN A 64 0.85 13.21 8.21
C ASN A 64 0.56 13.30 9.74
N CYS A 65 1.63 13.09 10.52
CA CYS A 65 1.78 13.39 11.99
C CYS A 65 2.65 12.30 12.66
N GLU A 66 2.62 11.10 12.06
CA GLU A 66 3.38 9.86 12.47
C GLU A 66 2.66 9.04 13.57
N LYS A 67 1.39 9.36 13.84
CA LYS A 67 0.58 8.66 14.87
C LYS A 67 0.41 7.17 14.49
N ILE A 68 0.79 6.26 15.44
CA ILE A 68 0.67 4.80 15.28
C ILE A 68 -0.75 4.37 15.67
N GLN A 69 -1.35 3.54 14.83
CA GLN A 69 -2.72 3.04 14.99
C GLN A 69 -2.83 1.66 14.36
N HIS A 70 -3.96 0.99 14.56
CA HIS A 70 -4.28 -0.27 13.87
C HIS A 70 -4.69 0.02 12.41
N ALA A 71 -4.67 -1.03 11.55
CA ALA A 71 -4.94 -0.88 10.12
C ALA A 71 -6.39 -0.38 9.87
N GLN A 72 -6.50 0.95 9.64
CA GLN A 72 -7.78 1.66 9.43
C GLN A 72 -7.62 2.62 8.23
N GLN A 73 -8.73 3.11 7.66
CA GLN A 73 -8.69 4.00 6.45
C GLN A 73 -8.32 5.46 6.81
N THR A 74 -8.63 5.91 8.03
CA THR A 74 -8.38 7.30 8.44
C THR A 74 -7.69 7.36 9.82
N CYS A 75 -6.75 8.31 9.94
CA CYS A 75 -6.19 8.76 11.22
C CYS A 75 -7.27 9.50 12.00
N GLU A 76 -7.89 8.80 12.94
CA GLU A 76 -8.90 9.37 13.86
C GLU A 76 -8.38 10.64 14.59
N GLU A 77 -7.05 10.70 14.76
CA GLU A 77 -6.34 11.81 15.42
C GLU A 77 -6.37 13.11 14.57
N CYS A 78 -5.81 13.12 13.33
CA CYS A 78 -5.72 14.37 12.50
C CYS A 78 -6.46 14.26 11.14
N SER A 79 -7.44 13.33 11.07
CA SER A 79 -8.38 13.20 9.92
C SER A 79 -7.68 12.87 8.57
N THR A 80 -6.50 12.23 8.64
CA THR A 80 -5.72 11.87 7.44
C THR A 80 -6.37 10.68 6.71
N LEU A 81 -6.95 10.96 5.53
CA LEU A 81 -7.45 9.92 4.63
C LEU A 81 -6.25 9.23 3.95
N PHE A 82 -6.04 7.95 4.28
CA PHE A 82 -4.87 7.17 3.80
C PHE A 82 -5.00 6.83 2.31
N GLY A 83 -6.24 6.72 1.84
CA GLY A 83 -6.50 6.42 0.44
C GLY A 83 -7.97 6.54 0.10
N GLU A 84 -8.30 6.33 -1.18
CA GLU A 84 -9.69 6.30 -1.63
C GLU A 84 -10.26 4.89 -1.36
N TYR A 85 -9.47 3.88 -1.73
CA TYR A 85 -9.80 2.46 -1.58
C TYR A 85 -9.22 1.93 -0.25
N TYR A 86 -9.99 1.09 0.45
CA TYR A 86 -9.55 0.40 1.69
C TYR A 86 -9.89 -1.08 1.64
N CYS A 87 -9.07 -1.89 2.33
CA CYS A 87 -9.24 -3.34 2.41
C CYS A 87 -8.29 -3.92 3.48
N ASP A 88 -8.88 -4.51 4.54
CA ASP A 88 -8.15 -4.93 5.75
C ASP A 88 -7.38 -6.25 5.52
N ILE A 89 -8.03 -7.22 4.84
CA ILE A 89 -7.45 -8.57 4.59
C ILE A 89 -6.15 -8.46 3.76
N CYS A 90 -6.18 -7.61 2.73
CA CYS A 90 -5.02 -7.38 1.85
C CYS A 90 -4.03 -6.38 2.51
N HIS A 91 -4.55 -5.61 3.49
CA HIS A 91 -3.80 -4.54 4.20
C HIS A 91 -3.25 -3.50 3.21
N LEU A 92 -4.14 -3.05 2.32
CA LEU A 92 -3.82 -2.00 1.35
C LEU A 92 -4.84 -0.88 1.52
N PHE A 93 -4.33 0.35 1.75
CA PHE A 93 -5.13 1.57 1.78
C PHE A 93 -4.40 2.56 0.89
N ASP A 94 -4.96 2.86 -0.28
CA ASP A 94 -4.32 3.71 -1.30
C ASP A 94 -5.39 4.23 -2.25
N LYS A 95 -4.98 5.06 -3.23
CA LYS A 95 -5.91 5.60 -4.23
C LYS A 95 -6.59 4.48 -5.04
N ASP A 96 -7.88 4.68 -5.35
CA ASP A 96 -8.62 3.78 -6.21
C ASP A 96 -8.27 4.16 -7.65
N LYS A 97 -7.53 3.27 -8.31
CA LYS A 97 -7.12 3.42 -9.69
C LYS A 97 -7.74 2.25 -10.47
N LYS A 98 -9.09 2.23 -10.40
CA LYS A 98 -9.95 1.24 -11.10
C LYS A 98 -9.78 -0.18 -10.56
N GLN A 99 -9.17 -0.31 -9.36
CA GLN A 99 -8.86 -1.62 -8.77
C GLN A 99 -10.15 -2.26 -8.17
N TYR A 100 -10.12 -3.59 -8.01
CA TYR A 100 -11.27 -4.37 -7.53
C TYR A 100 -10.81 -5.57 -6.70
N HIS A 101 -11.48 -5.80 -5.55
CA HIS A 101 -11.23 -7.00 -4.72
C HIS A 101 -12.00 -8.18 -5.30
N CYS A 102 -11.28 -8.99 -6.07
CA CYS A 102 -11.79 -10.22 -6.66
C CYS A 102 -11.92 -11.30 -5.57
N GLU A 103 -13.09 -11.97 -5.54
CA GLU A 103 -13.45 -12.92 -4.47
C GLU A 103 -12.62 -14.23 -4.55
N ASN A 104 -12.46 -14.76 -5.78
CA ASN A 104 -11.75 -16.04 -6.00
C ASN A 104 -10.22 -15.87 -5.91
N CYS A 105 -9.69 -14.74 -6.44
CA CYS A 105 -8.26 -14.39 -6.28
C CYS A 105 -7.99 -13.98 -4.81
N GLY A 106 -9.06 -13.52 -4.12
CA GLY A 106 -9.03 -13.27 -2.67
C GLY A 106 -8.31 -11.98 -2.31
N ILE A 107 -7.99 -11.16 -3.33
CA ILE A 107 -7.19 -9.92 -3.18
C ILE A 107 -7.73 -8.82 -4.09
N CYS A 108 -7.22 -7.59 -3.87
CA CYS A 108 -7.33 -6.48 -4.81
C CYS A 108 -5.92 -5.97 -5.14
N ARG A 109 -5.78 -5.42 -6.33
CA ARG A 109 -4.54 -4.82 -6.84
C ARG A 109 -4.94 -3.85 -7.96
N ILE A 110 -4.12 -2.77 -8.17
CA ILE A 110 -4.36 -1.76 -9.23
C ILE A 110 -4.58 -2.46 -10.59
N GLY A 111 -5.84 -2.52 -11.01
CA GLY A 111 -6.29 -3.39 -12.10
C GLY A 111 -7.62 -2.92 -12.60
N PRO A 112 -7.67 -2.17 -13.73
CA PRO A 112 -8.94 -1.69 -14.30
C PRO A 112 -9.80 -2.87 -14.76
N LYS A 113 -10.97 -3.04 -14.14
CA LYS A 113 -11.91 -4.14 -14.45
C LYS A 113 -12.42 -4.07 -15.91
N GLU A 114 -12.40 -2.86 -16.48
CA GLU A 114 -12.68 -2.62 -17.91
C GLU A 114 -11.66 -3.34 -18.81
N ASP A 115 -10.42 -3.52 -18.31
CA ASP A 115 -9.35 -4.27 -18.99
C ASP A 115 -9.18 -5.69 -18.41
N PHE A 116 -9.58 -5.90 -17.15
CA PHE A 116 -9.33 -7.16 -16.40
C PHE A 116 -10.65 -7.86 -16.01
N PHE A 117 -10.72 -9.15 -16.32
CA PHE A 117 -11.82 -10.04 -15.90
C PHE A 117 -11.23 -11.28 -15.21
N HIS A 118 -12.06 -12.00 -14.45
CA HIS A 118 -11.65 -13.28 -13.85
C HIS A 118 -11.99 -14.43 -14.82
N CYS A 119 -10.95 -15.16 -15.26
CA CYS A 119 -11.10 -16.36 -16.10
C CYS A 119 -11.64 -17.50 -15.21
N LEU A 120 -12.87 -17.98 -15.50
CA LEU A 120 -13.61 -18.94 -14.66
C LEU A 120 -13.02 -20.36 -14.80
N LYS A 121 -12.75 -21.00 -13.64
CA LYS A 121 -12.03 -22.29 -13.51
C LYS A 121 -10.57 -22.12 -14.01
N CYS A 122 -9.78 -21.37 -13.20
CA CYS A 122 -8.44 -20.88 -13.59
C CYS A 122 -7.79 -20.18 -12.37
N ASN A 123 -8.64 -19.43 -11.62
CA ASN A 123 -8.27 -18.71 -10.37
C ASN A 123 -7.34 -17.51 -10.64
N LEU A 124 -7.40 -16.99 -11.88
CA LEU A 124 -6.53 -15.89 -12.36
C LEU A 124 -7.38 -14.75 -12.97
N CYS A 125 -6.81 -13.53 -13.02
CA CYS A 125 -7.47 -12.33 -13.61
C CYS A 125 -6.60 -11.74 -14.75
N LEU A 126 -7.11 -11.82 -16.00
CA LEU A 126 -6.35 -11.50 -17.24
C LEU A 126 -6.98 -10.34 -18.02
N ALA A 127 -6.29 -9.92 -19.11
CA ALA A 127 -6.71 -8.81 -19.97
C ALA A 127 -7.78 -9.25 -21.00
N MET A 128 -8.59 -8.29 -21.47
CA MET A 128 -9.70 -8.54 -22.43
C MET A 128 -9.18 -9.04 -23.80
N ASN A 129 -7.94 -8.65 -24.16
CA ASN A 129 -7.28 -9.12 -25.42
C ASN A 129 -6.86 -10.61 -25.30
N LEU A 130 -6.56 -11.03 -24.07
CA LEU A 130 -6.19 -12.41 -23.72
C LEU A 130 -7.45 -13.29 -23.90
N GLN A 131 -8.62 -12.79 -23.46
CA GLN A 131 -9.93 -13.46 -23.62
C GLN A 131 -10.01 -14.82 -22.85
N GLY A 132 -9.01 -15.09 -22.00
CA GLY A 132 -8.89 -16.37 -21.30
C GLY A 132 -8.27 -17.47 -22.15
N ARG A 133 -7.41 -17.08 -23.13
CA ARG A 133 -6.70 -18.03 -24.02
C ARG A 133 -5.63 -18.83 -23.22
N HIS A 134 -6.05 -19.98 -22.64
CA HIS A 134 -5.19 -20.82 -21.78
C HIS A 134 -5.43 -22.32 -22.03
N LYS A 135 -4.56 -23.12 -21.42
CA LYS A 135 -4.88 -24.49 -21.01
C LYS A 135 -5.39 -24.36 -19.55
N CYS A 136 -6.71 -24.17 -19.39
CA CYS A 136 -7.33 -23.84 -18.08
C CYS A 136 -7.60 -25.12 -17.22
N ILE A 137 -6.68 -26.10 -17.32
CA ILE A 137 -6.78 -27.39 -16.61
C ILE A 137 -5.84 -27.34 -15.37
N MET A 1 47.30 38.41 6.73
CA MET A 1 47.18 37.69 5.44
C MET A 1 46.04 36.66 5.55
N ALA A 2 46.19 35.68 6.46
CA ALA A 2 45.17 34.65 6.71
C ALA A 2 44.17 35.15 7.78
N ALA A 3 42.92 35.38 7.36
CA ALA A 3 41.84 35.83 8.25
C ALA A 3 40.86 34.67 8.52
N THR A 4 40.86 34.16 9.77
CA THR A 4 39.95 33.09 10.19
C THR A 4 38.48 33.57 10.16
N ALA A 5 37.71 33.05 9.19
CA ALA A 5 36.30 33.45 8.97
C ALA A 5 35.40 32.25 8.64
N ARG A 6 35.94 31.04 8.83
CA ARG A 6 35.19 29.78 8.63
C ARG A 6 34.44 29.48 9.95
N GLU A 7 33.09 29.59 9.94
CA GLU A 7 32.27 29.21 11.11
C GLU A 7 31.17 28.22 10.68
N ASP A 8 30.47 28.53 9.55
CA ASP A 8 29.36 27.72 8.98
C ASP A 8 28.12 27.66 9.92
N GLY A 9 26.93 27.43 9.32
CA GLY A 9 25.68 27.31 10.08
C GLY A 9 24.50 27.04 9.19
N ALA A 10 24.69 26.17 8.17
CA ALA A 10 23.65 25.85 7.18
C ALA A 10 22.59 24.90 7.77
N THR A 11 21.46 25.47 8.23
CA THR A 11 20.32 24.72 8.78
C THR A 11 19.11 24.81 7.82
N GLY A 12 19.07 23.89 6.85
CA GLY A 12 17.96 23.81 5.87
C GLY A 12 17.45 22.38 5.75
N GLU A 13 16.28 22.10 6.37
CA GLU A 13 15.66 20.76 6.36
C GLU A 13 14.27 20.83 5.71
N GLU A 14 13.90 19.77 4.98
CA GLU A 14 12.58 19.63 4.33
C GLU A 14 12.22 18.13 4.21
N ARG A 15 11.64 17.56 5.29
CA ARG A 15 11.29 16.13 5.36
C ARG A 15 9.84 15.97 5.85
N GLY A 16 8.92 15.81 4.89
CA GLY A 16 7.49 15.58 5.15
C GLY A 16 6.84 14.90 3.96
N GLN A 17 7.58 13.93 3.39
CA GLN A 17 7.20 13.22 2.15
C GLN A 17 6.34 11.99 2.47
N ARG A 18 5.30 11.76 1.65
CA ARG A 18 4.42 10.57 1.71
C ARG A 18 4.10 10.08 0.29
N GLY A 19 3.49 8.88 0.20
CA GLY A 19 3.27 8.19 -1.08
C GLY A 19 4.54 7.51 -1.60
N CYS A 20 4.41 6.77 -2.69
CA CYS A 20 5.54 6.08 -3.35
C CYS A 20 5.18 5.72 -4.80
N GLU A 21 6.21 5.44 -5.61
CA GLU A 21 6.08 5.04 -7.03
C GLU A 21 5.24 3.74 -7.22
N HIS A 22 5.13 2.93 -6.16
CA HIS A 22 4.37 1.67 -6.17
C HIS A 22 2.94 1.93 -5.64
N TYR A 23 2.87 2.54 -4.44
CA TYR A 23 1.60 2.80 -3.74
C TYR A 23 1.57 4.23 -3.19
N ASP A 24 0.45 4.93 -3.43
CA ASP A 24 0.23 6.31 -3.00
C ASP A 24 -0.81 6.31 -1.87
N ARG A 25 -0.31 6.41 -0.63
CA ARG A 25 -1.15 6.35 0.58
C ARG A 25 -0.61 7.28 1.67
N GLY A 26 -1.47 7.55 2.66
CA GLY A 26 -1.11 8.36 3.83
C GLY A 26 -0.83 7.50 5.06
N CYS A 27 -0.32 6.27 4.84
CA CYS A 27 0.03 5.34 5.94
C CYS A 27 1.22 4.41 5.60
N LEU A 28 2.05 4.16 6.63
CA LEU A 28 3.14 3.17 6.59
C LEU A 28 2.64 1.88 7.26
N LEU A 29 2.88 0.75 6.63
CA LEU A 29 2.56 -0.59 7.17
C LEU A 29 3.55 -0.91 8.30
N LYS A 30 3.06 -0.90 9.55
CA LYS A 30 3.86 -1.30 10.71
C LYS A 30 3.97 -2.83 10.73
N ALA A 31 5.14 -3.32 10.30
CA ALA A 31 5.42 -4.75 10.13
C ALA A 31 5.90 -5.33 11.45
N PRO A 32 5.04 -6.06 12.24
CA PRO A 32 5.37 -6.49 13.65
C PRO A 32 6.52 -7.53 13.69
N CYS A 33 6.90 -8.03 12.50
CA CYS A 33 8.04 -8.93 12.31
C CYS A 33 9.37 -8.25 12.71
N CYS A 34 9.49 -6.94 12.46
CA CYS A 34 10.68 -6.13 12.83
C CYS A 34 10.28 -4.74 13.37
N ASP A 35 8.96 -4.52 13.50
CA ASP A 35 8.31 -3.26 13.96
C ASP A 35 8.69 -2.04 13.10
N LYS A 36 9.18 -2.29 11.87
CA LYS A 36 9.64 -1.24 10.96
C LYS A 36 8.51 -0.76 10.04
N LEU A 37 8.64 0.49 9.58
CA LEU A 37 7.56 1.27 8.94
C LEU A 37 7.89 1.47 7.45
N TYR A 38 7.02 0.96 6.55
CA TYR A 38 7.21 1.05 5.08
C TYR A 38 5.87 1.26 4.36
N THR A 39 5.82 2.25 3.43
CA THR A 39 4.63 2.56 2.59
C THR A 39 4.16 1.30 1.81
N CYS A 40 5.10 0.64 1.12
CA CYS A 40 4.83 -0.60 0.37
C CYS A 40 5.31 -1.82 1.17
N ARG A 41 4.60 -2.94 1.02
CA ARG A 41 5.03 -4.24 1.56
C ARG A 41 6.34 -4.71 0.90
N LEU A 42 6.51 -4.40 -0.41
CA LEU A 42 7.71 -4.80 -1.19
C LEU A 42 8.90 -3.85 -0.95
N CYS A 43 8.62 -2.58 -0.56
CA CYS A 43 9.67 -1.61 -0.15
C CYS A 43 10.29 -2.04 1.20
N HIS A 44 9.51 -2.81 1.99
CA HIS A 44 10.02 -3.54 3.17
C HIS A 44 11.02 -4.63 2.74
N ASP A 45 10.56 -5.54 1.86
CA ASP A 45 11.34 -6.71 1.38
C ASP A 45 12.69 -6.31 0.76
N ASN A 46 12.70 -5.14 0.10
CA ASN A 46 13.92 -4.57 -0.52
C ASN A 46 15.01 -4.28 0.53
N ASN A 47 14.58 -3.77 1.69
CA ASN A 47 15.47 -3.28 2.77
C ASN A 47 15.67 -4.35 3.86
N GLU A 48 14.80 -5.37 3.89
CA GLU A 48 14.85 -6.45 4.90
C GLU A 48 15.42 -7.76 4.29
N ASP A 49 15.79 -8.68 5.20
CA ASP A 49 16.23 -10.05 4.85
C ASP A 49 15.00 -10.95 4.55
N HIS A 50 13.85 -10.55 5.12
CA HIS A 50 12.63 -11.38 5.16
C HIS A 50 11.44 -10.65 4.49
N GLN A 51 10.35 -11.40 4.25
CA GLN A 51 9.15 -10.90 3.53
C GLN A 51 8.08 -10.33 4.49
N LEU A 52 7.34 -9.31 4.01
CA LEU A 52 6.18 -8.74 4.70
C LEU A 52 4.91 -9.39 4.14
N ASP A 53 4.36 -10.38 4.88
CA ASP A 53 3.00 -10.84 4.65
C ASP A 53 2.02 -9.75 5.13
N ARG A 54 1.41 -9.09 4.14
CA ARG A 54 0.40 -8.00 4.31
C ARG A 54 -0.77 -8.33 5.26
N PHE A 55 -0.92 -9.60 5.67
CA PHE A 55 -1.98 -10.02 6.61
C PHE A 55 -1.54 -9.87 8.09
N LYS A 56 -0.22 -9.83 8.32
CA LYS A 56 0.39 -9.82 9.67
C LYS A 56 0.38 -8.43 10.32
N VAL A 57 0.48 -7.36 9.48
CA VAL A 57 0.47 -5.97 9.97
C VAL A 57 -0.86 -5.65 10.68
N LYS A 58 -0.78 -4.86 11.77
CA LYS A 58 -1.96 -4.57 12.62
C LYS A 58 -2.11 -3.06 12.81
N GLU A 59 -0.97 -2.36 12.88
CA GLU A 59 -0.91 -0.90 13.05
C GLU A 59 -0.34 -0.25 11.79
N VAL A 60 -0.49 1.09 11.75
CA VAL A 60 -0.01 1.93 10.64
C VAL A 60 0.44 3.31 11.19
N GLN A 61 1.30 3.99 10.40
CA GLN A 61 1.76 5.37 10.67
C GLN A 61 1.08 6.34 9.71
N CYS A 62 0.24 7.21 10.24
CA CYS A 62 -0.33 8.34 9.44
C CYS A 62 0.82 9.27 9.04
N ILE A 63 1.19 9.30 7.74
CA ILE A 63 2.34 10.11 7.27
C ILE A 63 1.94 11.61 7.10
N ASN A 64 0.80 12.00 7.71
CA ASN A 64 0.30 13.39 7.74
C ASN A 64 0.46 14.01 9.15
N CYS A 65 0.71 13.17 10.19
CA CYS A 65 0.95 13.67 11.58
C CYS A 65 1.80 12.69 12.43
N GLU A 66 2.31 11.60 11.80
CA GLU A 66 3.20 10.58 12.41
C GLU A 66 2.58 9.91 13.66
N LYS A 67 1.24 9.86 13.70
CA LYS A 67 0.48 9.18 14.75
C LYS A 67 0.35 7.69 14.41
N ILE A 68 0.50 6.84 15.44
CA ILE A 68 0.21 5.41 15.35
C ILE A 68 -1.30 5.20 15.61
N GLN A 69 -1.94 4.49 14.69
CA GLN A 69 -3.31 4.00 14.82
C GLN A 69 -3.39 2.64 14.15
N HIS A 70 -4.42 1.86 14.47
CA HIS A 70 -4.62 0.52 13.87
C HIS A 70 -5.06 0.65 12.41
N ALA A 71 -4.82 -0.42 11.64
CA ALA A 71 -4.94 -0.42 10.19
C ALA A 71 -6.41 -0.29 9.72
N GLN A 72 -6.79 0.95 9.37
CA GLN A 72 -8.10 1.30 8.80
C GLN A 72 -7.91 2.40 7.73
N GLN A 73 -9.01 3.06 7.31
CA GLN A 73 -8.95 4.08 6.22
C GLN A 73 -8.83 5.52 6.75
N THR A 74 -9.11 5.75 8.05
CA THR A 74 -9.15 7.13 8.63
C THR A 74 -8.18 7.27 9.82
N CYS A 75 -7.69 8.50 10.03
CA CYS A 75 -6.82 8.85 11.17
C CYS A 75 -7.64 9.42 12.32
N GLU A 76 -7.43 8.88 13.52
CA GLU A 76 -8.01 9.38 14.77
C GLU A 76 -7.53 10.82 15.10
N GLU A 77 -6.31 11.15 14.67
CA GLU A 77 -5.59 12.37 15.07
C GLU A 77 -5.87 13.57 14.14
N CYS A 78 -6.19 13.32 12.85
CA CYS A 78 -6.42 14.42 11.88
C CYS A 78 -7.39 14.04 10.74
N SER A 79 -8.22 12.97 10.97
CA SER A 79 -9.33 12.54 10.07
C SER A 79 -8.87 12.28 8.60
N THR A 80 -7.57 12.00 8.44
CA THR A 80 -6.94 11.81 7.12
C THR A 80 -7.39 10.50 6.46
N LEU A 81 -7.93 10.64 5.26
CA LEU A 81 -8.21 9.53 4.35
C LEU A 81 -6.87 8.97 3.83
N PHE A 82 -6.49 7.78 4.30
CA PHE A 82 -5.22 7.12 3.93
C PHE A 82 -5.22 6.68 2.46
N GLY A 83 -6.42 6.58 1.88
CA GLY A 83 -6.59 6.25 0.48
C GLY A 83 -8.04 6.24 0.07
N GLU A 84 -8.28 6.47 -1.24
CA GLU A 84 -9.63 6.41 -1.84
C GLU A 84 -10.23 5.00 -1.66
N TYR A 85 -9.40 4.01 -1.99
CA TYR A 85 -9.74 2.60 -1.82
C TYR A 85 -9.31 2.11 -0.42
N TYR A 86 -10.09 1.16 0.11
CA TYR A 86 -9.88 0.51 1.42
C TYR A 86 -10.01 -1.00 1.26
N CYS A 87 -9.15 -1.75 1.96
CA CYS A 87 -9.29 -3.20 2.10
C CYS A 87 -8.51 -3.68 3.32
N ASP A 88 -9.25 -4.11 4.36
CA ASP A 88 -8.69 -4.52 5.68
C ASP A 88 -8.04 -5.89 5.62
N ILE A 89 -8.59 -6.78 4.74
CA ILE A 89 -8.10 -8.14 4.54
C ILE A 89 -6.60 -8.12 4.15
N CYS A 90 -6.32 -7.34 3.09
CA CYS A 90 -4.99 -7.22 2.50
C CYS A 90 -4.18 -6.12 3.19
N HIS A 91 -4.87 -5.29 4.01
CA HIS A 91 -4.29 -4.15 4.76
C HIS A 91 -3.74 -3.06 3.83
N LEU A 92 -4.14 -3.08 2.55
CA LEU A 92 -3.69 -2.09 1.58
C LEU A 92 -4.80 -1.01 1.46
N PHE A 93 -4.41 0.23 1.79
CA PHE A 93 -5.28 1.40 1.77
C PHE A 93 -4.57 2.43 0.91
N ASP A 94 -5.08 2.67 -0.30
CA ASP A 94 -4.37 3.46 -1.32
C ASP A 94 -5.39 4.28 -2.09
N LYS A 95 -4.90 5.27 -2.84
CA LYS A 95 -5.73 5.96 -3.86
C LYS A 95 -6.24 4.91 -4.85
N ASP A 96 -7.37 5.18 -5.52
CA ASP A 96 -7.96 4.16 -6.40
C ASP A 96 -7.30 4.24 -7.79
N LYS A 97 -6.48 3.22 -8.09
CA LYS A 97 -5.91 3.02 -9.43
C LYS A 97 -6.72 1.89 -10.10
N LYS A 98 -8.07 1.96 -9.95
CA LYS A 98 -9.03 0.97 -10.49
C LYS A 98 -8.83 -0.43 -9.86
N GLN A 99 -8.12 -0.45 -8.71
CA GLN A 99 -7.60 -1.67 -8.06
C GLN A 99 -8.73 -2.49 -7.41
N TYR A 100 -9.00 -3.64 -8.02
CA TYR A 100 -10.18 -4.48 -7.73
C TYR A 100 -9.80 -5.63 -6.78
N HIS A 101 -10.60 -5.87 -5.72
CA HIS A 101 -10.41 -7.03 -4.84
C HIS A 101 -11.20 -8.20 -5.39
N CYS A 102 -10.48 -9.16 -5.94
CA CYS A 102 -11.03 -10.43 -6.37
C CYS A 102 -11.19 -11.36 -5.17
N GLU A 103 -12.41 -11.86 -4.98
CA GLU A 103 -12.76 -12.78 -3.88
C GLU A 103 -12.06 -14.14 -4.09
N ASN A 104 -12.00 -14.58 -5.37
CA ASN A 104 -11.43 -15.89 -5.75
C ASN A 104 -9.88 -15.90 -5.62
N CYS A 105 -9.23 -14.77 -6.00
CA CYS A 105 -7.76 -14.60 -5.83
C CYS A 105 -7.41 -14.18 -4.39
N GLY A 106 -8.41 -13.62 -3.66
CA GLY A 106 -8.26 -13.22 -2.25
C GLY A 106 -7.42 -11.96 -2.05
N ILE A 107 -7.18 -11.23 -3.16
CA ILE A 107 -6.26 -10.06 -3.20
C ILE A 107 -6.85 -8.93 -4.05
N CYS A 108 -6.24 -7.74 -3.95
CA CYS A 108 -6.50 -6.62 -4.86
C CYS A 108 -5.18 -6.10 -5.44
N ARG A 109 -5.04 -6.25 -6.77
CA ARG A 109 -3.86 -5.80 -7.53
C ARG A 109 -4.17 -4.48 -8.25
N ILE A 110 -3.10 -3.74 -8.61
CA ILE A 110 -3.21 -2.53 -9.43
C ILE A 110 -3.49 -2.96 -10.88
N GLY A 111 -4.76 -2.80 -11.29
CA GLY A 111 -5.23 -3.21 -12.60
C GLY A 111 -6.61 -2.63 -12.83
N PRO A 112 -6.94 -2.16 -14.07
CA PRO A 112 -8.26 -1.60 -14.32
C PRO A 112 -9.33 -2.71 -14.33
N LYS A 113 -10.28 -2.58 -13.41
CA LYS A 113 -11.34 -3.57 -13.16
C LYS A 113 -12.27 -3.74 -14.39
N GLU A 114 -12.34 -2.71 -15.22
CA GLU A 114 -13.11 -2.69 -16.47
C GLU A 114 -12.45 -3.56 -17.57
N ASP A 115 -11.15 -3.87 -17.41
CA ASP A 115 -10.36 -4.58 -18.45
C ASP A 115 -10.11 -6.07 -18.11
N PHE A 116 -10.21 -6.46 -16.83
CA PHE A 116 -9.78 -7.81 -16.41
C PHE A 116 -10.92 -8.84 -16.62
N PHE A 117 -10.54 -10.12 -16.51
CA PHE A 117 -11.45 -11.25 -16.35
C PHE A 117 -10.79 -12.29 -15.43
N HIS A 118 -11.53 -12.79 -14.43
CA HIS A 118 -11.06 -13.92 -13.60
C HIS A 118 -11.46 -15.23 -14.29
N CYS A 119 -10.46 -15.99 -14.76
CA CYS A 119 -10.70 -17.33 -15.30
C CYS A 119 -10.62 -18.35 -14.16
N LEU A 120 -11.75 -19.05 -13.92
CA LEU A 120 -11.88 -20.07 -12.86
C LEU A 120 -10.91 -21.24 -13.12
N LYS A 121 -11.05 -21.88 -14.28
CA LYS A 121 -10.19 -23.00 -14.69
C LYS A 121 -8.86 -22.46 -15.28
N CYS A 122 -7.96 -22.09 -14.35
CA CYS A 122 -6.61 -21.50 -14.60
C CYS A 122 -6.06 -20.96 -13.26
N ASN A 123 -6.99 -20.59 -12.33
CA ASN A 123 -6.69 -20.01 -10.99
C ASN A 123 -5.90 -18.68 -11.12
N LEU A 124 -6.40 -17.75 -11.97
CA LEU A 124 -5.73 -16.47 -12.22
C LEU A 124 -6.69 -15.42 -12.84
N CYS A 125 -6.50 -14.14 -12.46
CA CYS A 125 -7.06 -12.98 -13.16
C CYS A 125 -6.10 -12.55 -14.28
N LEU A 126 -6.58 -12.55 -15.52
CA LEU A 126 -5.82 -12.01 -16.66
C LEU A 126 -6.48 -10.69 -17.12
N ALA A 127 -5.76 -9.97 -17.99
CA ALA A 127 -6.24 -8.72 -18.60
C ALA A 127 -6.80 -9.04 -19.99
N MET A 128 -7.59 -8.13 -20.56
CA MET A 128 -8.28 -8.37 -21.87
C MET A 128 -7.27 -8.40 -23.05
N ASN A 129 -6.02 -7.99 -22.81
CA ASN A 129 -4.90 -8.19 -23.76
C ASN A 129 -4.36 -9.63 -23.62
N LEU A 130 -4.38 -10.14 -22.37
CA LEU A 130 -3.91 -11.48 -21.97
C LEU A 130 -4.95 -12.58 -22.33
N GLN A 131 -6.00 -12.19 -23.05
CA GLN A 131 -6.94 -13.14 -23.67
C GLN A 131 -6.18 -14.09 -24.63
N GLY A 132 -6.48 -15.40 -24.52
CA GLY A 132 -5.81 -16.43 -25.35
C GLY A 132 -4.54 -16.99 -24.71
N ARG A 133 -3.88 -16.18 -23.84
CA ARG A 133 -2.65 -16.56 -23.11
C ARG A 133 -2.89 -17.82 -22.26
N HIS A 134 -4.01 -17.79 -21.51
CA HIS A 134 -4.44 -18.92 -20.67
C HIS A 134 -5.06 -20.03 -21.53
N LYS A 135 -4.46 -21.22 -21.50
CA LYS A 135 -5.15 -22.46 -21.89
C LYS A 135 -5.68 -23.09 -20.60
N CYS A 136 -6.96 -23.47 -20.59
CA CYS A 136 -7.66 -23.92 -19.36
C CYS A 136 -7.48 -25.44 -19.11
N ILE A 137 -6.41 -26.01 -19.70
CA ILE A 137 -6.08 -27.43 -19.59
C ILE A 137 -5.02 -27.61 -18.48
N MET A 1 30.24 26.21 43.07
CA MET A 1 30.84 25.07 42.34
C MET A 1 29.87 23.88 42.35
N ALA A 2 28.73 24.06 41.63
CA ALA A 2 27.64 23.06 41.55
C ALA A 2 26.66 23.38 40.40
N ALA A 3 27.06 24.31 39.51
CA ALA A 3 26.21 24.84 38.43
C ALA A 3 25.97 23.76 37.33
N THR A 4 24.76 23.18 37.34
CA THR A 4 24.34 22.18 36.35
C THR A 4 23.88 22.86 35.04
N ALA A 5 24.68 22.69 33.97
CA ALA A 5 24.37 23.24 32.64
C ALA A 5 23.14 22.54 32.01
N ARG A 6 22.39 23.29 31.19
CA ARG A 6 21.13 22.81 30.58
C ARG A 6 20.99 23.32 29.13
N GLU A 7 19.85 22.96 28.48
CA GLU A 7 19.50 23.39 27.11
C GLU A 7 20.50 22.83 26.07
N ASP A 8 20.08 21.79 25.34
CA ASP A 8 20.91 21.13 24.29
C ASP A 8 20.70 21.82 22.93
N GLY A 9 20.36 23.13 22.96
CA GLY A 9 20.08 23.92 21.78
C GLY A 9 18.77 23.52 21.10
N ALA A 10 18.84 23.20 19.81
CA ALA A 10 17.69 22.76 19.00
C ALA A 10 18.14 21.61 18.08
N THR A 11 17.19 20.75 17.71
CA THR A 11 17.44 19.60 16.82
C THR A 11 16.12 19.09 16.23
N GLY A 12 16.21 18.47 15.05
CA GLY A 12 15.06 17.90 14.36
C GLY A 12 15.27 17.86 12.86
N GLU A 13 14.25 18.33 12.12
CA GLU A 13 14.21 18.32 10.64
C GLU A 13 14.31 16.88 10.09
N GLU A 14 13.17 16.20 10.11
CA GLU A 14 12.99 14.87 9.49
C GLU A 14 11.53 14.76 9.04
N ARG A 15 11.32 14.84 7.73
CA ARG A 15 9.97 14.82 7.12
C ARG A 15 9.82 13.53 6.30
N GLY A 16 8.95 12.62 6.79
CA GLY A 16 8.67 11.36 6.11
C GLY A 16 7.83 11.58 4.85
N GLN A 17 8.10 10.79 3.80
CA GLN A 17 7.39 10.89 2.52
C GLN A 17 6.00 10.22 2.64
N ARG A 18 4.94 11.05 2.68
CA ARG A 18 3.55 10.56 2.56
C ARG A 18 3.29 10.24 1.08
N GLY A 19 3.13 8.94 0.83
CA GLY A 19 3.11 8.40 -0.53
C GLY A 19 4.45 7.77 -0.90
N CYS A 20 4.48 7.04 -2.03
CA CYS A 20 5.71 6.44 -2.58
C CYS A 20 5.49 6.10 -4.05
N GLU A 21 6.60 5.90 -4.80
CA GLU A 21 6.61 5.47 -6.21
C GLU A 21 5.80 4.15 -6.42
N HIS A 22 5.81 3.29 -5.40
CA HIS A 22 5.12 2.00 -5.42
C HIS A 22 3.63 2.16 -5.07
N TYR A 23 3.38 2.79 -3.90
CA TYR A 23 2.01 3.01 -3.36
C TYR A 23 1.95 4.43 -2.80
N ASP A 24 1.08 5.27 -3.37
CA ASP A 24 0.84 6.62 -2.84
C ASP A 24 -0.24 6.55 -1.77
N ARG A 25 0.22 6.25 -0.55
CA ARG A 25 -0.61 6.20 0.66
C ARG A 25 0.05 7.06 1.75
N GLY A 26 -0.78 7.85 2.45
CA GLY A 26 -0.31 8.77 3.49
C GLY A 26 -0.08 8.10 4.85
N CYS A 27 0.30 6.80 4.82
CA CYS A 27 0.54 5.99 6.03
C CYS A 27 1.58 4.87 5.78
N LEU A 28 2.37 4.56 6.83
CA LEU A 28 3.40 3.51 6.81
C LEU A 28 2.83 2.20 7.41
N LEU A 29 3.10 1.06 6.78
CA LEU A 29 2.77 -0.29 7.31
C LEU A 29 3.68 -0.62 8.53
N LYS A 30 3.07 -0.81 9.71
CA LYS A 30 3.81 -1.25 10.92
C LYS A 30 3.99 -2.77 10.89
N ALA A 31 5.22 -3.20 10.61
CA ALA A 31 5.59 -4.61 10.48
C ALA A 31 5.88 -5.20 11.86
N PRO A 32 5.01 -6.11 12.42
CA PRO A 32 5.15 -6.64 13.81
C PRO A 32 6.43 -7.49 13.99
N CYS A 33 7.05 -7.88 12.86
CA CYS A 33 8.30 -8.65 12.81
C CYS A 33 9.51 -7.83 13.34
N CYS A 34 9.38 -6.50 13.34
CA CYS A 34 10.42 -5.57 13.84
C CYS A 34 9.83 -4.27 14.42
N ASP A 35 8.48 -4.19 14.45
CA ASP A 35 7.70 -2.99 14.88
C ASP A 35 8.04 -1.72 14.08
N LYS A 36 8.70 -1.89 12.91
CA LYS A 36 9.21 -0.77 12.09
C LYS A 36 8.20 -0.35 11.01
N LEU A 37 8.29 0.93 10.63
CA LEU A 37 7.28 1.64 9.82
C LEU A 37 7.80 1.88 8.39
N TYR A 38 7.11 1.32 7.37
CA TYR A 38 7.47 1.45 5.93
C TYR A 38 6.21 1.52 5.05
N THR A 39 6.16 2.49 4.10
CA THR A 39 4.99 2.70 3.19
C THR A 39 4.63 1.41 2.39
N CYS A 40 5.67 0.64 2.01
CA CYS A 40 5.51 -0.59 1.20
C CYS A 40 6.21 -1.77 1.87
N ARG A 41 5.79 -3.00 1.49
CA ARG A 41 6.42 -4.24 1.99
C ARG A 41 7.84 -4.44 1.40
N LEU A 42 8.03 -4.10 0.11
CA LEU A 42 9.36 -4.19 -0.55
C LEU A 42 10.31 -3.09 -0.05
N CYS A 43 9.76 -1.89 0.24
CA CYS A 43 10.54 -0.78 0.85
C CYS A 43 11.07 -1.18 2.25
N HIS A 44 10.28 -2.01 2.97
CA HIS A 44 10.72 -2.69 4.20
C HIS A 44 11.86 -3.67 3.88
N ASP A 45 11.62 -4.54 2.91
CA ASP A 45 12.50 -5.67 2.55
C ASP A 45 13.89 -5.22 2.05
N ASN A 46 13.97 -3.97 1.52
CA ASN A 46 15.23 -3.37 1.04
C ASN A 46 16.17 -3.00 2.22
N ASN A 47 15.57 -2.60 3.35
CA ASN A 47 16.32 -2.25 4.59
C ASN A 47 16.59 -3.49 5.45
N GLU A 48 15.59 -4.37 5.51
CA GLU A 48 15.53 -5.49 6.47
C GLU A 48 16.20 -6.75 5.89
N ASP A 49 16.64 -7.61 6.81
CA ASP A 49 17.17 -8.95 6.49
C ASP A 49 16.05 -9.90 6.08
N HIS A 50 14.85 -9.69 6.66
CA HIS A 50 13.70 -10.61 6.54
C HIS A 50 12.59 -10.02 5.63
N GLN A 51 11.56 -10.85 5.35
CA GLN A 51 10.44 -10.49 4.43
C GLN A 51 9.21 -9.99 5.21
N LEU A 52 8.47 -9.06 4.59
CA LEU A 52 7.15 -8.57 5.06
C LEU A 52 6.08 -9.18 4.13
N ASP A 53 5.05 -9.82 4.70
CA ASP A 53 3.81 -10.16 3.95
C ASP A 53 2.72 -9.16 4.37
N ARG A 54 1.98 -8.62 3.38
CA ARG A 54 1.07 -7.47 3.60
C ARG A 54 -0.14 -7.82 4.51
N PHE A 55 -0.39 -9.12 4.74
CA PHE A 55 -1.49 -9.58 5.61
C PHE A 55 -1.06 -9.65 7.10
N LYS A 56 0.27 -9.66 7.34
CA LYS A 56 0.85 -9.82 8.69
C LYS A 56 0.85 -8.50 9.49
N VAL A 57 0.99 -7.35 8.80
CA VAL A 57 1.10 -6.04 9.46
C VAL A 57 -0.13 -5.75 10.36
N LYS A 58 0.13 -5.67 11.67
CA LYS A 58 -0.92 -5.54 12.70
C LYS A 58 -1.47 -4.12 12.75
N GLU A 59 -0.57 -3.15 12.53
CA GLU A 59 -0.88 -1.73 12.63
C GLU A 59 -0.25 -0.97 11.47
N VAL A 60 -0.35 0.36 11.57
CA VAL A 60 0.20 1.35 10.66
C VAL A 60 0.52 2.63 11.47
N GLN A 61 1.20 3.61 10.86
CA GLN A 61 1.26 4.98 11.38
C GLN A 61 0.84 5.95 10.28
N CYS A 62 0.38 7.12 10.69
CA CYS A 62 -0.08 8.17 9.77
C CYS A 62 1.03 9.21 9.56
N ILE A 63 1.48 9.41 8.30
CA ILE A 63 2.67 10.24 7.98
C ILE A 63 2.25 11.74 7.99
N ASN A 64 1.90 12.21 9.20
CA ASN A 64 1.34 13.56 9.43
C ASN A 64 1.35 13.86 10.95
N CYS A 65 0.72 12.97 11.74
CA CYS A 65 0.69 13.09 13.24
C CYS A 65 1.38 11.89 13.90
N GLU A 66 1.77 10.90 13.05
CA GLU A 66 2.45 9.65 13.47
C GLU A 66 1.56 8.77 14.36
N LYS A 67 0.23 8.86 14.12
CA LYS A 67 -0.79 8.07 14.84
C LYS A 67 -0.59 6.58 14.58
N ILE A 68 -0.22 5.83 15.64
CA ILE A 68 -0.11 4.38 15.60
C ILE A 68 -1.51 3.79 15.82
N GLN A 69 -2.10 3.30 14.73
CA GLN A 69 -3.45 2.73 14.72
C GLN A 69 -3.44 1.43 13.90
N HIS A 70 -4.47 0.60 14.06
CA HIS A 70 -4.63 -0.61 13.23
C HIS A 70 -5.08 -0.21 11.81
N ALA A 71 -4.73 -1.05 10.81
CA ALA A 71 -4.88 -0.71 9.37
C ALA A 71 -6.35 -0.36 8.97
N GLN A 72 -6.60 0.95 8.81
CA GLN A 72 -7.93 1.53 8.50
C GLN A 72 -7.80 2.44 7.25
N GLN A 73 -8.91 2.80 6.58
CA GLN A 73 -8.88 3.66 5.37
C GLN A 73 -8.47 5.12 5.69
N THR A 74 -8.86 5.61 6.89
CA THR A 74 -8.59 7.01 7.29
C THR A 74 -8.10 7.07 8.75
N CYS A 75 -7.17 7.99 9.00
CA CYS A 75 -6.73 8.36 10.36
C CYS A 75 -7.86 9.12 11.03
N GLU A 76 -8.61 8.41 11.86
CA GLU A 76 -9.82 8.89 12.54
C GLU A 76 -9.62 10.23 13.29
N GLU A 77 -8.40 10.46 13.84
CA GLU A 77 -8.12 11.59 14.74
C GLU A 77 -7.65 12.88 14.00
N CYS A 78 -7.09 12.79 12.76
CA CYS A 78 -6.69 14.02 11.99
C CYS A 78 -7.08 13.94 10.50
N SER A 79 -7.93 12.95 10.15
CA SER A 79 -8.55 12.79 8.81
C SER A 79 -7.52 12.59 7.67
N THR A 80 -6.38 11.94 8.00
CA THR A 80 -5.37 11.60 6.99
C THR A 80 -5.83 10.36 6.20
N LEU A 81 -6.33 10.58 4.97
CA LEU A 81 -6.69 9.48 4.08
C LEU A 81 -5.43 8.68 3.71
N PHE A 82 -5.50 7.37 3.92
CA PHE A 82 -4.46 6.44 3.48
C PHE A 82 -4.49 6.37 1.96
N GLY A 83 -5.66 6.03 1.42
CA GLY A 83 -5.84 5.84 -0.02
C GLY A 83 -7.31 5.84 -0.42
N GLU A 84 -7.58 6.26 -1.68
CA GLU A 84 -8.93 6.24 -2.28
C GLU A 84 -9.52 4.83 -2.19
N TYR A 85 -8.70 3.85 -2.60
CA TYR A 85 -9.00 2.43 -2.48
C TYR A 85 -8.62 1.93 -1.07
N TYR A 86 -9.45 1.04 -0.54
CA TYR A 86 -9.30 0.47 0.80
C TYR A 86 -9.49 -1.04 0.73
N CYS A 87 -8.73 -1.76 1.58
CA CYS A 87 -8.89 -3.21 1.79
C CYS A 87 -8.09 -3.57 3.07
N ASP A 88 -8.82 -3.93 4.15
CA ASP A 88 -8.24 -4.05 5.51
C ASP A 88 -7.51 -5.39 5.71
N ILE A 89 -8.08 -6.46 5.11
CA ILE A 89 -7.54 -7.83 5.22
C ILE A 89 -6.17 -7.92 4.51
N CYS A 90 -6.07 -7.26 3.34
CA CYS A 90 -4.82 -7.20 2.57
C CYS A 90 -3.93 -6.08 3.09
N HIS A 91 -4.54 -5.13 3.84
CA HIS A 91 -3.86 -3.98 4.49
C HIS A 91 -3.29 -2.96 3.47
N LEU A 92 -3.50 -3.22 2.16
CA LEU A 92 -2.95 -2.39 1.09
C LEU A 92 -3.97 -1.29 0.78
N PHE A 93 -3.51 -0.04 0.90
CA PHE A 93 -4.31 1.16 0.67
C PHE A 93 -3.55 2.03 -0.34
N ASP A 94 -4.27 2.55 -1.34
CA ASP A 94 -3.65 3.18 -2.52
C ASP A 94 -4.69 4.07 -3.23
N LYS A 95 -4.24 4.86 -4.21
CA LYS A 95 -5.10 5.74 -5.03
C LYS A 95 -6.14 4.92 -5.85
N ASP A 96 -7.19 5.61 -6.36
CA ASP A 96 -8.21 4.97 -7.20
C ASP A 96 -7.61 4.71 -8.59
N LYS A 97 -7.39 3.42 -8.87
CA LYS A 97 -6.80 2.93 -10.13
C LYS A 97 -7.63 1.73 -10.62
N LYS A 98 -8.93 1.71 -10.20
CA LYS A 98 -9.93 0.70 -10.60
C LYS A 98 -9.54 -0.73 -10.18
N GLN A 99 -8.55 -0.84 -9.27
CA GLN A 99 -8.00 -2.13 -8.82
C GLN A 99 -9.06 -2.97 -8.10
N TYR A 100 -9.14 -4.24 -8.49
CA TYR A 100 -10.19 -5.17 -8.04
C TYR A 100 -9.66 -6.12 -6.99
N HIS A 101 -10.42 -6.33 -5.90
CA HIS A 101 -10.19 -7.45 -5.00
C HIS A 101 -10.97 -8.65 -5.53
N CYS A 102 -10.24 -9.55 -6.18
CA CYS A 102 -10.77 -10.83 -6.65
C CYS A 102 -10.98 -11.72 -5.41
N GLU A 103 -12.24 -11.88 -4.97
CA GLU A 103 -12.61 -12.54 -3.70
C GLU A 103 -12.15 -14.01 -3.65
N ASN A 104 -12.22 -14.68 -4.81
CA ASN A 104 -11.79 -16.09 -4.97
C ASN A 104 -10.28 -16.26 -4.68
N CYS A 105 -9.47 -15.38 -5.27
CA CYS A 105 -8.00 -15.42 -5.17
C CYS A 105 -7.51 -14.75 -3.86
N GLY A 106 -8.33 -13.86 -3.30
CA GLY A 106 -8.05 -13.21 -2.00
C GLY A 106 -6.93 -12.16 -2.08
N ILE A 107 -6.81 -11.49 -3.24
CA ILE A 107 -5.77 -10.46 -3.50
C ILE A 107 -6.37 -9.30 -4.32
N CYS A 108 -5.71 -8.12 -4.28
CA CYS A 108 -6.08 -6.96 -5.11
C CYS A 108 -4.85 -6.19 -5.63
N ARG A 109 -4.74 -6.11 -6.96
CA ARG A 109 -3.67 -5.37 -7.66
C ARG A 109 -4.28 -4.56 -8.82
N ILE A 110 -3.45 -3.66 -9.39
CA ILE A 110 -3.89 -2.63 -10.36
C ILE A 110 -4.41 -3.28 -11.66
N GLY A 111 -5.54 -2.78 -12.14
CA GLY A 111 -6.19 -3.28 -13.33
C GLY A 111 -7.63 -2.85 -13.31
N PRO A 112 -8.16 -2.18 -14.37
CA PRO A 112 -9.56 -1.75 -14.38
C PRO A 112 -10.48 -2.98 -14.48
N LYS A 113 -11.30 -3.16 -13.45
CA LYS A 113 -12.14 -4.36 -13.26
C LYS A 113 -13.18 -4.54 -14.39
N GLU A 114 -13.57 -3.42 -15.01
CA GLU A 114 -14.40 -3.40 -16.23
C GLU A 114 -13.68 -4.07 -17.41
N ASP A 115 -12.37 -3.85 -17.52
CA ASP A 115 -11.51 -4.39 -18.61
C ASP A 115 -10.70 -5.62 -18.12
N PHE A 116 -11.15 -6.23 -17.00
CA PHE A 116 -10.59 -7.48 -16.45
C PHE A 116 -11.72 -8.40 -15.98
N PHE A 117 -11.35 -9.63 -15.60
CA PHE A 117 -12.27 -10.64 -15.04
C PHE A 117 -11.46 -11.75 -14.34
N HIS A 118 -12.14 -12.66 -13.62
CA HIS A 118 -11.52 -13.91 -13.12
C HIS A 118 -12.02 -15.09 -13.96
N CYS A 119 -11.07 -15.89 -14.47
CA CYS A 119 -11.36 -17.15 -15.18
C CYS A 119 -11.49 -18.29 -14.15
N LEU A 120 -12.74 -18.70 -13.85
CA LEU A 120 -13.06 -19.75 -12.86
C LEU A 120 -12.45 -21.09 -13.30
N LYS A 121 -12.75 -21.50 -14.55
CA LYS A 121 -12.29 -22.79 -15.13
C LYS A 121 -10.91 -22.61 -15.84
N CYS A 122 -10.05 -21.82 -15.18
CA CYS A 122 -8.62 -21.67 -15.52
C CYS A 122 -7.82 -21.33 -14.23
N ASN A 123 -8.56 -20.87 -13.18
CA ASN A 123 -8.07 -20.63 -11.79
C ASN A 123 -7.26 -19.32 -11.64
N LEU A 124 -6.80 -18.74 -12.76
CA LEU A 124 -6.11 -17.44 -12.80
C LEU A 124 -7.10 -16.35 -13.30
N CYS A 125 -6.87 -15.08 -12.92
CA CYS A 125 -7.60 -13.93 -13.48
C CYS A 125 -7.06 -13.63 -14.90
N LEU A 126 -7.77 -12.82 -15.70
CA LEU A 126 -7.35 -12.52 -17.09
C LEU A 126 -7.89 -11.16 -17.57
N ALA A 127 -7.24 -10.64 -18.63
CA ALA A 127 -7.63 -9.38 -19.29
C ALA A 127 -8.80 -9.60 -20.28
N MET A 128 -9.65 -8.56 -20.40
CA MET A 128 -10.80 -8.55 -21.34
C MET A 128 -10.32 -8.55 -22.82
N ASN A 129 -9.08 -8.08 -23.02
CA ASN A 129 -8.43 -8.01 -24.35
C ASN A 129 -7.88 -9.39 -24.76
N LEU A 130 -7.57 -10.23 -23.74
CA LEU A 130 -6.84 -11.49 -23.93
C LEU A 130 -7.81 -12.64 -24.28
N GLN A 131 -9.01 -12.62 -23.67
CA GLN A 131 -10.02 -13.71 -23.81
C GLN A 131 -10.36 -13.99 -25.30
N GLY A 132 -10.42 -15.28 -25.64
CA GLY A 132 -10.50 -15.72 -27.05
C GLY A 132 -9.26 -16.51 -27.46
N ARG A 133 -8.12 -16.17 -26.82
CA ARG A 133 -6.85 -16.94 -26.95
C ARG A 133 -6.76 -17.99 -25.82
N HIS A 134 -7.83 -18.10 -25.02
CA HIS A 134 -7.88 -18.95 -23.81
C HIS A 134 -8.75 -20.20 -24.07
N LYS A 135 -8.25 -21.37 -23.64
CA LYS A 135 -9.13 -22.53 -23.39
C LYS A 135 -9.74 -22.30 -22.00
N CYS A 136 -11.07 -22.40 -21.90
CA CYS A 136 -11.81 -22.06 -20.68
C CYS A 136 -12.80 -23.17 -20.30
N ILE A 137 -12.74 -24.29 -21.04
CA ILE A 137 -13.43 -25.53 -20.70
C ILE A 137 -12.32 -26.57 -20.36
N MET A 1 25.47 49.14 -8.27
CA MET A 1 26.24 47.89 -8.09
C MET A 1 26.59 47.70 -6.61
N ALA A 2 25.90 46.77 -5.92
CA ALA A 2 26.15 46.44 -4.51
C ALA A 2 25.86 44.95 -4.27
N ALA A 3 26.93 44.15 -4.18
CA ALA A 3 26.84 42.68 -3.92
C ALA A 3 26.53 42.39 -2.43
N THR A 4 26.57 43.44 -1.59
CA THR A 4 26.16 43.36 -0.19
C THR A 4 24.62 43.15 -0.10
N ALA A 5 24.20 42.01 0.51
CA ALA A 5 22.78 41.68 0.75
C ALA A 5 22.66 40.64 1.88
N ARG A 6 21.51 40.64 2.57
CA ARG A 6 21.21 39.72 3.68
C ARG A 6 19.70 39.39 3.68
N GLU A 7 19.36 38.19 3.19
CA GLU A 7 17.97 37.72 3.04
C GLU A 7 17.94 36.17 2.99
N ASP A 8 19.04 35.57 3.46
CA ASP A 8 19.22 34.10 3.49
C ASP A 8 18.21 33.43 4.45
N GLY A 9 17.74 32.23 4.06
CA GLY A 9 16.68 31.51 4.76
C GLY A 9 17.01 31.20 6.21
N ALA A 10 16.25 31.81 7.13
CA ALA A 10 16.39 31.62 8.59
C ALA A 10 15.92 30.22 9.00
N THR A 11 14.78 29.79 8.43
CA THR A 11 14.15 28.49 8.74
C THR A 11 13.80 27.75 7.43
N GLY A 12 14.45 26.59 7.22
CA GLY A 12 14.17 25.72 6.07
C GLY A 12 13.70 24.35 6.55
N GLU A 13 12.40 24.05 6.35
CA GLU A 13 11.76 22.81 6.84
C GLU A 13 10.57 22.39 5.94
N GLU A 14 10.32 21.07 5.88
CA GLU A 14 9.11 20.48 5.25
C GLU A 14 8.87 19.09 5.83
N ARG A 15 7.61 18.79 6.19
CA ARG A 15 7.20 17.46 6.75
C ARG A 15 5.96 16.92 6.00
N GLY A 16 5.61 17.56 4.87
CA GLY A 16 4.38 17.25 4.14
C GLY A 16 4.53 16.14 3.09
N GLN A 17 5.63 15.38 3.17
CA GLN A 17 5.89 14.24 2.28
C GLN A 17 5.19 12.98 2.82
N ARG A 18 4.23 12.48 2.04
CA ARG A 18 3.53 11.21 2.28
C ARG A 18 3.28 10.48 0.94
N GLY A 19 2.94 9.19 1.01
CA GLY A 19 2.76 8.36 -0.20
C GLY A 19 4.07 7.77 -0.72
N CYS A 20 3.96 6.93 -1.76
CA CYS A 20 5.09 6.31 -2.43
C CYS A 20 4.62 5.86 -3.81
N GLU A 21 5.45 6.08 -4.86
CA GLU A 21 5.05 5.88 -6.28
C GLU A 21 4.53 4.44 -6.57
N HIS A 22 4.99 3.46 -5.77
CA HIS A 22 4.58 2.05 -5.91
C HIS A 22 3.09 1.86 -5.51
N TYR A 23 2.72 2.41 -4.34
CA TYR A 23 1.33 2.42 -3.82
C TYR A 23 1.10 3.77 -3.12
N ASP A 24 0.18 4.58 -3.63
CA ASP A 24 -0.01 5.96 -3.13
C ASP A 24 -1.02 5.98 -1.98
N ARG A 25 -0.48 5.96 -0.74
CA ARG A 25 -1.27 6.21 0.47
C ARG A 25 -0.43 6.95 1.52
N GLY A 26 -1.11 7.79 2.31
CA GLY A 26 -0.48 8.59 3.37
C GLY A 26 -0.25 7.82 4.67
N CYS A 27 0.04 6.51 4.54
CA CYS A 27 0.30 5.63 5.69
C CYS A 27 1.47 4.67 5.39
N LEU A 28 1.98 4.08 6.46
CA LEU A 28 3.06 3.08 6.42
C LEU A 28 2.57 1.82 7.14
N LEU A 29 2.79 0.66 6.51
CA LEU A 29 2.44 -0.66 7.09
C LEU A 29 3.37 -0.99 8.27
N LYS A 30 2.77 -1.21 9.46
CA LYS A 30 3.53 -1.55 10.67
C LYS A 30 3.85 -3.04 10.67
N ALA A 31 5.01 -3.39 10.12
CA ALA A 31 5.51 -4.75 10.10
C ALA A 31 5.96 -5.17 11.52
N PRO A 32 5.18 -6.04 12.23
CA PRO A 32 5.49 -6.46 13.63
C PRO A 32 6.60 -7.54 13.67
N CYS A 33 7.12 -7.88 12.49
CA CYS A 33 8.26 -8.79 12.31
C CYS A 33 9.59 -8.08 12.62
N CYS A 34 9.61 -6.73 12.52
CA CYS A 34 10.82 -5.91 12.79
C CYS A 34 10.45 -4.50 13.28
N ASP A 35 9.16 -4.29 13.70
CA ASP A 35 8.66 -3.03 14.31
C ASP A 35 8.71 -1.82 13.33
N LYS A 36 8.95 -2.11 12.04
CA LYS A 36 9.22 -1.08 11.02
C LYS A 36 7.97 -0.67 10.25
N LEU A 37 8.09 0.50 9.60
CA LEU A 37 6.98 1.20 8.92
C LEU A 37 7.35 1.39 7.43
N TYR A 38 6.55 0.79 6.50
CA TYR A 38 6.78 0.91 5.03
C TYR A 38 5.44 0.91 4.26
N THR A 39 5.21 1.96 3.41
CA THR A 39 3.98 2.09 2.59
C THR A 39 3.74 0.84 1.70
N CYS A 40 4.84 0.30 1.14
CA CYS A 40 4.81 -0.88 0.26
C CYS A 40 5.40 -2.10 0.98
N ARG A 41 4.92 -3.31 0.63
CA ARG A 41 5.55 -4.56 1.11
C ARG A 41 6.96 -4.70 0.49
N LEU A 42 7.10 -4.30 -0.78
CA LEU A 42 8.37 -4.40 -1.53
C LEU A 42 9.43 -3.39 -1.02
N CYS A 43 8.96 -2.23 -0.49
CA CYS A 43 9.83 -1.22 0.15
C CYS A 43 10.40 -1.77 1.48
N HIS A 44 9.61 -2.62 2.15
CA HIS A 44 10.06 -3.38 3.32
C HIS A 44 11.13 -4.40 2.90
N ASP A 45 10.82 -5.17 1.83
CA ASP A 45 11.69 -6.24 1.30
C ASP A 45 13.08 -5.70 0.88
N ASN A 46 13.10 -4.45 0.39
CA ASN A 46 14.31 -3.74 -0.07
C ASN A 46 15.37 -3.62 1.05
N ASN A 47 14.91 -3.31 2.28
CA ASN A 47 15.79 -3.06 3.43
C ASN A 47 16.01 -4.35 4.23
N GLU A 48 14.97 -5.18 4.30
CA GLU A 48 14.91 -6.35 5.20
C GLU A 48 15.44 -7.63 4.55
N ASP A 49 15.85 -8.55 5.41
CA ASP A 49 16.32 -9.91 5.05
C ASP A 49 15.15 -10.87 4.83
N HIS A 50 13.91 -10.39 5.07
CA HIS A 50 12.71 -11.23 5.12
C HIS A 50 11.51 -10.49 4.47
N GLN A 51 10.40 -11.21 4.26
CA GLN A 51 9.19 -10.69 3.58
C GLN A 51 8.10 -10.29 4.58
N LEU A 52 7.34 -9.25 4.20
CA LEU A 52 6.25 -8.67 5.00
C LEU A 52 4.96 -9.45 4.70
N ASP A 53 4.47 -10.18 5.72
CA ASP A 53 3.13 -10.77 5.69
C ASP A 53 2.12 -9.68 6.12
N ARG A 54 1.28 -9.27 5.16
CA ARG A 54 0.25 -8.23 5.38
C ARG A 54 -0.79 -8.64 6.45
N PHE A 55 -0.99 -9.96 6.62
CA PHE A 55 -1.89 -10.52 7.65
C PHE A 55 -1.31 -10.34 9.07
N LYS A 56 0.04 -10.33 9.18
CA LYS A 56 0.72 -10.09 10.48
C LYS A 56 0.57 -8.62 10.90
N VAL A 57 0.59 -7.73 9.89
CA VAL A 57 0.44 -6.28 10.09
C VAL A 57 -1.00 -5.99 10.58
N LYS A 58 -1.12 -5.53 11.83
CA LYS A 58 -2.43 -5.16 12.42
C LYS A 58 -2.53 -3.62 12.55
N GLU A 59 -1.36 -2.98 12.68
CA GLU A 59 -1.25 -1.52 12.82
C GLU A 59 -0.81 -0.88 11.50
N VAL A 60 -0.64 0.43 11.57
CA VAL A 60 -0.10 1.30 10.52
C VAL A 60 0.46 2.53 11.24
N GLN A 61 1.00 3.49 10.49
CA GLN A 61 1.19 4.85 11.00
C GLN A 61 0.80 5.86 9.94
N CYS A 62 0.54 7.07 10.40
CA CYS A 62 0.20 8.20 9.55
C CYS A 62 1.48 8.98 9.28
N ILE A 63 1.89 9.10 8.01
CA ILE A 63 3.13 9.80 7.65
C ILE A 63 2.98 11.30 7.96
N ASN A 64 1.72 11.77 7.84
CA ASN A 64 1.30 13.15 8.10
C ASN A 64 0.90 13.33 9.60
N CYS A 65 1.93 13.20 10.46
CA CYS A 65 1.97 13.54 11.92
C CYS A 65 2.68 12.44 12.71
N GLU A 66 3.00 11.31 12.01
CA GLU A 66 3.85 10.21 12.54
C GLU A 66 3.16 9.42 13.66
N LYS A 67 1.83 9.57 13.77
CA LYS A 67 1.01 8.84 14.76
C LYS A 67 0.96 7.35 14.42
N ILE A 68 1.43 6.51 15.37
CA ILE A 68 1.30 5.05 15.28
C ILE A 68 -0.11 4.70 15.74
N GLN A 69 -0.86 4.01 14.88
CA GLN A 69 -2.28 3.77 15.13
C GLN A 69 -2.70 2.41 14.59
N HIS A 70 -3.87 1.96 15.05
CA HIS A 70 -4.61 0.82 14.50
C HIS A 70 -4.93 1.05 13.01
N ALA A 71 -5.03 -0.05 12.25
CA ALA A 71 -5.33 0.01 10.81
C ALA A 71 -6.75 0.55 10.56
N GLN A 72 -6.82 1.87 10.36
CA GLN A 72 -8.03 2.61 10.00
C GLN A 72 -7.75 3.35 8.69
N GLN A 73 -8.78 3.52 7.86
CA GLN A 73 -8.64 4.15 6.52
C GLN A 73 -8.23 5.65 6.62
N THR A 74 -8.53 6.26 7.77
CA THR A 74 -8.21 7.67 8.04
C THR A 74 -7.51 7.80 9.41
N CYS A 75 -6.67 8.83 9.54
CA CYS A 75 -6.03 9.21 10.80
C CYS A 75 -6.99 10.04 11.63
N GLU A 76 -7.51 9.45 12.70
CA GLU A 76 -8.33 10.15 13.72
C GLU A 76 -7.59 11.38 14.33
N GLU A 77 -6.24 11.29 14.37
CA GLU A 77 -5.36 12.30 14.95
C GLU A 77 -5.35 13.63 14.12
N CYS A 78 -5.38 13.56 12.76
CA CYS A 78 -5.28 14.78 11.90
C CYS A 78 -6.03 14.64 10.55
N SER A 79 -7.05 13.77 10.52
CA SER A 79 -7.99 13.62 9.38
C SER A 79 -7.29 13.23 8.05
N THR A 80 -6.12 12.56 8.14
CA THR A 80 -5.37 12.11 6.94
C THR A 80 -6.04 10.86 6.34
N LEU A 81 -6.86 11.06 5.29
CA LEU A 81 -7.41 9.94 4.51
C LEU A 81 -6.24 9.28 3.76
N PHE A 82 -5.85 8.09 4.24
CA PHE A 82 -4.72 7.33 3.69
C PHE A 82 -5.00 6.92 2.24
N GLY A 83 -6.23 6.43 2.01
CA GLY A 83 -6.59 5.85 0.72
C GLY A 83 -8.08 5.95 0.45
N GLU A 84 -8.42 6.18 -0.82
CA GLU A 84 -9.80 6.16 -1.32
C GLU A 84 -10.35 4.72 -1.25
N TYR A 85 -9.52 3.79 -1.74
CA TYR A 85 -9.75 2.35 -1.65
C TYR A 85 -9.17 1.81 -0.34
N TYR A 86 -9.92 0.90 0.31
CA TYR A 86 -9.42 0.13 1.46
C TYR A 86 -9.82 -1.34 1.28
N CYS A 87 -8.95 -2.25 1.72
CA CYS A 87 -9.23 -3.68 1.74
C CYS A 87 -8.58 -4.32 2.96
N ASP A 88 -9.41 -4.81 3.89
CA ASP A 88 -8.98 -5.36 5.19
C ASP A 88 -8.41 -6.78 5.03
N ILE A 89 -8.90 -7.53 4.02
CA ILE A 89 -8.47 -8.91 3.72
C ILE A 89 -6.96 -8.95 3.37
N CYS A 90 -6.55 -7.98 2.54
CA CYS A 90 -5.15 -7.86 2.08
C CYS A 90 -4.39 -6.79 2.89
N HIS A 91 -5.13 -6.09 3.79
CA HIS A 91 -4.60 -5.02 4.67
C HIS A 91 -4.05 -3.81 3.86
N LEU A 92 -4.30 -3.77 2.53
CA LEU A 92 -3.78 -2.72 1.64
C LEU A 92 -4.86 -1.64 1.48
N PHE A 93 -4.48 -0.37 1.73
CA PHE A 93 -5.38 0.79 1.62
C PHE A 93 -4.63 1.85 0.79
N ASP A 94 -5.12 2.16 -0.42
CA ASP A 94 -4.48 3.15 -1.34
C ASP A 94 -5.56 3.92 -2.11
N LYS A 95 -5.13 4.89 -2.95
CA LYS A 95 -6.06 5.70 -3.78
C LYS A 95 -6.87 4.85 -4.78
N ASP A 96 -7.97 5.43 -5.30
CA ASP A 96 -8.82 4.77 -6.30
C ASP A 96 -8.07 4.72 -7.64
N LYS A 97 -7.70 3.50 -8.04
CA LYS A 97 -6.79 3.24 -9.18
C LYS A 97 -7.31 2.06 -10.01
N LYS A 98 -8.67 2.00 -10.15
CA LYS A 98 -9.37 1.02 -11.00
C LYS A 98 -9.26 -0.43 -10.49
N GLN A 99 -8.59 -0.61 -9.33
CA GLN A 99 -8.25 -1.93 -8.77
C GLN A 99 -9.50 -2.66 -8.25
N TYR A 100 -9.45 -4.01 -8.34
CA TYR A 100 -10.57 -4.90 -7.99
C TYR A 100 -10.08 -5.99 -7.02
N HIS A 101 -10.83 -6.22 -5.92
CA HIS A 101 -10.56 -7.37 -5.03
C HIS A 101 -11.33 -8.58 -5.56
N CYS A 102 -10.59 -9.50 -6.18
CA CYS A 102 -11.10 -10.80 -6.58
C CYS A 102 -10.98 -11.77 -5.39
N GLU A 103 -12.12 -12.31 -4.94
CA GLU A 103 -12.19 -13.19 -3.76
C GLU A 103 -11.61 -14.59 -4.06
N ASN A 104 -11.82 -15.08 -5.30
CA ASN A 104 -11.36 -16.41 -5.75
C ASN A 104 -9.82 -16.48 -5.76
N CYS A 105 -9.19 -15.45 -6.36
CA CYS A 105 -7.72 -15.33 -6.41
C CYS A 105 -7.18 -14.78 -5.06
N GLY A 106 -8.07 -14.13 -4.28
CA GLY A 106 -7.80 -13.78 -2.87
C GLY A 106 -7.15 -12.42 -2.67
N ILE A 107 -6.85 -11.72 -3.78
CA ILE A 107 -6.06 -10.46 -3.77
C ILE A 107 -6.75 -9.35 -4.57
N CYS A 108 -6.22 -8.13 -4.43
CA CYS A 108 -6.53 -7.00 -5.31
C CYS A 108 -5.23 -6.40 -5.85
N ARG A 109 -5.17 -6.25 -7.18
CA ARG A 109 -4.03 -5.67 -7.89
C ARG A 109 -4.50 -4.44 -8.64
N ILE A 110 -3.60 -3.45 -8.84
CA ILE A 110 -3.90 -2.23 -9.59
C ILE A 110 -4.08 -2.62 -11.08
N GLY A 111 -5.37 -2.70 -11.49
CA GLY A 111 -5.76 -3.16 -12.82
C GLY A 111 -7.19 -2.79 -13.08
N PRO A 112 -7.54 -2.21 -14.28
CA PRO A 112 -8.92 -1.81 -14.57
C PRO A 112 -9.84 -3.02 -14.64
N LYS A 113 -10.79 -3.08 -13.69
CA LYS A 113 -11.73 -4.21 -13.54
C LYS A 113 -12.64 -4.37 -14.78
N GLU A 114 -12.79 -3.27 -15.54
CA GLU A 114 -13.51 -3.25 -16.82
C GLU A 114 -12.76 -4.08 -17.90
N ASP A 115 -11.42 -4.09 -17.85
CA ASP A 115 -10.57 -4.84 -18.81
C ASP A 115 -10.27 -6.24 -18.27
N PHE A 116 -9.81 -6.29 -17.02
CA PHE A 116 -9.36 -7.52 -16.37
C PHE A 116 -10.56 -8.24 -15.76
N PHE A 117 -10.66 -9.53 -16.05
CA PHE A 117 -11.81 -10.38 -15.71
C PHE A 117 -11.32 -11.63 -14.96
N HIS A 118 -12.24 -12.29 -14.26
CA HIS A 118 -11.98 -13.57 -13.62
C HIS A 118 -12.57 -14.70 -14.49
N CYS A 119 -11.70 -15.60 -14.97
CA CYS A 119 -12.11 -16.87 -15.60
C CYS A 119 -12.73 -17.80 -14.54
N LEU A 120 -13.89 -18.40 -14.84
CA LEU A 120 -14.54 -19.38 -13.95
C LEU A 120 -13.93 -20.78 -14.16
N LYS A 121 -13.87 -21.21 -15.43
CA LYS A 121 -13.45 -22.57 -15.81
C LYS A 121 -11.93 -22.80 -15.55
N CYS A 122 -11.14 -21.77 -15.86
CA CYS A 122 -9.68 -21.75 -15.63
C CYS A 122 -9.35 -20.56 -14.70
N ASN A 123 -9.41 -20.82 -13.38
CA ASN A 123 -9.67 -19.81 -12.29
C ASN A 123 -8.61 -18.66 -12.10
N LEU A 124 -7.67 -18.46 -13.03
CA LEU A 124 -6.78 -17.26 -13.01
C LEU A 124 -7.53 -16.02 -13.57
N CYS A 125 -7.14 -14.82 -13.10
CA CYS A 125 -7.59 -13.52 -13.68
C CYS A 125 -6.66 -13.13 -14.86
N LEU A 126 -7.27 -12.76 -16.00
CA LEU A 126 -6.52 -12.34 -17.21
C LEU A 126 -6.98 -10.93 -17.65
N ALA A 127 -6.39 -10.44 -18.75
CA ALA A 127 -6.76 -9.16 -19.40
C ALA A 127 -7.72 -9.44 -20.56
N MET A 128 -8.43 -8.39 -21.03
CA MET A 128 -9.44 -8.53 -22.09
C MET A 128 -8.83 -8.91 -23.47
N ASN A 129 -7.53 -8.62 -23.67
CA ASN A 129 -6.79 -9.07 -24.89
C ASN A 129 -6.34 -10.55 -24.75
N LEU A 130 -6.30 -11.02 -23.49
CA LEU A 130 -5.81 -12.38 -23.14
C LEU A 130 -6.96 -13.40 -23.12
N GLN A 131 -8.21 -12.91 -23.29
CA GLN A 131 -9.42 -13.76 -23.35
C GLN A 131 -9.30 -14.88 -24.42
N GLY A 132 -8.90 -14.48 -25.63
CA GLY A 132 -8.83 -15.38 -26.79
C GLY A 132 -7.78 -16.47 -26.67
N ARG A 133 -6.73 -16.21 -25.87
CA ARG A 133 -5.61 -17.16 -25.68
C ARG A 133 -5.92 -18.15 -24.55
N HIS A 134 -6.43 -17.60 -23.42
CA HIS A 134 -6.53 -18.30 -22.14
C HIS A 134 -5.16 -18.86 -21.67
N LYS A 135 -4.18 -17.97 -21.46
CA LYS A 135 -2.96 -18.32 -20.70
C LYS A 135 -3.31 -18.16 -19.21
N CYS A 136 -3.97 -19.19 -18.66
CA CYS A 136 -4.55 -19.15 -17.31
C CYS A 136 -3.83 -20.14 -16.37
N ILE A 137 -2.68 -20.63 -16.84
CA ILE A 137 -1.85 -21.61 -16.13
C ILE A 137 -0.56 -20.91 -15.62
N MET A 1 23.94 -10.38 -20.95
CA MET A 1 24.82 -10.60 -19.78
C MET A 1 25.15 -9.25 -19.14
N ALA A 2 24.74 -9.08 -17.87
CA ALA A 2 24.93 -7.83 -17.09
C ALA A 2 24.94 -8.14 -15.58
N ALA A 3 24.97 -7.08 -14.76
CA ALA A 3 24.95 -7.16 -13.29
C ALA A 3 23.91 -6.16 -12.73
N THR A 4 23.41 -6.40 -11.50
CA THR A 4 22.43 -5.53 -10.83
C THR A 4 23.08 -4.17 -10.45
N ALA A 5 23.04 -3.21 -11.41
CA ALA A 5 23.71 -1.92 -11.30
C ALA A 5 22.99 -1.00 -10.29
N ARG A 6 23.57 -0.88 -9.09
CA ARG A 6 23.10 0.03 -8.02
C ARG A 6 24.28 0.37 -7.09
N GLU A 7 24.03 1.23 -6.08
CA GLU A 7 25.03 1.59 -5.07
C GLU A 7 25.00 0.59 -3.90
N ASP A 8 23.79 0.13 -3.55
CA ASP A 8 23.51 -0.79 -2.41
C ASP A 8 23.95 -0.13 -1.08
N GLY A 9 23.10 0.78 -0.57
CA GLY A 9 23.39 1.58 0.62
C GLY A 9 22.33 2.65 0.87
N ALA A 10 22.73 3.94 0.76
CA ALA A 10 21.82 5.08 0.98
C ALA A 10 22.34 6.31 0.20
N THR A 11 21.66 6.63 -0.92
CA THR A 11 22.07 7.73 -1.82
C THR A 11 20.84 8.35 -2.51
N GLY A 12 21.06 9.46 -3.23
CA GLY A 12 20.00 10.14 -3.97
C GLY A 12 19.24 11.16 -3.13
N GLU A 13 18.25 11.82 -3.76
CA GLU A 13 17.43 12.87 -3.14
C GLU A 13 16.29 12.25 -2.30
N GLU A 14 15.98 12.88 -1.15
CA GLU A 14 14.82 12.51 -0.31
C GLU A 14 13.52 12.94 -1.02
N ARG A 15 13.01 12.06 -1.89
CA ARG A 15 11.80 12.32 -2.70
C ARG A 15 10.61 11.60 -2.02
N GLY A 16 9.97 12.28 -1.04
CA GLY A 16 8.90 11.68 -0.25
C GLY A 16 7.86 12.69 0.20
N GLN A 17 6.95 13.06 -0.73
CA GLN A 17 5.81 13.95 -0.42
C GLN A 17 4.79 13.23 0.50
N ARG A 18 4.47 11.98 0.10
CA ARG A 18 3.65 11.02 0.89
C ARG A 18 3.50 9.75 0.04
N GLY A 19 3.38 8.60 0.73
CA GLY A 19 3.23 7.31 0.07
C GLY A 19 4.56 6.82 -0.48
N CYS A 20 4.51 6.18 -1.65
CA CYS A 20 5.68 5.62 -2.34
C CYS A 20 5.34 5.37 -3.82
N GLU A 21 6.38 5.09 -4.63
CA GLU A 21 6.25 4.77 -6.07
C GLU A 21 5.26 3.61 -6.34
N HIS A 22 5.11 2.72 -5.35
CA HIS A 22 4.26 1.52 -5.43
C HIS A 22 2.79 1.85 -5.06
N TYR A 23 2.60 2.65 -3.98
CA TYR A 23 1.25 2.98 -3.45
C TYR A 23 1.15 4.48 -3.09
N ASP A 24 0.21 5.20 -3.72
CA ASP A 24 -0.09 6.61 -3.39
C ASP A 24 -1.12 6.61 -2.28
N ARG A 25 -0.65 6.80 -1.04
CA ARG A 25 -1.49 6.71 0.15
C ARG A 25 -1.07 7.70 1.23
N GLY A 26 -1.99 7.93 2.19
CA GLY A 26 -1.73 8.72 3.38
C GLY A 26 -1.36 7.84 4.58
N CYS A 27 -0.84 6.62 4.30
CA CYS A 27 -0.46 5.67 5.34
C CYS A 27 0.82 4.89 5.01
N LEU A 28 1.35 4.23 6.05
CA LEU A 28 2.45 3.26 5.98
C LEU A 28 1.90 1.94 6.59
N LEU A 29 2.74 0.91 6.64
CA LEU A 29 2.37 -0.43 7.17
C LEU A 29 3.35 -0.75 8.30
N LYS A 30 2.84 -0.89 9.53
CA LYS A 30 3.69 -1.20 10.69
C LYS A 30 3.97 -2.70 10.74
N ALA A 31 5.21 -3.08 10.36
CA ALA A 31 5.67 -4.47 10.35
C ALA A 31 5.99 -4.90 11.79
N PRO A 32 5.14 -5.74 12.46
CA PRO A 32 5.28 -6.03 13.92
C PRO A 32 6.55 -6.84 14.25
N CYS A 33 7.10 -7.51 13.21
CA CYS A 33 8.36 -8.27 13.29
C CYS A 33 9.57 -7.34 13.53
N CYS A 34 9.42 -6.06 13.14
CA CYS A 34 10.48 -5.06 13.23
C CYS A 34 10.02 -3.76 13.95
N ASP A 35 8.69 -3.62 14.11
CA ASP A 35 8.01 -2.36 14.52
C ASP A 35 8.33 -1.16 13.59
N LYS A 36 8.86 -1.47 12.38
CA LYS A 36 9.32 -0.46 11.41
C LYS A 36 8.21 -0.15 10.39
N LEU A 37 8.28 1.07 9.83
CA LEU A 37 7.22 1.64 8.99
C LEU A 37 7.64 1.65 7.52
N TYR A 38 6.88 0.92 6.69
CA TYR A 38 7.11 0.82 5.24
C TYR A 38 5.76 0.95 4.51
N THR A 39 5.69 1.84 3.50
CA THR A 39 4.48 2.03 2.66
C THR A 39 4.04 0.71 2.00
N CYS A 40 5.04 -0.12 1.68
CA CYS A 40 4.84 -1.36 0.93
C CYS A 40 5.50 -2.53 1.66
N ARG A 41 4.89 -3.71 1.54
CA ARG A 41 5.43 -4.96 2.10
C ARG A 41 6.76 -5.37 1.41
N LEU A 42 6.89 -5.09 0.09
CA LEU A 42 8.14 -5.37 -0.66
C LEU A 42 9.27 -4.37 -0.29
N CYS A 43 8.90 -3.13 0.09
CA CYS A 43 9.87 -2.07 0.46
C CYS A 43 10.57 -2.39 1.82
N HIS A 44 9.91 -3.20 2.66
CA HIS A 44 10.52 -3.77 3.90
C HIS A 44 11.67 -4.73 3.54
N ASP A 45 11.39 -5.65 2.60
CA ASP A 45 12.34 -6.69 2.14
C ASP A 45 13.62 -6.07 1.54
N ASN A 46 13.46 -4.89 0.91
CA ASN A 46 14.57 -4.13 0.29
C ASN A 46 15.67 -3.77 1.33
N ASN A 47 15.24 -3.46 2.57
CA ASN A 47 16.14 -3.06 3.66
C ASN A 47 16.68 -4.28 4.41
N GLU A 48 15.82 -5.31 4.55
CA GLU A 48 16.03 -6.41 5.50
C GLU A 48 16.35 -7.74 4.80
N ASP A 49 16.60 -8.79 5.62
CA ASP A 49 16.93 -10.15 5.14
C ASP A 49 15.65 -10.95 4.85
N HIS A 50 14.57 -10.66 5.60
CA HIS A 50 13.28 -11.38 5.47
C HIS A 50 12.24 -10.47 4.78
N GLN A 51 11.25 -11.10 4.14
CA GLN A 51 10.16 -10.41 3.40
C GLN A 51 8.92 -10.22 4.28
N LEU A 52 8.23 -9.08 4.07
CA LEU A 52 6.98 -8.74 4.78
C LEU A 52 5.80 -9.37 4.02
N ASP A 53 5.03 -10.24 4.70
CA ASP A 53 3.73 -10.75 4.22
C ASP A 53 2.64 -9.78 4.73
N ARG A 54 1.73 -9.34 3.85
CA ARG A 54 0.74 -8.28 4.18
C ARG A 54 -0.36 -8.73 5.17
N PHE A 55 -0.32 -9.99 5.62
CA PHE A 55 -1.22 -10.51 6.67
C PHE A 55 -0.56 -10.42 8.07
N LYS A 56 0.76 -10.20 8.10
CA LYS A 56 1.53 -10.07 9.37
C LYS A 56 1.29 -8.69 10.01
N VAL A 57 1.17 -7.66 9.16
CA VAL A 57 0.87 -6.29 9.61
C VAL A 57 -0.58 -6.21 10.10
N LYS A 58 -0.76 -5.65 11.30
CA LYS A 58 -2.07 -5.41 11.93
C LYS A 58 -2.25 -3.91 12.14
N GLU A 59 -1.13 -3.22 12.36
CA GLU A 59 -1.08 -1.76 12.53
C GLU A 59 -0.56 -1.07 11.27
N VAL A 60 -0.81 0.24 11.24
CA VAL A 60 -0.41 1.16 10.16
C VAL A 60 0.05 2.49 10.77
N GLN A 61 0.44 3.42 9.89
CA GLN A 61 0.96 4.73 10.32
C GLN A 61 0.37 5.84 9.46
N CYS A 62 -0.16 6.88 10.09
CA CYS A 62 -0.61 8.09 9.39
C CYS A 62 0.61 8.93 9.04
N ILE A 63 0.88 9.19 7.75
CA ILE A 63 2.11 9.92 7.35
C ILE A 63 1.99 11.41 7.76
N ASN A 64 0.75 11.92 7.64
CA ASN A 64 0.38 13.28 8.06
C ASN A 64 0.00 13.28 9.57
N CYS A 65 1.06 13.19 10.36
CA CYS A 65 1.14 13.42 11.84
C CYS A 65 1.93 12.28 12.50
N GLU A 66 2.26 11.24 11.68
CA GLU A 66 3.20 10.15 12.03
C GLU A 66 2.70 9.28 13.20
N LYS A 67 1.37 9.31 13.42
CA LYS A 67 0.72 8.58 14.52
C LYS A 67 0.70 7.06 14.23
N ILE A 68 1.15 6.28 15.22
CA ILE A 68 1.06 4.81 15.20
C ILE A 68 -0.32 4.41 15.74
N GLN A 69 -1.05 3.64 14.94
CA GLN A 69 -2.40 3.15 15.27
C GLN A 69 -2.66 1.86 14.49
N HIS A 70 -3.76 1.17 14.82
CA HIS A 70 -4.17 -0.06 14.12
C HIS A 70 -4.77 0.27 12.74
N ALA A 71 -4.89 -0.76 11.89
CA ALA A 71 -5.37 -0.61 10.50
C ALA A 71 -6.78 0.03 10.45
N GLN A 72 -6.89 1.13 9.68
CA GLN A 72 -8.10 1.98 9.63
C GLN A 72 -8.07 2.80 8.32
N GLN A 73 -9.23 3.27 7.83
CA GLN A 73 -9.31 4.03 6.55
C GLN A 73 -8.94 5.51 6.74
N THR A 74 -9.26 6.08 7.92
CA THR A 74 -9.07 7.52 8.18
C THR A 74 -8.56 7.75 9.62
N CYS A 75 -7.58 8.66 9.75
CA CYS A 75 -7.00 9.11 11.04
C CYS A 75 -7.95 10.07 11.74
N GLU A 76 -8.55 9.60 12.84
CA GLU A 76 -9.38 10.42 13.75
C GLU A 76 -8.62 11.66 14.29
N GLU A 77 -7.27 11.54 14.34
CA GLU A 77 -6.37 12.54 14.93
C GLU A 77 -6.21 13.81 14.05
N CYS A 78 -6.38 13.67 12.71
CA CYS A 78 -6.16 14.82 11.78
C CYS A 78 -6.87 14.64 10.42
N SER A 79 -7.83 13.68 10.34
CA SER A 79 -8.67 13.44 9.15
C SER A 79 -7.87 13.02 7.89
N THR A 80 -6.73 12.33 8.10
CA THR A 80 -5.91 11.81 7.00
C THR A 80 -6.60 10.59 6.38
N LEU A 81 -7.12 10.76 5.16
CA LEU A 81 -7.66 9.63 4.38
C LEU A 81 -6.48 8.81 3.85
N PHE A 82 -6.28 7.63 4.45
CA PHE A 82 -5.17 6.70 4.13
C PHE A 82 -5.24 6.21 2.68
N GLY A 83 -6.46 6.18 2.13
CA GLY A 83 -6.69 5.86 0.73
C GLY A 83 -8.15 5.92 0.35
N GLU A 84 -8.43 6.21 -0.93
CA GLU A 84 -9.79 6.18 -1.47
C GLU A 84 -10.32 4.74 -1.42
N TYR A 85 -9.46 3.82 -1.89
CA TYR A 85 -9.67 2.38 -1.81
C TYR A 85 -9.07 1.87 -0.48
N TYR A 86 -9.82 1.03 0.23
CA TYR A 86 -9.38 0.43 1.49
C TYR A 86 -9.65 -1.08 1.47
N CYS A 87 -8.79 -1.85 2.16
CA CYS A 87 -8.93 -3.30 2.30
C CYS A 87 -7.98 -3.80 3.41
N ASP A 88 -8.58 -4.30 4.51
CA ASP A 88 -7.85 -4.71 5.72
C ASP A 88 -7.27 -6.13 5.59
N ILE A 89 -7.94 -7.02 4.82
CA ILE A 89 -7.46 -8.41 4.58
C ILE A 89 -6.07 -8.38 3.91
N CYS A 90 -5.93 -7.48 2.92
CA CYS A 90 -4.67 -7.29 2.17
C CYS A 90 -3.78 -6.24 2.86
N HIS A 91 -4.36 -5.54 3.88
CA HIS A 91 -3.70 -4.42 4.59
C HIS A 91 -3.07 -3.42 3.61
N LEU A 92 -3.91 -2.95 2.68
CA LEU A 92 -3.52 -1.92 1.72
C LEU A 92 -4.61 -0.86 1.73
N PHE A 93 -4.20 0.39 1.98
CA PHE A 93 -5.07 1.56 1.90
C PHE A 93 -4.36 2.53 0.98
N ASP A 94 -4.88 2.74 -0.22
CA ASP A 94 -4.28 3.64 -1.22
C ASP A 94 -5.37 4.18 -2.12
N LYS A 95 -5.07 5.22 -2.89
CA LYS A 95 -6.05 5.86 -3.77
C LYS A 95 -6.54 4.85 -4.84
N ASP A 96 -7.78 5.01 -5.29
CA ASP A 96 -8.37 4.08 -6.25
C ASP A 96 -7.94 4.48 -7.66
N LYS A 97 -7.10 3.66 -8.27
CA LYS A 97 -6.77 3.75 -9.69
C LYS A 97 -7.42 2.53 -10.38
N LYS A 98 -8.76 2.46 -10.22
CA LYS A 98 -9.64 1.44 -10.80
C LYS A 98 -9.40 0.04 -10.19
N GLN A 99 -8.87 0.05 -8.95
CA GLN A 99 -8.52 -1.14 -8.18
C GLN A 99 -9.78 -1.91 -7.74
N TYR A 100 -9.69 -3.25 -7.72
CA TYR A 100 -10.80 -4.13 -7.33
C TYR A 100 -10.27 -5.37 -6.58
N HIS A 101 -10.91 -5.71 -5.45
CA HIS A 101 -10.58 -6.94 -4.69
C HIS A 101 -11.31 -8.12 -5.32
N CYS A 102 -10.55 -8.89 -6.11
CA CYS A 102 -10.98 -10.18 -6.61
C CYS A 102 -10.87 -11.19 -5.47
N GLU A 103 -12.02 -11.66 -4.98
CA GLU A 103 -12.12 -12.63 -3.86
C GLU A 103 -11.40 -13.94 -4.21
N ASN A 104 -11.52 -14.34 -5.48
CA ASN A 104 -10.98 -15.60 -6.00
C ASN A 104 -9.44 -15.57 -6.05
N CYS A 105 -8.86 -14.47 -6.59
CA CYS A 105 -7.38 -14.26 -6.57
C CYS A 105 -6.91 -13.95 -5.13
N GLY A 106 -7.84 -13.46 -4.30
CA GLY A 106 -7.60 -13.24 -2.86
C GLY A 106 -6.87 -11.93 -2.56
N ILE A 107 -6.79 -11.06 -3.58
CA ILE A 107 -6.03 -9.79 -3.51
C ILE A 107 -6.78 -8.66 -4.23
N CYS A 108 -6.28 -7.43 -4.04
CA CYS A 108 -6.60 -6.28 -4.88
C CYS A 108 -5.30 -5.56 -5.21
N ARG A 109 -5.16 -5.19 -6.47
CA ARG A 109 -4.02 -4.40 -6.99
C ARG A 109 -4.55 -3.37 -7.98
N ILE A 110 -3.67 -2.45 -8.39
CA ILE A 110 -4.03 -1.39 -9.34
C ILE A 110 -4.24 -2.04 -10.73
N GLY A 111 -5.52 -2.21 -11.08
CA GLY A 111 -5.93 -2.98 -12.24
C GLY A 111 -7.34 -2.62 -12.60
N PRO A 112 -7.59 -1.93 -13.75
CA PRO A 112 -8.95 -1.56 -14.14
C PRO A 112 -9.79 -2.82 -14.45
N LYS A 113 -10.89 -2.95 -13.69
CA LYS A 113 -11.78 -4.12 -13.71
C LYS A 113 -12.44 -4.32 -15.10
N GLU A 114 -12.53 -3.22 -15.87
CA GLU A 114 -13.00 -3.24 -17.26
C GLU A 114 -11.98 -3.94 -18.20
N ASP A 115 -10.66 -3.75 -17.94
CA ASP A 115 -9.57 -4.33 -18.78
C ASP A 115 -9.14 -5.73 -18.29
N PHE A 116 -9.64 -6.16 -17.12
CA PHE A 116 -9.31 -7.49 -16.54
C PHE A 116 -10.58 -8.25 -16.13
N PHE A 117 -10.60 -9.56 -16.40
CA PHE A 117 -11.71 -10.46 -16.02
C PHE A 117 -11.14 -11.73 -15.35
N HIS A 118 -11.86 -12.25 -14.34
CA HIS A 118 -11.49 -13.51 -13.69
C HIS A 118 -12.08 -14.69 -14.46
N CYS A 119 -11.34 -15.81 -14.52
CA CYS A 119 -11.79 -17.05 -15.17
C CYS A 119 -12.04 -18.15 -14.13
N LEU A 120 -13.12 -18.92 -14.34
CA LEU A 120 -13.59 -19.95 -13.39
C LEU A 120 -12.53 -21.04 -13.16
N LYS A 121 -11.81 -21.43 -14.22
CA LYS A 121 -10.66 -22.34 -14.13
C LYS A 121 -9.38 -21.58 -14.51
N CYS A 122 -8.28 -21.83 -13.78
CA CYS A 122 -7.06 -20.99 -13.75
C CYS A 122 -7.37 -19.69 -12.99
N ASN A 123 -6.82 -19.58 -11.76
CA ASN A 123 -7.17 -18.53 -10.77
C ASN A 123 -6.54 -17.15 -11.11
N LEU A 124 -5.97 -17.03 -12.32
CA LEU A 124 -5.41 -15.77 -12.84
C LEU A 124 -6.55 -14.89 -13.41
N CYS A 125 -6.48 -13.58 -13.14
CA CYS A 125 -7.31 -12.58 -13.83
C CYS A 125 -6.64 -12.21 -15.16
N LEU A 126 -7.27 -12.63 -16.27
CA LEU A 126 -6.72 -12.44 -17.62
C LEU A 126 -6.98 -11.00 -18.10
N ALA A 127 -6.10 -10.51 -18.97
CA ALA A 127 -6.27 -9.22 -19.65
C ALA A 127 -7.31 -9.36 -20.77
N MET A 128 -7.95 -8.23 -21.13
CA MET A 128 -8.97 -8.18 -22.19
C MET A 128 -8.35 -8.50 -23.57
N ASN A 129 -7.06 -8.17 -23.71
CA ASN A 129 -6.25 -8.45 -24.91
C ASN A 129 -5.76 -9.92 -24.92
N LEU A 130 -5.58 -10.48 -23.71
CA LEU A 130 -5.19 -11.91 -23.50
C LEU A 130 -6.31 -12.84 -24.03
N GLN A 131 -7.58 -12.36 -23.87
CA GLN A 131 -8.83 -12.98 -24.37
C GLN A 131 -8.99 -14.49 -24.00
N GLY A 132 -8.37 -15.40 -24.78
CA GLY A 132 -8.59 -16.85 -24.64
C GLY A 132 -7.31 -17.66 -24.60
N ARG A 133 -6.20 -17.01 -24.19
CA ARG A 133 -4.89 -17.67 -24.05
C ARG A 133 -4.75 -18.31 -22.65
N HIS A 134 -5.40 -19.47 -22.48
CA HIS A 134 -5.41 -20.26 -21.22
C HIS A 134 -5.94 -21.68 -21.52
N LYS A 135 -5.33 -22.69 -20.88
CA LYS A 135 -5.75 -24.10 -21.01
C LYS A 135 -6.98 -24.35 -20.11
N CYS A 136 -8.16 -23.99 -20.65
CA CYS A 136 -9.46 -24.22 -20.03
C CYS A 136 -10.44 -24.77 -21.08
N ILE A 137 -9.87 -25.33 -22.16
CA ILE A 137 -10.61 -25.90 -23.30
C ILE A 137 -11.12 -27.31 -22.92
N MET A 1 13.88 50.03 39.53
CA MET A 1 12.80 49.20 40.12
C MET A 1 12.00 48.45 39.03
N ALA A 2 12.43 48.56 37.76
CA ALA A 2 11.80 47.85 36.62
C ALA A 2 12.58 46.55 36.31
N ALA A 3 12.09 45.42 36.82
CA ALA A 3 12.72 44.10 36.63
C ALA A 3 11.64 43.01 36.50
N THR A 4 11.18 42.78 35.25
CA THR A 4 10.18 41.75 34.92
C THR A 4 10.22 41.47 33.40
N ALA A 5 10.01 40.19 33.03
CA ALA A 5 10.05 39.72 31.62
C ALA A 5 9.08 38.53 31.45
N ARG A 6 8.24 38.61 30.40
CA ARG A 6 7.25 37.55 30.06
C ARG A 6 7.40 37.24 28.55
N GLU A 7 8.01 36.08 28.24
CA GLU A 7 8.33 35.68 26.83
C GLU A 7 7.56 34.40 26.45
N ASP A 8 6.64 34.53 25.46
CA ASP A 8 5.81 33.42 24.93
C ASP A 8 5.11 33.88 23.64
N GLY A 9 5.60 33.40 22.50
CA GLY A 9 5.03 33.71 21.18
C GLY A 9 5.91 33.21 20.04
N ALA A 10 5.95 31.88 19.87
CA ALA A 10 6.74 31.23 18.81
C ALA A 10 6.06 29.91 18.38
N THR A 11 5.95 29.68 17.06
CA THR A 11 5.34 28.48 16.48
C THR A 11 6.40 27.68 15.70
N GLY A 12 6.93 26.61 16.34
CA GLY A 12 7.89 25.69 15.72
C GLY A 12 7.20 24.44 15.20
N GLU A 13 7.09 24.31 13.86
CA GLU A 13 6.38 23.21 13.19
C GLU A 13 7.38 22.29 12.43
N GLU A 14 7.06 20.98 12.38
CA GLU A 14 7.84 19.98 11.62
C GLU A 14 6.89 18.84 11.19
N ARG A 15 6.91 18.52 9.89
CA ARG A 15 6.06 17.48 9.27
C ARG A 15 6.94 16.58 8.35
N GLY A 16 6.29 15.80 7.47
CA GLY A 16 7.00 14.95 6.50
C GLY A 16 6.16 14.67 5.27
N GLN A 17 6.78 13.99 4.28
CA GLN A 17 6.09 13.58 3.04
C GLN A 17 5.23 12.33 3.31
N ARG A 18 4.49 11.89 2.28
CA ARG A 18 3.62 10.70 2.32
C ARG A 18 3.60 10.00 0.96
N GLY A 19 3.25 8.71 0.96
CA GLY A 19 3.24 7.89 -0.26
C GLY A 19 4.59 7.27 -0.58
N CYS A 20 4.63 6.56 -1.70
CA CYS A 20 5.83 5.93 -2.26
C CYS A 20 5.59 5.65 -3.75
N GLU A 21 6.69 5.39 -4.50
CA GLU A 21 6.65 5.04 -5.94
C GLU A 21 5.71 3.83 -6.23
N HIS A 22 5.57 2.95 -5.21
CA HIS A 22 4.74 1.73 -5.30
C HIS A 22 3.26 2.03 -4.97
N TYR A 23 3.02 2.71 -3.83
CA TYR A 23 1.65 3.01 -3.34
C TYR A 23 1.54 4.48 -2.90
N ASP A 24 0.56 5.19 -3.46
CA ASP A 24 0.22 6.57 -3.06
C ASP A 24 -0.75 6.51 -1.88
N ARG A 25 -0.20 6.51 -0.65
CA ARG A 25 -0.99 6.46 0.58
C ARG A 25 -0.36 7.29 1.70
N GLY A 26 -1.23 7.82 2.57
CA GLY A 26 -0.79 8.54 3.77
C GLY A 26 -0.57 7.61 4.96
N CYS A 27 -0.29 6.31 4.70
CA CYS A 27 -0.06 5.30 5.76
C CYS A 27 1.17 4.41 5.48
N LEU A 28 1.87 4.08 6.58
CA LEU A 28 2.98 3.10 6.58
C LEU A 28 2.49 1.82 7.28
N LEU A 29 2.65 0.68 6.61
CA LEU A 29 2.32 -0.65 7.18
C LEU A 29 3.35 -1.00 8.28
N LYS A 30 2.88 -1.04 9.54
CA LYS A 30 3.73 -1.42 10.69
C LYS A 30 3.95 -2.94 10.69
N ALA A 31 5.19 -3.35 10.39
CA ALA A 31 5.61 -4.74 10.43
C ALA A 31 5.75 -5.19 11.90
N PRO A 32 4.94 -6.17 12.41
CA PRO A 32 5.03 -6.64 13.82
C PRO A 32 6.37 -7.35 14.11
N CYS A 33 7.00 -7.84 13.02
CA CYS A 33 8.27 -8.56 13.06
C CYS A 33 9.46 -7.63 13.37
N CYS A 34 9.24 -6.32 13.20
CA CYS A 34 10.30 -5.29 13.38
C CYS A 34 9.81 -4.07 14.18
N ASP A 35 8.48 -3.93 14.34
CA ASP A 35 7.80 -2.71 14.85
C ASP A 35 8.11 -1.47 13.99
N LYS A 36 8.57 -1.72 12.75
CA LYS A 36 9.02 -0.66 11.82
C LYS A 36 7.94 -0.35 10.78
N LEU A 37 8.01 0.87 10.26
CA LEU A 37 6.96 1.47 9.44
C LEU A 37 7.40 1.57 7.96
N TYR A 38 6.67 0.87 7.07
CA TYR A 38 6.99 0.80 5.62
C TYR A 38 5.70 0.93 4.77
N THR A 39 5.70 1.87 3.79
CA THR A 39 4.54 2.09 2.87
C THR A 39 4.17 0.80 2.10
N CYS A 40 5.19 -0.04 1.84
CA CYS A 40 5.07 -1.26 1.04
C CYS A 40 5.76 -2.42 1.76
N ARG A 41 5.21 -3.63 1.56
CA ARG A 41 5.80 -4.87 2.11
C ARG A 41 7.21 -5.12 1.51
N LEU A 42 7.34 -4.94 0.18
CA LEU A 42 8.61 -5.14 -0.55
C LEU A 42 9.66 -4.06 -0.20
N CYS A 43 9.20 -2.88 0.28
CA CYS A 43 10.10 -1.79 0.72
C CYS A 43 10.80 -2.16 2.06
N HIS A 44 10.19 -3.07 2.84
CA HIS A 44 10.85 -3.74 3.99
C HIS A 44 11.86 -4.77 3.48
N ASP A 45 11.37 -5.64 2.57
CA ASP A 45 12.08 -6.84 2.07
C ASP A 45 13.39 -6.47 1.33
N ASN A 46 13.40 -5.28 0.71
CA ASN A 46 14.56 -4.77 -0.06
C ASN A 46 15.72 -4.37 0.87
N ASN A 47 15.40 -3.95 2.10
CA ASN A 47 16.39 -3.46 3.09
C ASN A 47 16.81 -4.58 4.05
N GLU A 48 15.86 -5.47 4.38
CA GLU A 48 16.04 -6.48 5.44
C GLU A 48 16.25 -7.89 4.85
N ASP A 49 16.76 -8.79 5.70
CA ASP A 49 17.14 -10.16 5.34
C ASP A 49 15.91 -11.06 5.16
N HIS A 50 14.82 -10.75 5.89
CA HIS A 50 13.60 -11.59 5.92
C HIS A 50 12.42 -10.85 5.26
N GLN A 51 11.31 -11.59 5.04
CA GLN A 51 10.14 -11.10 4.29
C GLN A 51 9.12 -10.38 5.19
N LEU A 52 8.46 -9.36 4.62
CA LEU A 52 7.23 -8.77 5.18
C LEU A 52 6.07 -9.31 4.32
N ASP A 53 5.14 -10.04 4.94
CA ASP A 53 3.87 -10.43 4.30
C ASP A 53 2.78 -9.44 4.73
N ARG A 54 2.06 -8.89 3.73
CA ARG A 54 1.09 -7.77 3.93
C ARG A 54 -0.19 -8.20 4.68
N PHE A 55 -0.36 -9.50 4.95
CA PHE A 55 -1.49 -10.02 5.75
C PHE A 55 -1.07 -10.15 7.23
N LYS A 56 0.26 -10.22 7.49
CA LYS A 56 0.81 -10.36 8.86
C LYS A 56 0.80 -9.04 9.64
N VAL A 57 0.87 -7.90 8.93
CA VAL A 57 0.76 -6.57 9.57
C VAL A 57 -0.64 -6.35 10.17
N LYS A 58 -0.76 -5.37 11.06
CA LYS A 58 -1.96 -5.19 11.91
C LYS A 58 -2.19 -3.70 12.14
N GLU A 59 -1.10 -3.03 12.52
CA GLU A 59 -1.05 -1.58 12.72
C GLU A 59 -0.52 -0.88 11.47
N VAL A 60 -0.63 0.45 11.50
CA VAL A 60 -0.13 1.37 10.49
C VAL A 60 0.27 2.68 11.20
N GLN A 61 0.77 3.67 10.45
CA GLN A 61 0.88 5.04 10.97
C GLN A 61 0.55 6.05 9.87
N CYS A 62 0.32 7.28 10.31
CA CYS A 62 -0.03 8.42 9.44
C CYS A 62 1.24 9.20 9.10
N ILE A 63 1.63 9.26 7.79
CA ILE A 63 2.91 9.90 7.35
C ILE A 63 2.65 11.42 7.18
N ASN A 64 2.31 12.06 8.31
CA ASN A 64 1.78 13.43 8.36
C ASN A 64 1.95 13.98 9.79
N CYS A 65 1.42 13.21 10.78
CA CYS A 65 1.45 13.57 12.22
C CYS A 65 2.02 12.40 13.04
N GLU A 66 2.38 11.31 12.33
CA GLU A 66 3.05 10.11 12.89
C GLU A 66 2.25 9.40 13.99
N LYS A 67 0.91 9.53 13.91
CA LYS A 67 -0.01 8.76 14.76
C LYS A 67 0.10 7.26 14.45
N ILE A 68 0.53 6.47 15.44
CA ILE A 68 0.54 5.01 15.37
C ILE A 68 -0.87 4.53 15.75
N GLN A 69 -1.60 4.07 14.74
CA GLN A 69 -2.98 3.60 14.86
C GLN A 69 -3.08 2.20 14.23
N HIS A 70 -4.21 1.52 14.42
CA HIS A 70 -4.46 0.21 13.76
C HIS A 70 -4.83 0.45 12.28
N ALA A 71 -4.80 -0.64 11.48
CA ALA A 71 -5.04 -0.57 10.02
C ALA A 71 -6.44 0.00 9.70
N GLN A 72 -6.48 1.31 9.41
CA GLN A 72 -7.72 2.09 9.22
C GLN A 72 -7.59 2.95 7.95
N GLN A 73 -8.73 3.41 7.41
CA GLN A 73 -8.78 4.15 6.13
C GLN A 73 -8.43 5.64 6.29
N THR A 74 -8.79 6.24 7.43
CA THR A 74 -8.55 7.66 7.71
C THR A 74 -7.86 7.82 9.07
N CYS A 75 -7.22 8.98 9.27
CA CYS A 75 -6.58 9.35 10.53
C CYS A 75 -7.55 10.19 11.37
N GLU A 76 -8.01 9.64 12.47
CA GLU A 76 -8.79 10.35 13.50
C GLU A 76 -8.03 11.59 14.05
N GLU A 77 -6.68 11.51 14.06
CA GLU A 77 -5.80 12.55 14.62
C GLU A 77 -5.82 13.87 13.79
N CYS A 78 -5.95 13.77 12.44
CA CYS A 78 -5.85 14.97 11.56
C CYS A 78 -6.66 14.83 10.24
N SER A 79 -7.63 13.89 10.20
CA SER A 79 -8.56 13.68 9.07
C SER A 79 -7.83 13.27 7.75
N THR A 80 -6.58 12.74 7.86
CA THR A 80 -5.78 12.33 6.69
C THR A 80 -6.35 11.02 6.09
N LEU A 81 -7.05 11.15 4.94
CA LEU A 81 -7.56 10.02 4.18
C LEU A 81 -6.38 9.33 3.47
N PHE A 82 -6.02 8.12 3.94
CA PHE A 82 -4.85 7.38 3.45
C PHE A 82 -5.04 6.92 2.00
N GLY A 83 -6.29 6.67 1.61
CA GLY A 83 -6.62 6.26 0.25
C GLY A 83 -8.11 6.31 -0.01
N GLU A 84 -8.51 6.12 -1.27
CA GLU A 84 -9.93 6.06 -1.66
C GLU A 84 -10.47 4.63 -1.42
N TYR A 85 -9.70 3.64 -1.88
CA TYR A 85 -9.98 2.21 -1.69
C TYR A 85 -9.32 1.74 -0.38
N TYR A 86 -10.07 0.96 0.42
CA TYR A 86 -9.55 0.30 1.64
C TYR A 86 -9.79 -1.20 1.56
N CYS A 87 -8.93 -1.96 2.25
CA CYS A 87 -9.12 -3.41 2.41
C CYS A 87 -8.23 -3.87 3.56
N ASP A 88 -8.87 -4.29 4.67
CA ASP A 88 -8.18 -4.61 5.93
C ASP A 88 -7.38 -5.91 5.84
N ILE A 89 -7.91 -6.89 5.07
CA ILE A 89 -7.28 -8.22 4.93
C ILE A 89 -5.89 -8.10 4.26
N CYS A 90 -5.85 -7.37 3.14
CA CYS A 90 -4.61 -7.13 2.36
C CYS A 90 -3.78 -6.01 3.00
N HIS A 91 -4.45 -5.20 3.87
CA HIS A 91 -3.85 -4.06 4.62
C HIS A 91 -3.36 -2.95 3.68
N LEU A 92 -3.92 -2.90 2.46
CA LEU A 92 -3.59 -1.89 1.47
C LEU A 92 -4.69 -0.82 1.47
N PHE A 93 -4.28 0.44 1.62
CA PHE A 93 -5.17 1.61 1.56
C PHE A 93 -4.54 2.58 0.58
N ASP A 94 -5.14 2.77 -0.58
CA ASP A 94 -4.56 3.58 -1.68
C ASP A 94 -5.69 4.10 -2.57
N LYS A 95 -5.30 4.86 -3.60
CA LYS A 95 -6.26 5.48 -4.53
C LYS A 95 -7.10 4.41 -5.26
N ASP A 96 -8.36 4.74 -5.52
CA ASP A 96 -9.29 3.81 -6.20
C ASP A 96 -9.33 4.16 -7.68
N LYS A 97 -8.80 3.25 -8.50
CA LYS A 97 -8.76 3.40 -9.95
C LYS A 97 -9.29 2.11 -10.56
N LYS A 98 -10.63 1.97 -10.46
CA LYS A 98 -11.40 0.84 -11.00
C LYS A 98 -11.00 -0.49 -10.30
N GLN A 99 -10.50 -0.36 -9.06
CA GLN A 99 -9.87 -1.47 -8.31
C GLN A 99 -10.94 -2.44 -7.77
N TYR A 100 -10.56 -3.74 -7.67
CA TYR A 100 -11.48 -4.81 -7.24
C TYR A 100 -10.74 -5.91 -6.45
N HIS A 101 -11.26 -6.24 -5.25
CA HIS A 101 -10.79 -7.40 -4.46
C HIS A 101 -11.39 -8.69 -5.04
N CYS A 102 -10.55 -9.38 -5.82
CA CYS A 102 -10.86 -10.71 -6.35
C CYS A 102 -10.63 -11.78 -5.27
N GLU A 103 -11.60 -12.68 -5.11
CA GLU A 103 -11.59 -13.72 -4.06
C GLU A 103 -10.61 -14.87 -4.42
N ASN A 104 -10.59 -15.28 -5.70
CA ASN A 104 -9.74 -16.40 -6.18
C ASN A 104 -8.25 -16.02 -6.22
N CYS A 105 -7.95 -14.75 -6.59
CA CYS A 105 -6.57 -14.21 -6.53
C CYS A 105 -6.23 -13.80 -5.08
N GLY A 106 -7.28 -13.47 -4.28
CA GLY A 106 -7.14 -13.20 -2.84
C GLY A 106 -6.64 -11.79 -2.54
N ILE A 107 -6.58 -10.92 -3.57
CA ILE A 107 -5.97 -9.57 -3.49
C ILE A 107 -6.80 -8.54 -4.27
N CYS A 108 -6.38 -7.27 -4.17
CA CYS A 108 -6.98 -6.14 -4.88
C CYS A 108 -5.90 -5.13 -5.24
N ARG A 109 -5.67 -4.93 -6.52
CA ARG A 109 -4.71 -3.91 -7.02
C ARG A 109 -5.34 -3.11 -8.17
N ILE A 110 -4.66 -2.00 -8.53
CA ILE A 110 -5.12 -1.06 -9.58
C ILE A 110 -5.30 -1.81 -10.91
N GLY A 111 -6.56 -2.07 -11.27
CA GLY A 111 -6.91 -2.94 -12.38
C GLY A 111 -8.36 -2.75 -12.71
N PRO A 112 -8.71 -2.16 -13.88
CA PRO A 112 -10.11 -1.97 -14.26
C PRO A 112 -10.81 -3.32 -14.47
N LYS A 113 -11.79 -3.62 -13.59
CA LYS A 113 -12.52 -4.89 -13.56
C LYS A 113 -13.26 -5.18 -14.88
N GLU A 114 -13.55 -4.10 -15.63
CA GLU A 114 -14.11 -4.16 -16.98
C GLU A 114 -13.12 -4.80 -17.99
N ASP A 115 -11.82 -4.46 -17.88
CA ASP A 115 -10.76 -5.01 -18.76
C ASP A 115 -10.24 -6.35 -18.22
N PHE A 116 -9.90 -6.36 -16.93
CA PHE A 116 -9.37 -7.52 -16.22
C PHE A 116 -10.52 -8.28 -15.54
N PHE A 117 -10.69 -9.54 -15.94
CA PHE A 117 -11.78 -10.42 -15.48
C PHE A 117 -11.14 -11.71 -14.94
N HIS A 118 -11.78 -12.37 -13.97
CA HIS A 118 -11.32 -13.68 -13.49
C HIS A 118 -12.01 -14.78 -14.30
N CYS A 119 -11.23 -15.80 -14.66
CA CYS A 119 -11.68 -16.94 -15.49
C CYS A 119 -11.97 -18.15 -14.58
N LEU A 120 -13.04 -18.93 -14.88
CA LEU A 120 -13.45 -20.12 -14.07
C LEU A 120 -12.29 -21.16 -13.95
N LYS A 121 -11.60 -21.40 -15.07
CA LYS A 121 -10.27 -22.04 -15.08
C LYS A 121 -9.20 -20.92 -15.05
N CYS A 122 -7.92 -21.24 -14.78
CA CYS A 122 -6.84 -20.22 -14.64
C CYS A 122 -7.04 -19.41 -13.33
N ASN A 123 -6.13 -19.58 -12.36
CA ASN A 123 -6.20 -18.91 -11.03
C ASN A 123 -5.83 -17.39 -11.09
N LEU A 124 -5.57 -16.88 -12.30
CA LEU A 124 -5.19 -15.47 -12.53
C LEU A 124 -6.40 -14.67 -13.07
N CYS A 125 -6.36 -13.33 -12.91
CA CYS A 125 -7.25 -12.40 -13.63
C CYS A 125 -6.59 -12.02 -14.96
N LEU A 126 -7.27 -12.35 -16.06
CA LEU A 126 -6.79 -12.10 -17.43
C LEU A 126 -7.36 -10.78 -17.94
N ALA A 127 -6.68 -10.16 -18.91
CA ALA A 127 -7.18 -8.97 -19.62
C ALA A 127 -7.98 -9.41 -20.86
N MET A 128 -8.81 -8.50 -21.40
CA MET A 128 -9.56 -8.74 -22.66
C MET A 128 -8.59 -8.93 -23.86
N ASN A 129 -7.38 -8.36 -23.75
CA ASN A 129 -6.29 -8.55 -24.75
C ASN A 129 -5.52 -9.87 -24.51
N LEU A 130 -5.65 -10.43 -23.29
CA LEU A 130 -4.95 -11.67 -22.85
C LEU A 130 -5.79 -12.93 -23.24
N GLN A 131 -7.02 -12.70 -23.73
CA GLN A 131 -7.97 -13.78 -24.08
C GLN A 131 -7.37 -14.81 -25.08
N GLY A 132 -7.66 -16.11 -24.86
CA GLY A 132 -7.16 -17.20 -25.71
C GLY A 132 -5.82 -17.76 -25.23
N ARG A 133 -4.91 -16.87 -24.77
CA ARG A 133 -3.56 -17.23 -24.30
C ARG A 133 -3.63 -18.14 -23.06
N HIS A 134 -4.57 -17.80 -22.14
CA HIS A 134 -4.87 -18.64 -20.97
C HIS A 134 -5.51 -19.98 -21.43
N LYS A 135 -4.68 -21.04 -21.39
CA LYS A 135 -5.04 -22.38 -21.86
C LYS A 135 -6.17 -22.99 -21.00
N CYS A 136 -7.38 -23.01 -21.57
CA CYS A 136 -8.55 -23.63 -20.95
C CYS A 136 -9.57 -24.01 -22.03
N ILE A 137 -9.06 -24.20 -23.26
CA ILE A 137 -9.88 -24.50 -24.46
C ILE A 137 -10.08 -26.03 -24.56
N MET A 1 2.84 30.27 47.66
CA MET A 1 3.86 29.73 46.75
C MET A 1 3.26 28.59 45.92
N ALA A 2 3.10 28.83 44.60
CA ALA A 2 2.51 27.87 43.64
C ALA A 2 3.04 28.14 42.22
N ALA A 3 2.65 27.27 41.26
CA ALA A 3 3.04 27.36 39.83
C ALA A 3 4.55 27.10 39.62
N THR A 4 5.21 26.45 40.60
CA THR A 4 6.63 26.08 40.54
C THR A 4 6.79 24.80 39.68
N ALA A 5 6.96 25.01 38.36
CA ALA A 5 7.02 23.92 37.36
C ALA A 5 8.08 24.23 36.30
N ARG A 6 8.28 23.29 35.34
CA ARG A 6 9.25 23.44 34.25
C ARG A 6 8.95 22.43 33.13
N GLU A 7 8.74 22.95 31.91
CA GLU A 7 8.58 22.15 30.69
C GLU A 7 9.86 22.30 29.82
N ASP A 8 10.70 21.26 29.82
CA ASP A 8 12.08 21.29 29.25
C ASP A 8 12.10 21.68 27.75
N GLY A 9 11.13 21.17 26.98
CA GLY A 9 11.00 21.51 25.56
C GLY A 9 10.33 20.39 24.77
N ALA A 10 9.20 20.70 24.11
CA ALA A 10 8.51 19.78 23.21
C ALA A 10 9.17 19.85 21.81
N THR A 11 10.29 19.13 21.68
CA THR A 11 11.11 19.09 20.45
C THR A 11 10.65 17.95 19.52
N GLY A 12 10.82 18.17 18.20
CA GLY A 12 10.47 17.17 17.18
C GLY A 12 10.25 17.80 15.80
N GLU A 13 9.96 16.97 14.79
CA GLU A 13 9.69 17.42 13.40
C GLU A 13 8.63 16.52 12.74
N GLU A 14 8.34 16.80 11.46
CA GLU A 14 7.49 15.95 10.61
C GLU A 14 8.10 15.90 9.19
N ARG A 15 8.18 14.69 8.61
CA ARG A 15 8.59 14.48 7.20
C ARG A 15 7.36 14.66 6.31
N GLY A 16 6.29 13.92 6.63
CA GLY A 16 4.99 14.04 5.94
C GLY A 16 5.03 13.66 4.45
N GLN A 17 6.05 12.90 4.05
CA GLN A 17 6.28 12.48 2.65
C GLN A 17 5.48 11.18 2.39
N ARG A 18 4.18 11.32 2.13
CA ARG A 18 3.26 10.19 1.96
C ARG A 18 3.30 9.59 0.55
N GLY A 19 2.95 8.30 0.45
CA GLY A 19 2.86 7.59 -0.82
C GLY A 19 4.15 6.91 -1.23
N CYS A 20 4.07 6.17 -2.33
CA CYS A 20 5.20 5.54 -3.01
C CYS A 20 4.74 5.19 -4.45
N GLU A 21 5.68 5.00 -5.38
CA GLU A 21 5.32 4.59 -6.76
C GLU A 21 4.78 3.14 -6.82
N HIS A 22 5.02 2.35 -5.76
CA HIS A 22 4.44 1.02 -5.61
C HIS A 22 2.96 1.12 -5.16
N TYR A 23 2.73 1.84 -4.05
CA TYR A 23 1.39 2.05 -3.47
C TYR A 23 1.20 3.54 -3.18
N ASP A 24 0.17 4.14 -3.78
CA ASP A 24 -0.25 5.51 -3.48
C ASP A 24 -1.01 5.49 -2.15
N ARG A 25 -0.23 5.58 -1.05
CA ARG A 25 -0.69 5.24 0.28
C ARG A 25 -0.18 6.26 1.33
N GLY A 26 -1.12 6.83 2.10
CA GLY A 26 -0.81 7.79 3.17
C GLY A 26 -0.55 7.13 4.52
N CYS A 27 -0.04 5.88 4.50
CA CYS A 27 0.27 5.13 5.72
C CYS A 27 1.54 4.27 5.54
N LEU A 28 2.28 4.10 6.64
CA LEU A 28 3.40 3.16 6.74
C LEU A 28 2.89 1.88 7.43
N LEU A 29 3.36 0.73 6.99
CA LEU A 29 2.94 -0.58 7.53
C LEU A 29 3.77 -0.90 8.77
N LYS A 30 3.12 -0.96 9.94
CA LYS A 30 3.80 -1.29 11.19
C LYS A 30 4.11 -2.79 11.22
N ALA A 31 5.38 -3.10 10.97
CA ALA A 31 5.90 -4.46 10.87
C ALA A 31 6.22 -4.96 12.28
N PRO A 32 5.40 -5.88 12.88
CA PRO A 32 5.64 -6.39 14.25
C PRO A 32 6.90 -7.28 14.33
N CYS A 33 7.41 -7.65 13.15
CA CYS A 33 8.62 -8.46 12.97
C CYS A 33 9.91 -7.68 13.33
N CYS A 34 9.85 -6.33 13.33
CA CYS A 34 11.02 -5.47 13.67
C CYS A 34 10.57 -4.07 14.15
N ASP A 35 9.26 -3.91 14.46
CA ASP A 35 8.65 -2.65 14.95
C ASP A 35 8.79 -1.47 13.94
N LYS A 36 9.16 -1.77 12.69
CA LYS A 36 9.54 -0.74 11.69
C LYS A 36 8.37 -0.34 10.78
N LEU A 37 8.55 0.82 10.14
CA LEU A 37 7.49 1.51 9.38
C LEU A 37 7.91 1.71 7.92
N TYR A 38 7.21 1.01 7.00
CA TYR A 38 7.45 1.08 5.54
C TYR A 38 6.12 1.02 4.76
N THR A 39 5.89 1.99 3.85
CA THR A 39 4.66 2.07 3.00
C THR A 39 4.39 0.74 2.23
N CYS A 40 5.47 0.02 1.88
CA CYS A 40 5.39 -1.23 1.10
C CYS A 40 6.00 -2.41 1.87
N ARG A 41 5.58 -3.64 1.51
CA ARG A 41 6.19 -4.86 2.05
C ARG A 41 7.60 -5.08 1.43
N LEU A 42 7.76 -4.66 0.16
CA LEU A 42 9.03 -4.80 -0.59
C LEU A 42 10.04 -3.68 -0.25
N CYS A 43 9.55 -2.44 0.00
CA CYS A 43 10.42 -1.32 0.49
C CYS A 43 10.97 -1.63 1.91
N HIS A 44 10.24 -2.49 2.65
CA HIS A 44 10.73 -3.11 3.89
C HIS A 44 11.85 -4.11 3.58
N ASP A 45 11.53 -5.12 2.75
CA ASP A 45 12.39 -6.29 2.47
C ASP A 45 13.76 -5.88 1.85
N ASN A 46 13.76 -4.77 1.09
CA ASN A 46 14.99 -4.20 0.48
C ASN A 46 16.01 -3.79 1.56
N ASN A 47 15.50 -3.23 2.66
CA ASN A 47 16.32 -2.66 3.77
C ASN A 47 16.55 -3.70 4.88
N GLU A 48 15.64 -4.69 4.99
CA GLU A 48 15.66 -5.70 6.08
C GLU A 48 16.34 -7.01 5.67
N ASP A 49 16.64 -7.83 6.68
CA ASP A 49 17.21 -9.20 6.53
C ASP A 49 16.10 -10.24 6.33
N HIS A 50 14.83 -9.78 6.27
CA HIS A 50 13.63 -10.64 6.24
C HIS A 50 12.48 -9.91 5.50
N GLN A 51 11.39 -10.64 5.22
CA GLN A 51 10.24 -10.14 4.42
C GLN A 51 9.06 -9.71 5.32
N LEU A 52 8.34 -8.65 4.89
CA LEU A 52 7.11 -8.16 5.56
C LEU A 52 5.91 -8.86 4.97
N ASP A 53 5.10 -9.50 5.82
CA ASP A 53 3.81 -10.06 5.40
C ASP A 53 2.71 -9.03 5.65
N ARG A 54 1.90 -8.81 4.61
CA ARG A 54 0.85 -7.79 4.57
C ARG A 54 -0.34 -8.09 5.51
N PHE A 55 -0.49 -9.34 6.01
CA PHE A 55 -1.66 -9.70 6.83
C PHE A 55 -1.31 -9.60 8.32
N LYS A 56 -0.04 -9.84 8.65
CA LYS A 56 0.45 -9.89 10.03
C LYS A 56 0.83 -8.51 10.56
N VAL A 57 1.00 -7.53 9.67
CA VAL A 57 1.00 -6.11 10.05
C VAL A 57 -0.44 -5.71 10.43
N LYS A 58 -0.62 -5.16 11.65
CA LYS A 58 -1.96 -4.82 12.17
C LYS A 58 -2.15 -3.30 12.22
N GLU A 59 -1.25 -2.60 12.92
CA GLU A 59 -1.28 -1.13 12.98
C GLU A 59 -0.53 -0.51 11.81
N VAL A 60 -0.72 0.79 11.65
CA VAL A 60 -0.05 1.61 10.61
C VAL A 60 0.35 2.98 11.19
N GLN A 61 1.26 3.69 10.49
CA GLN A 61 1.45 5.14 10.65
C GLN A 61 0.55 5.91 9.69
N CYS A 62 0.51 7.21 9.89
CA CYS A 62 -0.14 8.17 8.99
C CYS A 62 0.92 9.19 8.62
N ILE A 63 1.31 9.25 7.35
CA ILE A 63 2.52 10.01 6.93
C ILE A 63 2.11 11.49 6.74
N ASN A 64 1.85 12.14 7.88
CA ASN A 64 1.33 13.51 7.98
C ASN A 64 1.53 13.99 9.43
N CYS A 65 0.87 13.28 10.39
CA CYS A 65 1.11 13.50 11.85
C CYS A 65 2.09 12.46 12.39
N GLU A 66 2.30 11.39 11.58
CA GLU A 66 3.32 10.33 11.77
C GLU A 66 3.20 9.61 13.11
N LYS A 67 1.94 9.48 13.56
CA LYS A 67 1.58 8.73 14.76
C LYS A 67 1.08 7.33 14.35
N ILE A 68 1.23 6.37 15.27
CA ILE A 68 0.72 5.00 15.12
C ILE A 68 -0.77 4.97 15.50
N GLN A 69 -1.58 4.48 14.59
CA GLN A 69 -3.00 4.19 14.82
C GLN A 69 -3.38 2.89 14.12
N HIS A 70 -4.57 2.40 14.44
CA HIS A 70 -5.07 1.11 13.94
C HIS A 70 -5.37 1.20 12.44
N ALA A 71 -5.14 0.09 11.72
CA ALA A 71 -5.30 0.04 10.25
C ALA A 71 -6.78 0.12 9.84
N GLN A 72 -7.08 1.15 9.04
CA GLN A 72 -8.45 1.47 8.59
C GLN A 72 -8.38 2.38 7.35
N GLN A 73 -9.48 3.07 7.02
CA GLN A 73 -9.54 3.95 5.84
C GLN A 73 -8.91 5.33 6.16
N THR A 74 -9.29 5.91 7.32
CA THR A 74 -8.83 7.24 7.74
C THR A 74 -8.01 7.15 9.04
N CYS A 75 -7.20 8.19 9.28
CA CYS A 75 -6.41 8.36 10.52
C CYS A 75 -7.28 8.89 11.65
N GLU A 76 -7.48 8.12 12.71
CA GLU A 76 -8.30 8.52 13.88
C GLU A 76 -7.75 9.78 14.61
N GLU A 77 -6.48 10.14 14.29
CA GLU A 77 -5.80 11.32 14.87
C GLU A 77 -6.12 12.62 14.06
N CYS A 78 -6.12 12.55 12.71
CA CYS A 78 -6.24 13.78 11.85
C CYS A 78 -6.91 13.51 10.49
N SER A 79 -7.79 12.49 10.46
CA SER A 79 -8.66 12.13 9.29
C SER A 79 -7.89 11.85 7.97
N THR A 80 -6.56 11.62 8.05
CA THR A 80 -5.71 11.33 6.87
C THR A 80 -6.17 10.06 6.15
N LEU A 81 -6.70 10.24 4.94
CA LEU A 81 -7.15 9.15 4.07
C LEU A 81 -5.92 8.35 3.56
N PHE A 82 -5.76 7.12 4.08
CA PHE A 82 -4.61 6.23 3.75
C PHE A 82 -4.69 5.75 2.28
N GLY A 83 -5.90 5.75 1.72
CA GLY A 83 -6.14 5.40 0.34
C GLY A 83 -7.63 5.45 0.04
N GLU A 84 -7.97 5.85 -1.20
CA GLU A 84 -9.39 5.96 -1.65
C GLU A 84 -10.08 4.58 -1.58
N TYR A 85 -9.29 3.54 -1.90
CA TYR A 85 -9.72 2.15 -1.89
C TYR A 85 -9.15 1.48 -0.62
N TYR A 86 -10.03 0.94 0.22
CA TYR A 86 -9.68 0.41 1.56
C TYR A 86 -10.09 -1.08 1.65
N CYS A 87 -9.28 -1.89 2.36
CA CYS A 87 -9.49 -3.36 2.43
C CYS A 87 -8.57 -3.98 3.49
N ASP A 88 -9.16 -4.57 4.55
CA ASP A 88 -8.40 -5.27 5.62
C ASP A 88 -8.21 -6.76 5.27
N ILE A 89 -9.05 -7.29 4.34
CA ILE A 89 -8.91 -8.68 3.82
C ILE A 89 -7.51 -8.88 3.17
N CYS A 90 -7.11 -7.89 2.37
CA CYS A 90 -5.76 -7.82 1.78
C CYS A 90 -4.79 -7.08 2.72
N HIS A 91 -5.38 -6.20 3.55
CA HIS A 91 -4.68 -5.30 4.47
C HIS A 91 -3.76 -4.34 3.68
N LEU A 92 -4.38 -3.68 2.70
CA LEU A 92 -3.74 -2.64 1.88
C LEU A 92 -4.71 -1.47 1.77
N PHE A 93 -4.18 -0.24 1.86
CA PHE A 93 -4.96 0.98 1.65
C PHE A 93 -4.23 1.79 0.58
N ASP A 94 -4.85 1.89 -0.58
CA ASP A 94 -4.21 2.39 -1.81
C ASP A 94 -5.27 3.15 -2.60
N LYS A 95 -4.87 4.25 -3.25
CA LYS A 95 -5.82 5.08 -4.01
C LYS A 95 -6.39 4.28 -5.20
N ASP A 96 -7.66 4.51 -5.54
CA ASP A 96 -8.35 3.77 -6.60
C ASP A 96 -8.01 4.39 -7.95
N LYS A 97 -7.26 3.65 -8.75
CA LYS A 97 -7.08 3.93 -10.17
C LYS A 97 -7.65 2.74 -10.93
N LYS A 98 -9.00 2.72 -10.98
CA LYS A 98 -9.80 1.75 -11.75
C LYS A 98 -9.73 0.31 -11.17
N GLN A 99 -9.23 0.17 -9.92
CA GLN A 99 -8.89 -1.14 -9.33
C GLN A 99 -10.14 -1.87 -8.79
N TYR A 100 -10.00 -3.19 -8.54
CA TYR A 100 -11.12 -4.05 -8.10
C TYR A 100 -10.60 -5.21 -7.23
N HIS A 101 -11.39 -5.61 -6.22
CA HIS A 101 -11.10 -6.79 -5.38
C HIS A 101 -11.64 -8.07 -6.05
N CYS A 102 -10.69 -8.86 -6.59
CA CYS A 102 -10.95 -10.19 -7.10
C CYS A 102 -11.13 -11.14 -5.90
N GLU A 103 -12.37 -11.66 -5.72
CA GLU A 103 -12.77 -12.45 -4.54
C GLU A 103 -12.02 -13.79 -4.44
N ASN A 104 -11.87 -14.47 -5.60
CA ASN A 104 -11.20 -15.79 -5.69
C ASN A 104 -9.70 -15.72 -5.29
N CYS A 105 -9.01 -14.68 -5.78
CA CYS A 105 -7.59 -14.43 -5.45
C CYS A 105 -7.45 -13.73 -4.09
N GLY A 106 -8.53 -13.06 -3.66
CA GLY A 106 -8.60 -12.44 -2.34
C GLY A 106 -7.79 -11.15 -2.24
N ILE A 107 -7.53 -10.50 -3.40
CA ILE A 107 -6.67 -9.30 -3.49
C ILE A 107 -7.31 -8.21 -4.36
N CYS A 108 -6.84 -6.96 -4.17
CA CYS A 108 -7.20 -5.79 -5.00
C CYS A 108 -6.01 -4.85 -5.15
N ARG A 109 -5.63 -4.56 -6.41
CA ARG A 109 -4.59 -3.57 -6.76
C ARG A 109 -4.89 -2.98 -8.14
N ILE A 110 -4.05 -2.01 -8.55
CA ILE A 110 -4.27 -1.18 -9.75
C ILE A 110 -4.39 -2.07 -11.02
N GLY A 111 -5.64 -2.17 -11.52
CA GLY A 111 -6.02 -3.08 -12.59
C GLY A 111 -7.39 -2.68 -13.06
N PRO A 112 -7.54 -2.16 -14.32
CA PRO A 112 -8.81 -1.57 -14.75
C PRO A 112 -9.86 -2.65 -14.96
N LYS A 113 -10.84 -2.71 -14.04
CA LYS A 113 -11.87 -3.77 -14.00
C LYS A 113 -12.66 -3.88 -15.33
N GLU A 114 -12.73 -2.75 -16.07
CA GLU A 114 -13.30 -2.69 -17.43
C GLU A 114 -12.44 -3.48 -18.46
N ASP A 115 -11.11 -3.40 -18.33
CA ASP A 115 -10.15 -4.04 -19.27
C ASP A 115 -9.48 -5.29 -18.66
N PHE A 116 -9.83 -5.64 -17.41
CA PHE A 116 -9.11 -6.68 -16.64
C PHE A 116 -10.12 -7.39 -15.72
N PHE A 117 -10.23 -8.72 -15.89
CA PHE A 117 -11.22 -9.58 -15.20
C PHE A 117 -10.49 -10.84 -14.70
N HIS A 118 -11.21 -11.73 -13.98
CA HIS A 118 -10.68 -13.06 -13.64
C HIS A 118 -11.35 -14.13 -14.52
N CYS A 119 -10.53 -14.84 -15.31
CA CYS A 119 -10.99 -15.99 -16.11
C CYS A 119 -11.20 -17.19 -15.17
N LEU A 120 -12.48 -17.61 -14.98
CA LEU A 120 -12.88 -18.61 -13.96
C LEU A 120 -12.14 -19.95 -14.15
N LYS A 121 -12.03 -20.39 -15.42
CA LYS A 121 -11.21 -21.58 -15.78
C LYS A 121 -9.77 -21.12 -16.09
N CYS A 122 -9.11 -20.60 -15.04
CA CYS A 122 -7.68 -20.17 -15.02
C CYS A 122 -7.38 -19.65 -13.59
N ASN A 123 -6.19 -19.97 -13.06
CA ASN A 123 -5.78 -19.57 -11.68
C ASN A 123 -5.11 -18.16 -11.67
N LEU A 124 -5.59 -17.27 -12.55
CA LEU A 124 -5.01 -15.92 -12.73
C LEU A 124 -6.09 -14.96 -13.30
N CYS A 125 -5.95 -13.66 -13.02
CA CYS A 125 -6.77 -12.61 -13.63
C CYS A 125 -6.11 -12.21 -14.97
N LEU A 126 -6.89 -12.19 -16.07
CA LEU A 126 -6.37 -11.84 -17.43
C LEU A 126 -7.06 -10.59 -17.97
N ALA A 127 -6.58 -10.09 -19.12
CA ALA A 127 -7.16 -8.92 -19.80
C ALA A 127 -8.34 -9.37 -20.67
N MET A 128 -9.32 -8.46 -20.87
CA MET A 128 -10.56 -8.76 -21.61
C MET A 128 -10.31 -8.81 -23.14
N ASN A 129 -9.12 -8.34 -23.58
CA ASN A 129 -8.62 -8.56 -24.95
C ASN A 129 -7.98 -9.96 -25.06
N LEU A 130 -7.37 -10.42 -23.95
CA LEU A 130 -6.64 -11.72 -23.89
C LEU A 130 -7.61 -12.90 -23.64
N GLN A 131 -8.88 -12.61 -23.30
CA GLN A 131 -9.89 -13.65 -23.00
C GLN A 131 -10.12 -14.61 -24.20
N GLY A 132 -10.32 -15.89 -23.88
CA GLY A 132 -10.55 -16.95 -24.88
C GLY A 132 -9.28 -17.48 -25.53
N ARG A 133 -8.14 -16.83 -25.25
CA ARG A 133 -6.85 -17.10 -25.91
C ARG A 133 -5.90 -17.89 -24.98
N HIS A 134 -6.49 -18.55 -23.96
CA HIS A 134 -5.76 -19.43 -23.00
C HIS A 134 -6.30 -20.87 -23.18
N LYS A 135 -5.50 -21.89 -22.80
CA LYS A 135 -5.97 -23.29 -22.73
C LYS A 135 -6.73 -23.49 -21.39
N CYS A 136 -7.99 -23.03 -21.38
CA CYS A 136 -8.83 -23.01 -20.17
C CYS A 136 -9.46 -24.41 -19.93
N ILE A 137 -8.64 -25.32 -19.39
CA ILE A 137 -9.01 -26.74 -19.19
C ILE A 137 -8.97 -27.05 -17.68
N MET A 1 39.53 -10.82 -12.87
CA MET A 1 39.83 -9.67 -12.01
C MET A 1 38.69 -8.63 -12.08
N ALA A 2 38.10 -8.32 -10.92
CA ALA A 2 37.04 -7.30 -10.78
C ALA A 2 37.66 -5.91 -10.53
N ALA A 3 37.45 -4.97 -11.46
CA ALA A 3 37.89 -3.57 -11.32
C ALA A 3 36.72 -2.71 -10.79
N THR A 4 36.58 -2.68 -9.45
CA THR A 4 35.55 -1.89 -8.77
C THR A 4 35.93 -0.40 -8.74
N ALA A 5 35.42 0.35 -9.73
CA ALA A 5 35.63 1.80 -9.85
C ALA A 5 34.59 2.55 -8.99
N ARG A 6 35.08 3.29 -7.97
CA ARG A 6 34.22 4.05 -7.05
C ARG A 6 33.73 5.35 -7.72
N GLU A 7 32.62 5.24 -8.45
CA GLU A 7 31.95 6.35 -9.14
C GLU A 7 30.53 6.57 -8.56
N ASP A 8 30.24 5.88 -7.46
CA ASP A 8 28.94 5.90 -6.77
C ASP A 8 28.78 7.15 -5.87
N GLY A 9 27.54 7.40 -5.44
CA GLY A 9 27.23 8.54 -4.59
C GLY A 9 25.84 8.42 -3.95
N ALA A 10 25.64 9.11 -2.81
CA ALA A 10 24.39 9.06 -2.05
C ALA A 10 23.34 10.01 -2.69
N THR A 11 22.59 9.46 -3.66
CA THR A 11 21.52 10.18 -4.37
C THR A 11 20.32 9.23 -4.57
N GLY A 12 19.26 9.47 -3.79
CA GLY A 12 18.03 8.68 -3.85
C GLY A 12 16.93 9.33 -3.03
N GLU A 13 15.76 9.54 -3.66
CA GLU A 13 14.61 10.18 -3.01
C GLU A 13 13.44 9.19 -2.93
N GLU A 14 12.86 9.04 -1.73
CA GLU A 14 11.56 8.36 -1.55
C GLU A 14 10.46 9.32 -2.04
N ARG A 15 10.05 9.16 -3.32
CA ARG A 15 9.18 10.12 -4.02
C ARG A 15 7.79 10.21 -3.34
N GLY A 16 7.64 11.23 -2.49
CA GLY A 16 6.43 11.43 -1.67
C GLY A 16 6.80 11.84 -0.25
N GLN A 17 6.23 12.96 0.24
CA GLN A 17 6.46 13.44 1.63
C GLN A 17 5.82 12.45 2.62
N ARG A 18 4.54 12.17 2.40
CA ARG A 18 3.80 11.10 3.09
C ARG A 18 3.25 10.13 2.03
N GLY A 19 4.10 9.15 1.70
CA GLY A 19 3.85 8.20 0.63
C GLY A 19 5.15 7.73 0.00
N CYS A 20 5.01 7.03 -1.13
CA CYS A 20 6.12 6.48 -1.92
C CYS A 20 5.58 6.23 -3.33
N GLU A 21 6.39 6.49 -4.38
CA GLU A 21 5.96 6.39 -5.80
C GLU A 21 5.37 5.01 -6.19
N HIS A 22 5.69 3.96 -5.40
CA HIS A 22 5.10 2.61 -5.56
C HIS A 22 3.61 2.61 -5.17
N TYR A 23 3.31 3.14 -3.96
CA TYR A 23 1.93 3.19 -3.40
C TYR A 23 1.69 4.56 -2.73
N ASP A 24 0.69 5.29 -3.21
CA ASP A 24 0.34 6.62 -2.68
C ASP A 24 -0.55 6.48 -1.44
N ARG A 25 0.06 6.51 -0.24
CA ARG A 25 -0.69 6.55 1.03
C ARG A 25 0.06 7.36 2.08
N GLY A 26 -0.71 8.07 2.93
CA GLY A 26 -0.15 8.79 4.08
C GLY A 26 0.06 7.89 5.30
N CYS A 27 0.48 6.61 5.05
CA CYS A 27 0.72 5.62 6.11
C CYS A 27 1.86 4.67 5.75
N LEU A 28 2.49 4.10 6.79
CA LEU A 28 3.50 3.05 6.69
C LEU A 28 2.91 1.76 7.29
N LEU A 29 3.02 0.64 6.56
CA LEU A 29 2.60 -0.69 7.08
C LEU A 29 3.47 -1.07 8.29
N LYS A 30 2.87 -1.07 9.48
CA LYS A 30 3.55 -1.47 10.72
C LYS A 30 3.75 -2.99 10.73
N ALA A 31 4.98 -3.40 10.48
CA ALA A 31 5.37 -4.81 10.33
C ALA A 31 5.86 -5.35 11.68
N PRO A 32 4.99 -6.11 12.45
CA PRO A 32 5.34 -6.58 13.82
C PRO A 32 6.41 -7.70 13.80
N CYS A 33 6.76 -8.14 12.58
CA CYS A 33 7.83 -9.12 12.33
C CYS A 33 9.22 -8.55 12.68
N CYS A 34 9.33 -7.21 12.70
CA CYS A 34 10.56 -6.49 13.13
C CYS A 34 10.22 -5.10 13.70
N ASP A 35 8.91 -4.83 13.90
CA ASP A 35 8.35 -3.55 14.43
C ASP A 35 8.73 -2.33 13.55
N LYS A 36 9.02 -2.58 12.25
CA LYS A 36 9.52 -1.54 11.32
C LYS A 36 8.39 -1.06 10.38
N LEU A 37 8.52 0.21 9.96
CA LEU A 37 7.45 0.98 9.29
C LEU A 37 7.83 1.26 7.81
N TYR A 38 7.04 0.75 6.84
CA TYR A 38 7.31 0.93 5.37
C TYR A 38 5.99 1.12 4.59
N THR A 39 5.92 2.20 3.75
CA THR A 39 4.77 2.51 2.88
C THR A 39 4.39 1.31 1.97
N CYS A 40 5.42 0.58 1.52
CA CYS A 40 5.26 -0.59 0.65
C CYS A 40 5.74 -1.85 1.37
N ARG A 41 4.98 -2.93 1.19
CA ARG A 41 5.38 -4.29 1.63
C ARG A 41 6.69 -4.75 0.94
N LEU A 42 6.89 -4.29 -0.32
CA LEU A 42 8.09 -4.61 -1.13
C LEU A 42 9.29 -3.70 -0.76
N CYS A 43 9.02 -2.47 -0.25
CA CYS A 43 10.09 -1.57 0.26
C CYS A 43 10.68 -2.14 1.57
N HIS A 44 9.82 -2.81 2.35
CA HIS A 44 10.26 -3.59 3.53
C HIS A 44 11.17 -4.74 3.07
N ASP A 45 10.65 -5.54 2.14
CA ASP A 45 11.29 -6.76 1.62
C ASP A 45 12.67 -6.48 1.00
N ASN A 46 12.79 -5.35 0.30
CA ASN A 46 14.01 -4.97 -0.45
C ASN A 46 15.10 -4.43 0.50
N ASN A 47 14.68 -3.92 1.67
CA ASN A 47 15.59 -3.35 2.69
C ASN A 47 16.05 -4.45 3.68
N GLU A 48 15.21 -5.47 3.86
CA GLU A 48 15.41 -6.51 4.87
C GLU A 48 15.69 -7.88 4.23
N ASP A 49 16.00 -8.86 5.11
CA ASP A 49 16.29 -10.25 4.71
C ASP A 49 14.99 -11.05 4.54
N HIS A 50 13.93 -10.66 5.28
CA HIS A 50 12.63 -11.38 5.25
C HIS A 50 11.53 -10.54 4.57
N GLN A 51 10.46 -11.21 4.15
CA GLN A 51 9.30 -10.61 3.46
C GLN A 51 8.23 -10.13 4.47
N LEU A 52 7.55 -9.03 4.13
CA LEU A 52 6.39 -8.53 4.90
C LEU A 52 5.16 -9.33 4.47
N ASP A 53 4.52 -10.02 5.42
CA ASP A 53 3.23 -10.68 5.18
C ASP A 53 2.11 -9.69 5.55
N ARG A 54 1.20 -9.47 4.59
CA ARG A 54 0.14 -8.45 4.67
C ARG A 54 -1.00 -8.86 5.61
N PHE A 55 -0.94 -10.07 6.19
CA PHE A 55 -1.95 -10.53 7.17
C PHE A 55 -1.39 -10.42 8.60
N LYS A 56 -0.03 -10.47 8.72
CA LYS A 56 0.66 -10.30 10.01
C LYS A 56 0.60 -8.84 10.50
N VAL A 57 0.59 -7.87 9.55
CA VAL A 57 0.51 -6.44 9.89
C VAL A 57 -0.87 -6.11 10.52
N LYS A 58 -0.82 -5.81 11.83
CA LYS A 58 -1.99 -5.43 12.63
C LYS A 58 -2.34 -3.95 12.39
N GLU A 59 -1.31 -3.11 12.51
CA GLU A 59 -1.46 -1.65 12.50
C GLU A 59 -0.72 -1.02 11.33
N VAL A 60 -0.74 0.32 11.33
CA VAL A 60 0.02 1.19 10.44
C VAL A 60 0.46 2.41 11.29
N GLN A 61 1.25 3.32 10.70
CA GLN A 61 1.47 4.65 11.29
C GLN A 61 1.14 5.70 10.23
N CYS A 62 0.50 6.78 10.65
CA CYS A 62 0.18 7.92 9.77
C CYS A 62 1.41 8.79 9.64
N ILE A 63 2.00 8.87 8.42
CA ILE A 63 3.24 9.65 8.19
C ILE A 63 2.95 11.14 8.45
N ASN A 64 1.69 11.51 8.16
CA ASN A 64 1.14 12.88 8.33
C ASN A 64 0.57 13.04 9.77
N CYS A 65 1.48 12.96 10.74
CA CYS A 65 1.34 13.32 12.20
C CYS A 65 2.11 12.31 13.07
N GLU A 66 2.59 11.22 12.41
CA GLU A 66 3.55 10.22 12.96
C GLU A 66 2.94 9.35 14.09
N LYS A 67 1.60 9.34 14.18
CA LYS A 67 0.87 8.59 15.21
C LYS A 67 0.63 7.13 14.77
N ILE A 68 0.74 6.19 15.72
CA ILE A 68 0.42 4.76 15.52
C ILE A 68 -1.10 4.57 15.73
N GLN A 69 -1.75 3.95 14.74
CA GLN A 69 -3.17 3.55 14.83
C GLN A 69 -3.35 2.24 14.07
N HIS A 70 -4.53 1.61 14.22
CA HIS A 70 -4.85 0.36 13.50
C HIS A 70 -4.91 0.60 11.98
N ALA A 71 -4.72 -0.47 11.20
CA ALA A 71 -4.82 -0.41 9.73
C ALA A 71 -6.25 -0.02 9.32
N GLN A 72 -6.42 1.24 8.87
CA GLN A 72 -7.72 1.84 8.48
C GLN A 72 -7.55 2.70 7.22
N GLN A 73 -8.62 3.43 6.81
CA GLN A 73 -8.55 4.32 5.63
C GLN A 73 -8.34 5.79 6.04
N THR A 74 -8.90 6.21 7.19
CA THR A 74 -8.82 7.62 7.62
C THR A 74 -8.28 7.73 9.05
N CYS A 75 -7.15 8.44 9.21
CA CYS A 75 -6.55 8.77 10.51
C CYS A 75 -7.52 9.59 11.36
N GLU A 76 -8.10 8.92 12.35
CA GLU A 76 -8.91 9.53 13.44
C GLU A 76 -8.29 10.82 14.06
N GLU A 77 -6.95 10.92 14.02
CA GLU A 77 -6.20 12.04 14.58
C GLU A 77 -6.24 13.31 13.68
N CYS A 78 -6.03 13.15 12.35
CA CYS A 78 -5.86 14.33 11.43
C CYS A 78 -6.47 14.10 10.03
N SER A 79 -7.48 13.21 9.95
CA SER A 79 -8.30 12.96 8.72
C SER A 79 -7.45 12.59 7.48
N THR A 80 -6.28 11.95 7.70
CA THR A 80 -5.38 11.57 6.60
C THR A 80 -5.95 10.37 5.85
N LEU A 81 -6.25 10.57 4.56
CA LEU A 81 -6.66 9.49 3.66
C LEU A 81 -5.44 8.63 3.32
N PHE A 82 -5.49 7.36 3.73
CA PHE A 82 -4.42 6.38 3.54
C PHE A 82 -4.55 5.68 2.18
N GLY A 83 -5.34 6.26 1.26
CA GLY A 83 -5.53 5.70 -0.08
C GLY A 83 -6.96 5.87 -0.54
N GLU A 84 -7.16 6.07 -1.85
CA GLU A 84 -8.48 6.27 -2.47
C GLU A 84 -9.35 5.02 -2.25
N TYR A 85 -8.78 3.87 -2.61
CA TYR A 85 -9.37 2.55 -2.39
C TYR A 85 -8.98 2.06 -0.99
N TYR A 86 -9.88 1.27 -0.36
CA TYR A 86 -9.64 0.69 0.98
C TYR A 86 -9.98 -0.81 0.96
N CYS A 87 -9.25 -1.59 1.79
CA CYS A 87 -9.50 -3.03 1.95
C CYS A 87 -8.70 -3.52 3.17
N ASP A 88 -9.43 -3.93 4.24
CA ASP A 88 -8.85 -4.28 5.56
C ASP A 88 -8.01 -5.56 5.49
N ILE A 89 -8.62 -6.62 4.97
CA ILE A 89 -8.06 -7.99 4.92
C ILE A 89 -6.72 -8.01 4.17
N CYS A 90 -6.69 -7.30 3.03
CA CYS A 90 -5.53 -7.24 2.15
C CYS A 90 -4.44 -6.32 2.71
N HIS A 91 -4.85 -5.38 3.60
CA HIS A 91 -3.95 -4.39 4.24
C HIS A 91 -3.20 -3.56 3.20
N LEU A 92 -3.97 -3.08 2.22
CA LEU A 92 -3.49 -2.19 1.17
C LEU A 92 -4.57 -1.15 0.90
N PHE A 93 -4.19 0.12 0.96
CA PHE A 93 -5.07 1.25 0.67
C PHE A 93 -4.24 2.17 -0.25
N ASP A 94 -4.62 2.26 -1.53
CA ASP A 94 -3.80 2.91 -2.57
C ASP A 94 -4.72 3.67 -3.55
N LYS A 95 -4.12 4.29 -4.58
CA LYS A 95 -4.87 5.03 -5.60
C LYS A 95 -5.82 4.08 -6.35
N ASP A 96 -7.12 4.41 -6.36
CA ASP A 96 -8.13 3.61 -7.05
C ASP A 96 -8.05 3.92 -8.53
N LYS A 97 -7.59 2.94 -9.30
CA LYS A 97 -7.50 3.02 -10.76
C LYS A 97 -8.30 1.85 -11.30
N LYS A 98 -9.64 2.02 -11.24
CA LYS A 98 -10.64 1.05 -11.73
C LYS A 98 -10.61 -0.26 -10.89
N GLN A 99 -10.03 -0.17 -9.67
CA GLN A 99 -9.57 -1.34 -8.89
C GLN A 99 -10.72 -2.25 -8.43
N TYR A 100 -10.52 -3.57 -8.63
CA TYR A 100 -11.44 -4.64 -8.19
C TYR A 100 -10.76 -5.49 -7.11
N HIS A 101 -11.56 -6.04 -6.17
CA HIS A 101 -11.13 -7.08 -5.23
C HIS A 101 -11.59 -8.45 -5.73
N CYS A 102 -10.63 -9.28 -6.16
CA CYS A 102 -10.86 -10.68 -6.54
C CYS A 102 -11.05 -11.51 -5.25
N GLU A 103 -12.31 -11.89 -4.98
CA GLU A 103 -12.71 -12.59 -3.73
C GLU A 103 -12.04 -13.97 -3.57
N ASN A 104 -11.86 -14.72 -4.67
CA ASN A 104 -11.24 -16.07 -4.62
C ASN A 104 -9.75 -16.00 -4.19
N CYS A 105 -9.00 -15.04 -4.77
CA CYS A 105 -7.57 -14.83 -4.46
C CYS A 105 -7.41 -14.13 -3.10
N GLY A 106 -8.36 -13.25 -2.79
CA GLY A 106 -8.35 -12.48 -1.54
C GLY A 106 -7.46 -11.24 -1.63
N ILE A 107 -7.21 -10.77 -2.87
CA ILE A 107 -6.38 -9.56 -3.14
C ILE A 107 -7.12 -8.59 -4.06
N CYS A 108 -6.59 -7.36 -4.13
CA CYS A 108 -7.03 -6.30 -5.04
C CYS A 108 -5.86 -5.38 -5.35
N ARG A 109 -5.75 -5.01 -6.63
CA ARG A 109 -4.78 -4.00 -7.14
C ARG A 109 -5.30 -3.44 -8.48
N ILE A 110 -4.47 -2.58 -9.11
CA ILE A 110 -4.82 -1.85 -10.35
C ILE A 110 -5.27 -2.83 -11.47
N GLY A 111 -6.48 -2.60 -12.00
CA GLY A 111 -7.11 -3.48 -12.99
C GLY A 111 -8.54 -3.05 -13.19
N PRO A 112 -9.08 -2.99 -14.44
CA PRO A 112 -10.43 -2.48 -14.66
C PRO A 112 -11.49 -3.53 -14.26
N LYS A 113 -12.30 -3.18 -13.27
CA LYS A 113 -13.33 -4.06 -12.72
C LYS A 113 -14.44 -4.41 -13.74
N GLU A 114 -14.61 -3.53 -14.73
CA GLU A 114 -15.52 -3.72 -15.88
C GLU A 114 -14.92 -4.69 -16.91
N ASP A 115 -13.59 -4.74 -16.98
CA ASP A 115 -12.85 -5.47 -18.02
C ASP A 115 -11.76 -6.34 -17.35
N PHE A 116 -12.19 -7.33 -16.56
CA PHE A 116 -11.27 -8.32 -15.96
C PHE A 116 -11.90 -9.71 -15.97
N PHE A 117 -11.07 -10.72 -15.71
CA PHE A 117 -11.51 -12.10 -15.51
C PHE A 117 -10.48 -12.81 -14.61
N HIS A 118 -10.96 -13.55 -13.61
CA HIS A 118 -10.13 -14.52 -12.90
C HIS A 118 -10.23 -15.86 -13.65
N CYS A 119 -9.12 -16.27 -14.28
CA CYS A 119 -9.04 -17.55 -14.99
C CYS A 119 -9.01 -18.71 -13.98
N LEU A 120 -10.02 -19.62 -14.06
CA LEU A 120 -10.16 -20.77 -13.14
C LEU A 120 -8.98 -21.75 -13.29
N LYS A 121 -8.75 -22.20 -14.54
CA LYS A 121 -7.49 -22.88 -14.91
C LYS A 121 -6.41 -21.80 -15.05
N CYS A 122 -5.17 -22.08 -14.59
CA CYS A 122 -4.11 -21.05 -14.42
C CYS A 122 -4.65 -19.88 -13.56
N ASN A 123 -4.58 -20.05 -12.23
CA ASN A 123 -5.29 -19.18 -11.27
C ASN A 123 -4.59 -17.82 -11.11
N LEU A 124 -5.03 -16.85 -11.94
CA LEU A 124 -4.72 -15.42 -11.80
C LEU A 124 -5.77 -14.58 -12.55
N CYS A 125 -5.67 -13.25 -12.42
CA CYS A 125 -6.70 -12.31 -12.89
C CYS A 125 -6.07 -11.22 -13.77
N LEU A 126 -6.42 -11.25 -15.07
CA LEU A 126 -5.93 -10.30 -16.09
C LEU A 126 -7.12 -9.46 -16.57
N ALA A 127 -6.90 -8.68 -17.63
CA ALA A 127 -7.95 -7.86 -18.24
C ALA A 127 -8.67 -8.69 -19.31
N MET A 128 -9.92 -8.33 -19.62
CA MET A 128 -10.72 -9.03 -20.66
C MET A 128 -10.10 -8.76 -22.05
N ASN A 129 -9.47 -7.57 -22.18
CA ASN A 129 -8.69 -7.15 -23.37
C ASN A 129 -7.23 -7.72 -23.34
N LEU A 130 -6.89 -8.50 -22.31
CA LEU A 130 -5.53 -9.08 -22.11
C LEU A 130 -5.70 -10.59 -21.83
N GLN A 131 -6.87 -11.10 -22.28
CA GLN A 131 -7.32 -12.47 -22.10
C GLN A 131 -6.50 -13.48 -22.94
N GLY A 132 -6.19 -13.07 -24.18
CA GLY A 132 -5.45 -13.91 -25.14
C GLY A 132 -3.98 -14.16 -24.77
N ARG A 133 -3.52 -13.49 -23.70
CA ARG A 133 -2.16 -13.64 -23.15
C ARG A 133 -1.89 -15.09 -22.68
N HIS A 134 -2.96 -15.76 -22.22
CA HIS A 134 -2.88 -17.12 -21.64
C HIS A 134 -2.83 -18.24 -22.70
N LYS A 135 -1.90 -19.18 -22.49
CA LYS A 135 -2.00 -20.54 -23.04
C LYS A 135 -2.63 -21.41 -21.92
N CYS A 136 -3.95 -21.59 -21.97
CA CYS A 136 -4.73 -22.23 -20.88
C CYS A 136 -4.73 -23.78 -20.98
N ILE A 137 -3.88 -24.33 -21.88
CA ILE A 137 -3.62 -25.77 -22.01
C ILE A 137 -2.09 -26.00 -22.06
N MET A 1 40.88 5.97 25.73
CA MET A 1 40.20 4.95 24.89
C MET A 1 38.95 5.56 24.25
N ALA A 2 38.87 5.47 22.90
CA ALA A 2 37.73 5.93 22.10
C ALA A 2 37.67 5.12 20.80
N ALA A 3 36.80 4.10 20.76
CA ALA A 3 36.64 3.19 19.61
C ALA A 3 35.14 3.03 19.28
N THR A 4 34.66 3.88 18.36
CA THR A 4 33.27 3.89 17.89
C THR A 4 33.18 4.75 16.61
N ALA A 5 32.57 4.20 15.56
CA ALA A 5 32.45 4.86 14.24
C ALA A 5 31.05 5.45 14.04
N ARG A 6 30.87 6.14 12.90
CA ARG A 6 29.57 6.69 12.47
C ARG A 6 29.32 6.24 11.01
N GLU A 7 28.19 5.56 10.78
CA GLU A 7 27.78 5.09 9.44
C GLU A 7 26.28 4.76 9.47
N ASP A 8 25.55 5.29 8.48
CA ASP A 8 24.08 5.11 8.37
C ASP A 8 23.63 5.52 6.95
N GLY A 9 22.49 4.93 6.50
CA GLY A 9 21.98 5.16 5.14
C GLY A 9 20.46 5.33 5.11
N ALA A 10 19.92 6.03 6.13
CA ALA A 10 18.48 6.38 6.17
C ALA A 10 18.21 7.59 5.26
N THR A 11 18.00 7.30 3.96
CA THR A 11 17.77 8.33 2.93
C THR A 11 17.03 7.69 1.73
N GLY A 12 15.69 7.84 1.73
CA GLY A 12 14.84 7.36 0.64
C GLY A 12 14.97 8.20 -0.63
N GLU A 13 15.12 9.53 -0.43
CA GLU A 13 15.24 10.57 -1.49
C GLU A 13 13.91 10.75 -2.27
N GLU A 14 13.49 9.70 -3.00
CA GLU A 14 12.21 9.68 -3.72
C GLU A 14 11.04 9.69 -2.72
N ARG A 15 10.21 10.74 -2.83
CA ARG A 15 9.08 11.00 -1.92
C ARG A 15 7.75 10.61 -2.59
N GLY A 16 7.61 10.99 -3.87
CA GLY A 16 6.32 10.95 -4.58
C GLY A 16 5.40 12.07 -4.08
N GLN A 17 4.66 11.78 -3.00
CA GLN A 17 3.87 12.76 -2.24
C GLN A 17 3.70 12.24 -0.79
N ARG A 18 2.92 11.16 -0.64
CA ARG A 18 2.80 10.40 0.62
C ARG A 18 2.93 8.93 0.21
N GLY A 19 3.71 8.17 0.98
CA GLY A 19 3.92 6.77 0.70
C GLY A 19 5.26 6.50 0.04
N CYS A 20 5.21 6.03 -1.19
CA CYS A 20 6.38 5.54 -1.95
C CYS A 20 6.02 5.53 -3.44
N GLU A 21 7.03 5.50 -4.33
CA GLU A 21 6.79 5.42 -5.80
C GLU A 21 6.07 4.10 -6.20
N HIS A 22 6.16 3.07 -5.32
CA HIS A 22 5.43 1.81 -5.49
C HIS A 22 3.92 2.01 -5.22
N TYR A 23 3.57 2.60 -4.04
CA TYR A 23 2.16 2.80 -3.61
C TYR A 23 1.95 4.22 -3.08
N ASP A 24 0.94 4.92 -3.64
CA ASP A 24 0.59 6.29 -3.27
C ASP A 24 -0.49 6.27 -2.19
N ARG A 25 -0.04 6.31 -0.93
CA ARG A 25 -0.93 6.19 0.24
C ARG A 25 -0.44 7.03 1.41
N GLY A 26 -1.40 7.51 2.22
CA GLY A 26 -1.12 8.30 3.42
C GLY A 26 -0.85 7.42 4.65
N CYS A 27 -0.42 6.16 4.43
CA CYS A 27 -0.08 5.23 5.52
C CYS A 27 1.07 4.29 5.14
N LEU A 28 1.96 4.03 6.12
CA LEU A 28 3.05 3.05 5.98
C LEU A 28 2.61 1.74 6.66
N LEU A 29 2.85 0.59 6.00
CA LEU A 29 2.59 -0.75 6.59
C LEU A 29 3.55 -0.98 7.77
N LYS A 30 3.02 -1.01 8.99
CA LYS A 30 3.82 -1.30 10.18
C LYS A 30 4.15 -2.80 10.21
N ALA A 31 5.43 -3.13 10.00
CA ALA A 31 5.96 -4.49 10.12
C ALA A 31 5.86 -4.94 11.60
N PRO A 32 4.95 -5.91 11.96
CA PRO A 32 4.76 -6.35 13.37
C PRO A 32 5.98 -7.13 13.90
N CYS A 33 6.73 -7.68 12.94
CA CYS A 33 7.94 -8.46 13.18
C CYS A 33 9.15 -7.57 13.56
N CYS A 34 9.06 -6.26 13.26
CA CYS A 34 10.19 -5.30 13.46
C CYS A 34 9.77 -3.97 14.13
N ASP A 35 8.45 -3.74 14.31
CA ASP A 35 7.87 -2.41 14.71
C ASP A 35 8.23 -1.28 13.72
N LYS A 36 8.63 -1.67 12.50
CA LYS A 36 9.12 -0.76 11.45
C LYS A 36 7.96 -0.25 10.59
N LEU A 37 8.21 0.85 9.85
CA LEU A 37 7.18 1.55 9.05
C LEU A 37 7.63 1.65 7.58
N TYR A 38 7.01 0.86 6.68
CA TYR A 38 7.31 0.87 5.23
C TYR A 38 6.00 0.82 4.44
N THR A 39 5.85 1.71 3.43
CA THR A 39 4.69 1.70 2.51
C THR A 39 4.45 0.31 1.87
N CYS A 40 5.57 -0.38 1.57
CA CYS A 40 5.57 -1.64 0.83
C CYS A 40 6.22 -2.74 1.69
N ARG A 41 5.63 -3.95 1.65
CA ARG A 41 6.17 -5.13 2.33
C ARG A 41 7.58 -5.51 1.77
N LEU A 42 7.78 -5.25 0.46
CA LEU A 42 9.05 -5.52 -0.23
C LEU A 42 10.12 -4.46 0.10
N CYS A 43 9.68 -3.22 0.41
CA CYS A 43 10.60 -2.12 0.85
C CYS A 43 11.18 -2.41 2.25
N HIS A 44 10.43 -3.22 3.05
CA HIS A 44 10.94 -3.79 4.32
C HIS A 44 12.11 -4.73 4.04
N ASP A 45 11.89 -5.71 3.13
CA ASP A 45 12.88 -6.76 2.79
C ASP A 45 14.12 -6.14 2.12
N ASN A 46 13.94 -5.02 1.42
CA ASN A 46 15.02 -4.25 0.79
C ASN A 46 15.95 -3.61 1.86
N ASN A 47 15.35 -3.18 2.98
CA ASN A 47 16.08 -2.47 4.06
C ASN A 47 16.56 -3.44 5.15
N GLU A 48 15.85 -4.58 5.34
CA GLU A 48 16.08 -5.52 6.44
C GLU A 48 16.48 -6.92 5.91
N ASP A 49 16.73 -7.86 6.84
CA ASP A 49 17.34 -9.18 6.53
C ASP A 49 16.32 -10.20 5.99
N HIS A 50 15.06 -10.12 6.45
CA HIS A 50 14.02 -11.12 6.11
C HIS A 50 12.87 -10.46 5.32
N GLN A 51 11.97 -11.30 4.78
CA GLN A 51 10.83 -10.87 3.94
C GLN A 51 9.60 -10.50 4.80
N LEU A 52 8.84 -9.50 4.35
CA LEU A 52 7.54 -9.11 4.93
C LEU A 52 6.46 -9.50 3.90
N ASP A 53 5.34 -10.08 4.35
CA ASP A 53 4.16 -10.30 3.49
C ASP A 53 3.10 -9.25 3.88
N ARG A 54 2.42 -8.68 2.86
CA ARG A 54 1.50 -7.53 3.05
C ARG A 54 0.29 -7.86 3.96
N PHE A 55 -0.05 -9.16 4.10
CA PHE A 55 -1.21 -9.59 4.91
C PHE A 55 -0.85 -9.68 6.41
N LYS A 56 0.46 -9.86 6.69
CA LYS A 56 0.99 -10.10 8.04
C LYS A 56 0.90 -8.85 8.94
N VAL A 57 0.91 -7.66 8.33
CA VAL A 57 0.80 -6.39 9.07
C VAL A 57 -0.61 -6.24 9.67
N LYS A 58 -0.72 -5.39 10.69
CA LYS A 58 -1.98 -5.17 11.45
C LYS A 58 -2.21 -3.65 11.61
N GLU A 59 -1.10 -2.94 11.88
CA GLU A 59 -1.08 -1.51 12.09
C GLU A 59 -0.49 -0.79 10.88
N VAL A 60 -0.78 0.51 10.80
CA VAL A 60 -0.34 1.42 9.74
C VAL A 60 -0.17 2.82 10.35
N GLN A 61 0.94 3.51 10.06
CA GLN A 61 1.17 4.87 10.60
C GLN A 61 0.70 5.93 9.59
N CYS A 62 0.27 7.07 10.10
CA CYS A 62 -0.26 8.19 9.32
C CYS A 62 0.88 9.12 8.92
N ILE A 63 1.14 9.28 7.61
CA ILE A 63 2.31 10.03 7.08
C ILE A 63 1.99 11.55 7.06
N ASN A 64 1.63 12.07 8.25
CA ASN A 64 1.11 13.43 8.42
C ASN A 64 1.23 13.85 9.91
N CYS A 65 0.74 12.99 10.83
CA CYS A 65 0.90 13.22 12.31
C CYS A 65 1.75 12.10 12.95
N GLU A 66 2.20 11.14 12.11
CA GLU A 66 3.10 10.01 12.50
C GLU A 66 2.52 9.08 13.59
N LYS A 67 1.23 9.26 13.90
CA LYS A 67 0.49 8.45 14.86
C LYS A 67 0.29 7.04 14.28
N ILE A 68 0.51 6.01 15.13
CA ILE A 68 0.28 4.61 14.75
C ILE A 68 -1.22 4.33 14.91
N GLN A 69 -1.79 3.77 13.84
CA GLN A 69 -3.22 3.44 13.76
C GLN A 69 -3.37 1.93 13.59
N HIS A 70 -4.59 1.45 13.76
CA HIS A 70 -5.00 0.12 13.30
C HIS A 70 -5.27 0.23 11.79
N ALA A 71 -5.18 -0.89 11.05
CA ALA A 71 -5.40 -0.89 9.59
C ALA A 71 -6.84 -0.45 9.25
N GLN A 72 -6.95 0.81 8.81
CA GLN A 72 -8.21 1.51 8.53
C GLN A 72 -7.99 2.46 7.33
N GLN A 73 -9.08 2.92 6.69
CA GLN A 73 -9.02 3.83 5.53
C GLN A 73 -8.57 5.24 5.94
N THR A 74 -8.97 5.68 7.14
CA THR A 74 -8.77 7.05 7.59
C THR A 74 -8.08 7.08 8.98
N CYS A 75 -7.39 8.19 9.25
CA CYS A 75 -6.80 8.51 10.56
C CYS A 75 -7.86 9.19 11.42
N GLU A 76 -8.30 8.51 12.46
CA GLU A 76 -9.19 9.08 13.49
C GLU A 76 -8.51 10.29 14.20
N GLU A 77 -7.16 10.27 14.24
CA GLU A 77 -6.33 11.26 14.93
C GLU A 77 -6.34 12.66 14.22
N CYS A 78 -6.41 12.69 12.86
CA CYS A 78 -6.40 14.00 12.10
C CYS A 78 -7.09 13.89 10.71
N SER A 79 -8.05 12.94 10.58
CA SER A 79 -8.92 12.79 9.38
C SER A 79 -8.14 12.57 8.06
N THR A 80 -6.92 12.01 8.15
CA THR A 80 -6.07 11.74 6.98
C THR A 80 -6.59 10.54 6.18
N LEU A 81 -6.99 10.79 4.92
CA LEU A 81 -7.40 9.73 4.00
C LEU A 81 -6.15 8.97 3.50
N PHE A 82 -5.98 7.73 3.98
CA PHE A 82 -4.84 6.87 3.63
C PHE A 82 -4.93 6.36 2.18
N GLY A 83 -6.16 6.25 1.67
CA GLY A 83 -6.38 5.81 0.31
C GLY A 83 -7.83 5.93 -0.09
N GLU A 84 -8.05 6.26 -1.38
CA GLU A 84 -9.40 6.34 -1.97
C GLU A 84 -10.05 4.96 -1.95
N TYR A 85 -9.26 3.97 -2.39
CA TYR A 85 -9.60 2.54 -2.27
C TYR A 85 -8.98 2.01 -0.97
N TYR A 86 -9.74 1.19 -0.24
CA TYR A 86 -9.28 0.59 1.03
C TYR A 86 -9.63 -0.90 1.07
N CYS A 87 -8.84 -1.68 1.82
CA CYS A 87 -9.07 -3.12 2.00
C CYS A 87 -8.14 -3.68 3.08
N ASP A 88 -8.73 -4.13 4.21
CA ASP A 88 -7.99 -4.66 5.37
C ASP A 88 -7.57 -6.13 5.15
N ILE A 89 -8.40 -6.90 4.42
CA ILE A 89 -8.12 -8.31 4.12
C ILE A 89 -6.73 -8.46 3.42
N CYS A 90 -6.45 -7.49 2.53
CA CYS A 90 -5.17 -7.40 1.80
C CYS A 90 -4.20 -6.44 2.51
N HIS A 91 -4.75 -5.60 3.41
CA HIS A 91 -4.02 -4.55 4.18
C HIS A 91 -3.48 -3.41 3.28
N LEU A 92 -4.05 -3.31 2.07
CA LEU A 92 -3.68 -2.24 1.12
C LEU A 92 -4.69 -1.12 1.25
N PHE A 93 -4.19 0.11 1.35
CA PHE A 93 -5.00 1.33 1.32
C PHE A 93 -4.23 2.30 0.43
N ASP A 94 -4.75 2.61 -0.76
CA ASP A 94 -4.07 3.50 -1.72
C ASP A 94 -5.10 4.17 -2.62
N LYS A 95 -4.65 5.06 -3.51
CA LYS A 95 -5.53 5.77 -4.45
C LYS A 95 -6.27 4.78 -5.37
N ASP A 96 -7.55 5.08 -5.69
CA ASP A 96 -8.35 4.19 -6.55
C ASP A 96 -7.87 4.39 -7.98
N LYS A 97 -7.24 3.36 -8.51
CA LYS A 97 -6.68 3.33 -9.86
C LYS A 97 -7.33 2.17 -10.60
N LYS A 98 -8.68 2.13 -10.45
CA LYS A 98 -9.58 1.17 -11.09
C LYS A 98 -9.42 -0.25 -10.54
N GLN A 99 -8.64 -0.43 -9.45
CA GLN A 99 -8.31 -1.76 -8.91
C GLN A 99 -9.57 -2.47 -8.37
N TYR A 100 -9.58 -3.82 -8.46
CA TYR A 100 -10.74 -4.66 -8.09
C TYR A 100 -10.32 -5.71 -7.05
N HIS A 101 -11.11 -5.85 -5.98
CA HIS A 101 -10.93 -6.96 -5.02
C HIS A 101 -11.71 -8.18 -5.49
N CYS A 102 -10.96 -9.15 -6.04
CA CYS A 102 -11.47 -10.46 -6.43
C CYS A 102 -11.81 -11.26 -5.16
N GLU A 103 -13.09 -11.65 -5.03
CA GLU A 103 -13.64 -12.29 -3.81
C GLU A 103 -13.03 -13.69 -3.61
N ASN A 104 -12.96 -14.47 -4.72
CA ASN A 104 -12.45 -15.85 -4.74
C ASN A 104 -10.98 -15.91 -4.29
N CYS A 105 -10.14 -15.09 -4.93
CA CYS A 105 -8.69 -15.03 -4.65
C CYS A 105 -8.42 -14.25 -3.34
N GLY A 106 -9.41 -13.45 -2.92
CA GLY A 106 -9.37 -12.75 -1.64
C GLY A 106 -8.41 -11.56 -1.63
N ILE A 107 -8.04 -11.08 -2.84
CA ILE A 107 -7.01 -10.03 -3.01
C ILE A 107 -7.46 -8.98 -4.03
N CYS A 108 -6.88 -7.76 -3.94
CA CYS A 108 -6.99 -6.73 -4.99
C CYS A 108 -5.61 -6.30 -5.49
N ARG A 109 -5.57 -5.88 -6.76
CA ARG A 109 -4.35 -5.41 -7.45
C ARG A 109 -4.77 -4.36 -8.49
N ILE A 110 -3.83 -3.49 -8.88
CA ILE A 110 -4.08 -2.41 -9.86
C ILE A 110 -4.43 -3.03 -11.25
N GLY A 111 -5.71 -2.92 -11.61
CA GLY A 111 -6.27 -3.52 -12.83
C GLY A 111 -7.66 -2.99 -13.02
N PRO A 112 -8.08 -2.62 -14.27
CA PRO A 112 -9.35 -1.93 -14.47
C PRO A 112 -10.54 -2.89 -14.21
N LYS A 113 -11.33 -2.54 -13.18
CA LYS A 113 -12.46 -3.34 -12.69
C LYS A 113 -13.58 -3.46 -13.74
N GLU A 114 -13.63 -2.48 -14.65
CA GLU A 114 -14.54 -2.46 -15.80
C GLU A 114 -14.15 -3.52 -16.85
N ASP A 115 -12.84 -3.81 -16.97
CA ASP A 115 -12.29 -4.62 -18.10
C ASP A 115 -11.81 -6.01 -17.64
N PHE A 116 -11.91 -6.35 -16.34
CA PHE A 116 -11.34 -7.61 -15.82
C PHE A 116 -12.33 -8.80 -15.97
N PHE A 117 -11.78 -10.01 -15.78
CA PHE A 117 -12.53 -11.24 -15.55
C PHE A 117 -11.63 -12.22 -14.77
N HIS A 118 -12.16 -12.82 -13.69
CA HIS A 118 -11.49 -13.91 -12.96
C HIS A 118 -11.66 -15.22 -13.74
N CYS A 119 -10.54 -15.92 -14.02
CA CYS A 119 -10.57 -17.21 -14.73
C CYS A 119 -10.83 -18.37 -13.77
N LEU A 120 -11.75 -19.26 -14.18
CA LEU A 120 -11.88 -20.60 -13.59
C LEU A 120 -10.66 -21.42 -14.03
N LYS A 121 -10.41 -21.40 -15.35
CA LYS A 121 -9.25 -22.01 -15.99
C LYS A 121 -8.10 -21.00 -16.09
N CYS A 122 -7.35 -20.86 -14.97
CA CYS A 122 -6.07 -20.11 -14.81
C CYS A 122 -5.85 -19.81 -13.32
N ASN A 123 -6.99 -19.46 -12.62
CA ASN A 123 -7.03 -18.91 -11.23
C ASN A 123 -6.67 -17.40 -11.21
N LEU A 124 -5.70 -17.00 -12.05
CA LEU A 124 -5.34 -15.58 -12.26
C LEU A 124 -6.52 -14.84 -12.93
N CYS A 125 -6.65 -13.53 -12.63
CA CYS A 125 -7.78 -12.70 -13.08
C CYS A 125 -7.27 -11.71 -14.13
N LEU A 126 -7.62 -11.96 -15.39
CA LEU A 126 -7.04 -11.25 -16.56
C LEU A 126 -7.91 -10.05 -16.94
N ALA A 127 -7.41 -9.26 -17.88
CA ALA A 127 -8.15 -8.17 -18.54
C ALA A 127 -8.71 -8.68 -19.89
N MET A 128 -9.71 -7.98 -20.44
CA MET A 128 -10.24 -8.28 -21.81
C MET A 128 -9.19 -7.92 -22.88
N ASN A 129 -8.15 -7.20 -22.46
CA ASN A 129 -6.92 -6.96 -23.25
C ASN A 129 -5.98 -8.18 -23.18
N LEU A 130 -5.95 -8.81 -21.98
CA LEU A 130 -5.06 -9.96 -21.65
C LEU A 130 -5.74 -11.31 -22.07
N GLN A 131 -6.76 -11.21 -22.92
CA GLN A 131 -7.57 -12.35 -23.44
C GLN A 131 -6.76 -13.41 -24.24
N GLY A 132 -5.48 -13.14 -24.55
CA GLY A 132 -4.66 -14.06 -25.35
C GLY A 132 -3.42 -14.57 -24.62
N ARG A 133 -3.09 -13.97 -23.46
CA ARG A 133 -1.81 -14.23 -22.76
C ARG A 133 -2.07 -15.08 -21.48
N HIS A 134 -2.80 -16.20 -21.66
CA HIS A 134 -3.13 -17.14 -20.57
C HIS A 134 -3.39 -18.54 -21.15
N LYS A 135 -2.74 -19.57 -20.55
CA LYS A 135 -3.04 -20.97 -20.86
C LYS A 135 -4.37 -21.36 -20.18
N CYS A 136 -5.46 -21.10 -20.91
CA CYS A 136 -6.84 -21.38 -20.43
C CYS A 136 -7.23 -22.85 -20.71
N ILE A 137 -6.31 -23.60 -21.33
CA ILE A 137 -6.41 -25.06 -21.55
C ILE A 137 -5.31 -25.79 -20.75
N MET A 1 -4.42 51.76 22.42
CA MET A 1 -4.99 53.03 21.90
C MET A 1 -5.40 52.86 20.43
N ALA A 2 -4.40 52.66 19.53
CA ALA A 2 -4.62 52.49 18.08
C ALA A 2 -3.60 51.51 17.49
N ALA A 3 -2.31 51.86 17.63
CA ALA A 3 -1.18 51.04 17.13
C ALA A 3 -1.04 49.75 17.95
N THR A 4 -0.90 48.61 17.26
CA THR A 4 -0.83 47.27 17.89
C THR A 4 -0.05 46.29 16.99
N ALA A 5 0.32 45.12 17.54
CA ALA A 5 1.02 44.07 16.80
C ALA A 5 0.03 42.95 16.41
N ARG A 6 -0.41 42.95 15.14
CA ARG A 6 -1.30 41.92 14.59
C ARG A 6 -0.49 40.80 13.92
N GLU A 7 -1.12 39.63 13.73
CA GLU A 7 -0.45 38.40 13.28
C GLU A 7 0.13 38.53 11.85
N ASP A 8 1.46 38.41 11.75
CA ASP A 8 2.20 38.39 10.48
C ASP A 8 2.77 36.98 10.19
N GLY A 9 2.38 36.00 11.04
CA GLY A 9 2.81 34.60 10.89
C GLY A 9 2.22 33.93 9.65
N ALA A 10 2.88 34.14 8.50
CA ALA A 10 2.48 33.57 7.21
C ALA A 10 3.11 32.18 7.04
N THR A 11 2.46 31.16 7.62
CA THR A 11 2.88 29.77 7.52
C THR A 11 2.43 29.18 6.17
N GLY A 12 3.40 29.02 5.25
CA GLY A 12 3.18 28.44 3.94
C GLY A 12 3.75 27.03 3.82
N GLU A 13 3.64 26.24 4.92
CA GLU A 13 4.14 24.86 4.95
C GLU A 13 3.25 23.92 4.11
N GLU A 14 3.57 23.86 2.81
CA GLU A 14 3.10 22.81 1.88
C GLU A 14 4.03 21.57 2.02
N ARG A 15 5.22 21.83 2.60
CA ARG A 15 6.26 20.84 2.93
C ARG A 15 5.67 19.71 3.82
N GLY A 16 5.40 18.56 3.20
CA GLY A 16 4.81 17.41 3.89
C GLY A 16 4.21 16.41 2.91
N GLN A 17 5.10 15.82 2.08
CA GLN A 17 4.72 14.77 1.12
C GLN A 17 4.44 13.45 1.86
N ARG A 18 3.47 12.66 1.36
CA ARG A 18 3.05 11.38 1.97
C ARG A 18 2.76 10.34 0.88
N GLY A 19 3.23 9.10 1.11
CA GLY A 19 2.96 7.97 0.22
C GLY A 19 4.22 7.35 -0.35
N CYS A 20 4.05 6.57 -1.42
CA CYS A 20 5.14 5.97 -2.21
C CYS A 20 4.62 5.74 -3.63
N GLU A 21 5.56 5.57 -4.58
CA GLU A 21 5.24 5.37 -6.01
C GLU A 21 4.35 4.13 -6.27
N HIS A 22 4.39 3.17 -5.33
CA HIS A 22 3.68 1.87 -5.45
C HIS A 22 2.23 1.98 -4.92
N TYR A 23 2.04 2.71 -3.80
CA TYR A 23 0.71 2.96 -3.21
C TYR A 23 0.64 4.43 -2.78
N ASP A 24 -0.28 5.20 -3.40
CA ASP A 24 -0.53 6.61 -3.05
C ASP A 24 -1.48 6.67 -1.85
N ARG A 25 -0.89 6.68 -0.65
CA ARG A 25 -1.63 6.62 0.63
C ARG A 25 -0.95 7.50 1.69
N GLY A 26 -1.76 8.07 2.60
CA GLY A 26 -1.26 8.94 3.67
C GLY A 26 -0.79 8.16 4.90
N CYS A 27 -0.40 6.87 4.71
CA CYS A 27 0.03 6.00 5.82
C CYS A 27 1.04 4.90 5.35
N LEU A 28 1.89 4.46 6.31
CA LEU A 28 2.87 3.37 6.13
C LEU A 28 2.32 2.08 6.80
N LEU A 29 2.60 0.90 6.22
CA LEU A 29 2.24 -0.41 6.84
C LEU A 29 3.26 -0.76 7.96
N LYS A 30 2.76 -1.07 9.16
CA LYS A 30 3.63 -1.52 10.27
C LYS A 30 3.86 -3.03 10.18
N ALA A 31 5.10 -3.41 9.83
CA ALA A 31 5.57 -4.79 9.82
C ALA A 31 5.72 -5.28 11.27
N PRO A 32 4.87 -6.26 11.76
CA PRO A 32 4.93 -6.73 13.17
C PRO A 32 6.19 -7.57 13.45
N CYS A 33 6.80 -8.08 12.36
CA CYS A 33 8.04 -8.87 12.38
C CYS A 33 9.28 -8.00 12.67
N CYS A 34 9.16 -6.69 12.38
CA CYS A 34 10.29 -5.74 12.48
C CYS A 34 9.95 -4.50 13.37
N ASP A 35 8.64 -4.29 13.63
CA ASP A 35 8.10 -3.05 14.25
C ASP A 35 8.48 -1.79 13.44
N LYS A 36 8.78 -1.99 12.15
CA LYS A 36 9.21 -0.92 11.24
C LYS A 36 8.10 -0.56 10.25
N LEU A 37 8.18 0.65 9.70
CA LEU A 37 7.12 1.28 8.89
C LEU A 37 7.54 1.37 7.42
N TYR A 38 6.75 0.73 6.55
CA TYR A 38 6.98 0.66 5.09
C TYR A 38 5.62 0.78 4.36
N THR A 39 5.46 1.78 3.45
CA THR A 39 4.22 1.96 2.64
C THR A 39 3.82 0.65 1.90
N CYS A 40 4.84 -0.09 1.45
CA CYS A 40 4.68 -1.28 0.63
C CYS A 40 5.32 -2.50 1.32
N ARG A 41 4.71 -3.68 1.13
CA ARG A 41 5.29 -4.97 1.56
C ARG A 41 6.64 -5.25 0.84
N LEU A 42 6.73 -4.78 -0.42
CA LEU A 42 7.90 -4.97 -1.29
C LEU A 42 9.07 -4.03 -0.92
N CYS A 43 8.74 -2.82 -0.42
CA CYS A 43 9.76 -1.82 0.00
C CYS A 43 10.46 -2.25 1.32
N HIS A 44 9.78 -3.11 2.11
CA HIS A 44 10.39 -3.84 3.25
C HIS A 44 11.38 -4.90 2.72
N ASP A 45 10.90 -5.73 1.77
CA ASP A 45 11.65 -6.86 1.17
C ASP A 45 12.98 -6.41 0.55
N ASN A 46 12.94 -5.25 -0.12
CA ASN A 46 14.13 -4.66 -0.80
C ASN A 46 15.31 -4.44 0.17
N ASN A 47 14.98 -3.99 1.38
CA ASN A 47 15.96 -3.55 2.39
C ASN A 47 16.41 -4.71 3.28
N GLU A 48 15.52 -5.71 3.48
CA GLU A 48 15.73 -6.81 4.44
C GLU A 48 15.99 -8.14 3.74
N ASP A 49 16.37 -9.16 4.53
CA ASP A 49 16.63 -10.53 4.05
C ASP A 49 15.31 -11.28 3.78
N HIS A 50 14.27 -11.00 4.60
CA HIS A 50 12.97 -11.69 4.51
C HIS A 50 11.90 -10.77 3.90
N GLN A 51 10.83 -11.37 3.35
CA GLN A 51 9.77 -10.67 2.63
C GLN A 51 8.60 -10.35 3.56
N LEU A 52 7.96 -9.19 3.34
CA LEU A 52 6.72 -8.80 4.03
C LEU A 52 5.54 -9.29 3.18
N ASP A 53 4.46 -9.72 3.85
CA ASP A 53 3.17 -10.03 3.20
C ASP A 53 2.14 -9.02 3.74
N ARG A 54 1.24 -8.54 2.85
CA ARG A 54 0.29 -7.46 3.21
C ARG A 54 -0.85 -7.95 4.16
N PHE A 55 -0.95 -9.28 4.35
CA PHE A 55 -1.91 -9.88 5.29
C PHE A 55 -1.31 -9.98 6.72
N LYS A 56 0.04 -9.96 6.82
CA LYS A 56 0.75 -10.12 8.10
C LYS A 56 0.78 -8.81 8.90
N VAL A 57 0.79 -7.67 8.20
CA VAL A 57 0.68 -6.34 8.86
C VAL A 57 -0.72 -6.18 9.47
N LYS A 58 -0.79 -5.47 10.61
CA LYS A 58 -2.08 -5.19 11.31
C LYS A 58 -2.22 -3.69 11.47
N GLU A 59 -1.18 -3.10 12.06
CA GLU A 59 -1.10 -1.66 12.31
C GLU A 59 -0.48 -0.92 11.14
N VAL A 60 -0.44 0.40 11.32
CA VAL A 60 0.04 1.39 10.33
C VAL A 60 0.55 2.63 11.11
N GLN A 61 1.05 3.66 10.39
CA GLN A 61 1.30 5.00 10.96
C GLN A 61 0.86 6.06 9.95
N CYS A 62 0.43 7.21 10.44
CA CYS A 62 -0.03 8.35 9.62
C CYS A 62 1.15 9.25 9.28
N ILE A 63 1.45 9.47 7.97
CA ILE A 63 2.62 10.25 7.51
C ILE A 63 2.27 11.76 7.62
N ASN A 64 2.14 12.18 8.87
CA ASN A 64 1.52 13.45 9.30
C ASN A 64 1.69 13.57 10.83
N CYS A 65 1.26 12.51 11.55
CA CYS A 65 1.34 12.43 13.04
C CYS A 65 2.55 11.58 13.49
N GLU A 66 2.84 10.55 12.67
CA GLU A 66 3.74 9.42 13.00
C GLU A 66 3.17 8.56 14.16
N LYS A 67 1.83 8.67 14.37
CA LYS A 67 1.08 7.90 15.36
C LYS A 67 0.92 6.45 14.88
N ILE A 68 1.34 5.49 15.74
CA ILE A 68 1.17 4.06 15.48
C ILE A 68 -0.25 3.68 15.92
N GLN A 69 -1.04 3.24 14.95
CA GLN A 69 -2.48 2.99 15.12
C GLN A 69 -2.89 1.80 14.25
N HIS A 70 -4.01 1.15 14.59
CA HIS A 70 -4.55 0.02 13.79
C HIS A 70 -5.04 0.52 12.40
N ALA A 71 -5.13 -0.41 11.44
CA ALA A 71 -5.53 -0.10 10.04
C ALA A 71 -6.99 0.44 9.96
N GLN A 72 -7.12 1.75 10.07
CA GLN A 72 -8.40 2.49 10.01
C GLN A 72 -8.42 3.30 8.69
N GLN A 73 -9.58 3.84 8.25
CA GLN A 73 -9.65 4.61 6.98
C GLN A 73 -9.32 6.09 7.19
N THR A 74 -9.66 6.62 8.38
CA THR A 74 -9.38 8.02 8.74
C THR A 74 -8.64 8.07 10.08
N CYS A 75 -7.68 8.99 10.17
CA CYS A 75 -6.86 9.22 11.38
C CYS A 75 -7.64 10.13 12.33
N GLU A 76 -7.96 9.59 13.50
CA GLU A 76 -8.84 10.24 14.49
C GLU A 76 -8.39 11.66 14.90
N GLU A 77 -7.07 11.86 15.15
CA GLU A 77 -6.58 13.08 15.82
C GLU A 77 -6.37 14.29 14.84
N CYS A 78 -6.24 14.01 13.51
CA CYS A 78 -5.98 15.05 12.46
C CYS A 78 -7.01 14.98 11.32
N SER A 79 -7.84 13.91 11.29
CA SER A 79 -8.88 13.68 10.28
C SER A 79 -8.28 13.55 8.85
N THR A 80 -7.06 12.95 8.76
CA THR A 80 -6.38 12.72 7.48
C THR A 80 -6.69 11.32 6.95
N LEU A 81 -7.02 11.24 5.66
CA LEU A 81 -7.41 10.00 4.98
C LEU A 81 -6.17 9.13 4.68
N PHE A 82 -6.33 7.81 4.84
CA PHE A 82 -5.29 6.82 4.53
C PHE A 82 -5.28 6.55 3.02
N GLY A 83 -6.48 6.44 2.44
CA GLY A 83 -6.66 6.23 1.01
C GLY A 83 -8.13 6.26 0.62
N GLU A 84 -8.43 6.73 -0.62
CA GLU A 84 -9.80 6.75 -1.17
C GLU A 84 -10.39 5.33 -1.10
N TYR A 85 -9.61 4.39 -1.60
CA TYR A 85 -9.89 2.96 -1.53
C TYR A 85 -9.29 2.39 -0.21
N TYR A 86 -10.16 1.70 0.53
CA TYR A 86 -9.81 1.00 1.78
C TYR A 86 -10.07 -0.51 1.59
N CYS A 87 -9.16 -1.35 2.09
CA CYS A 87 -9.34 -2.81 2.14
C CYS A 87 -8.63 -3.33 3.39
N ASP A 88 -9.40 -3.85 4.35
CA ASP A 88 -8.92 -4.10 5.74
C ASP A 88 -8.03 -5.35 5.83
N ILE A 89 -8.43 -6.43 5.12
CA ILE A 89 -7.73 -7.74 5.18
C ILE A 89 -6.37 -7.64 4.48
N CYS A 90 -6.36 -6.95 3.31
CA CYS A 90 -5.14 -6.75 2.51
C CYS A 90 -4.30 -5.61 3.10
N HIS A 91 -4.95 -4.73 3.90
CA HIS A 91 -4.31 -3.57 4.58
C HIS A 91 -3.77 -2.51 3.59
N LEU A 92 -3.89 -2.77 2.27
CA LEU A 92 -3.36 -1.87 1.23
C LEU A 92 -4.41 -0.79 0.95
N PHE A 93 -4.01 0.47 1.15
CA PHE A 93 -4.87 1.64 0.95
C PHE A 93 -4.24 2.46 -0.19
N ASP A 94 -5.07 3.06 -1.02
CA ASP A 94 -4.61 3.76 -2.24
C ASP A 94 -5.72 4.71 -2.73
N LYS A 95 -5.41 5.53 -3.74
CA LYS A 95 -6.41 6.33 -4.46
C LYS A 95 -7.43 5.41 -5.18
N ASP A 96 -8.66 5.89 -5.39
CA ASP A 96 -9.66 5.14 -6.13
C ASP A 96 -9.39 5.32 -7.63
N LYS A 97 -8.93 4.24 -8.28
CA LYS A 97 -8.47 4.24 -9.68
C LYS A 97 -9.36 3.29 -10.50
N LYS A 98 -8.89 2.02 -10.70
CA LYS A 98 -9.64 0.98 -11.44
C LYS A 98 -9.51 -0.39 -10.75
N GLN A 99 -8.81 -0.41 -9.59
CA GLN A 99 -8.47 -1.65 -8.85
C GLN A 99 -9.73 -2.34 -8.30
N TYR A 100 -9.75 -3.68 -8.38
CA TYR A 100 -10.86 -4.52 -7.90
C TYR A 100 -10.30 -5.60 -6.94
N HIS A 101 -11.01 -5.85 -5.83
CA HIS A 101 -10.70 -6.96 -4.92
C HIS A 101 -11.39 -8.23 -5.42
N CYS A 102 -10.58 -9.13 -5.96
CA CYS A 102 -11.00 -10.48 -6.32
C CYS A 102 -10.99 -11.35 -5.07
N GLU A 103 -12.18 -11.85 -4.66
CA GLU A 103 -12.32 -12.72 -3.49
C GLU A 103 -11.78 -14.14 -3.78
N ASN A 104 -11.86 -14.59 -5.06
CA ASN A 104 -11.33 -15.90 -5.50
C ASN A 104 -9.80 -15.99 -5.29
N CYS A 105 -9.07 -14.93 -5.69
CA CYS A 105 -7.60 -14.82 -5.47
C CYS A 105 -7.31 -14.34 -4.03
N GLY A 106 -8.26 -13.61 -3.45
CA GLY A 106 -8.19 -13.15 -2.06
C GLY A 106 -7.42 -11.84 -1.90
N ILE A 107 -7.04 -11.22 -3.04
CA ILE A 107 -6.20 -10.00 -3.07
C ILE A 107 -6.86 -8.92 -3.94
N CYS A 108 -6.23 -7.74 -3.95
CA CYS A 108 -6.50 -6.65 -4.90
C CYS A 108 -5.18 -5.97 -5.26
N ARG A 109 -5.10 -5.53 -6.50
CA ARG A 109 -3.93 -4.86 -7.07
C ARG A 109 -4.46 -3.83 -8.07
N ILE A 110 -3.68 -2.76 -8.33
CA ILE A 110 -4.05 -1.73 -9.32
C ILE A 110 -4.20 -2.41 -10.70
N GLY A 111 -5.45 -2.66 -11.08
CA GLY A 111 -5.78 -3.48 -12.25
C GLY A 111 -7.16 -3.13 -12.72
N PRO A 112 -7.34 -2.61 -13.97
CA PRO A 112 -8.65 -2.25 -14.50
C PRO A 112 -9.49 -3.51 -14.75
N LYS A 113 -10.59 -3.66 -14.01
CA LYS A 113 -11.46 -4.85 -14.05
C LYS A 113 -12.01 -5.17 -15.47
N GLU A 114 -12.10 -4.12 -16.31
CA GLU A 114 -12.53 -4.22 -17.71
C GLU A 114 -11.50 -4.97 -18.58
N ASP A 115 -10.21 -4.88 -18.22
CA ASP A 115 -9.13 -5.62 -18.89
C ASP A 115 -8.80 -6.89 -18.10
N PHE A 116 -8.40 -6.66 -16.85
CA PHE A 116 -7.88 -7.69 -15.95
C PHE A 116 -9.08 -8.35 -15.26
N PHE A 117 -9.24 -9.65 -15.50
CA PHE A 117 -10.43 -10.43 -15.12
C PHE A 117 -9.99 -11.69 -14.36
N HIS A 118 -10.95 -12.40 -13.75
CA HIS A 118 -10.70 -13.72 -13.14
C HIS A 118 -11.20 -14.81 -14.10
N CYS A 119 -10.37 -15.82 -14.33
CA CYS A 119 -10.73 -16.99 -15.15
C CYS A 119 -10.99 -18.17 -14.20
N LEU A 120 -12.09 -18.91 -14.43
CA LEU A 120 -12.52 -20.04 -13.57
C LEU A 120 -11.48 -21.17 -13.65
N LYS A 121 -11.24 -21.61 -14.90
CA LYS A 121 -10.07 -22.43 -15.23
C LYS A 121 -8.85 -21.50 -15.28
N CYS A 122 -7.64 -22.03 -15.04
CA CYS A 122 -6.43 -21.21 -14.78
C CYS A 122 -6.71 -20.38 -13.50
N ASN A 123 -6.45 -20.98 -12.33
CA ASN A 123 -6.95 -20.51 -11.02
C ASN A 123 -6.18 -19.26 -10.50
N LEU A 124 -6.45 -18.12 -11.17
CA LEU A 124 -5.86 -16.80 -10.86
C LEU A 124 -6.54 -15.74 -11.75
N CYS A 125 -6.10 -14.47 -11.64
CA CYS A 125 -6.56 -13.38 -12.52
C CYS A 125 -5.59 -13.18 -13.68
N LEU A 126 -6.16 -13.13 -14.90
CA LEU A 126 -5.40 -12.95 -16.15
C LEU A 126 -5.85 -11.64 -16.81
N ALA A 127 -4.94 -11.00 -17.56
CA ALA A 127 -5.22 -9.76 -18.30
C ALA A 127 -5.92 -10.09 -19.61
N MET A 128 -6.59 -9.09 -20.20
CA MET A 128 -7.24 -9.23 -21.51
C MET A 128 -6.18 -9.25 -22.64
N ASN A 129 -4.97 -8.77 -22.29
CA ASN A 129 -3.75 -8.94 -23.12
C ASN A 129 -3.22 -10.39 -23.01
N LEU A 130 -3.42 -11.01 -21.83
CA LEU A 130 -2.97 -12.40 -21.52
C LEU A 130 -3.94 -13.43 -22.17
N GLN A 131 -5.11 -12.97 -22.66
CA GLN A 131 -6.00 -13.83 -23.49
C GLN A 131 -5.24 -14.31 -24.75
N GLY A 132 -5.45 -15.58 -25.12
CA GLY A 132 -4.69 -16.23 -26.20
C GLY A 132 -3.49 -17.02 -25.67
N ARG A 133 -3.25 -16.96 -24.34
CA ARG A 133 -2.13 -17.65 -23.66
C ARG A 133 -2.66 -18.79 -22.77
N HIS A 134 -3.59 -18.46 -21.86
CA HIS A 134 -4.12 -19.41 -20.84
C HIS A 134 -5.19 -20.36 -21.43
N LYS A 135 -4.85 -21.65 -21.60
CA LYS A 135 -5.83 -22.69 -21.98
C LYS A 135 -6.86 -22.86 -20.85
N CYS A 136 -8.12 -23.07 -21.21
CA CYS A 136 -9.23 -23.05 -20.26
C CYS A 136 -10.08 -24.33 -20.37
N ILE A 137 -9.39 -25.44 -20.70
CA ILE A 137 -10.00 -26.79 -20.78
C ILE A 137 -9.86 -27.50 -19.41
N MET A 1 -5.13 57.71 -15.17
CA MET A 1 -5.69 56.35 -15.46
C MET A 1 -4.56 55.33 -15.72
N ALA A 2 -3.34 55.66 -15.24
CA ALA A 2 -2.15 54.79 -15.37
C ALA A 2 -2.11 53.72 -14.27
N ALA A 3 -1.07 52.86 -14.32
CA ALA A 3 -0.86 51.78 -13.34
C ALA A 3 -0.54 52.35 -11.93
N THR A 4 -1.53 52.28 -11.03
CA THR A 4 -1.43 52.81 -9.66
C THR A 4 -0.47 51.95 -8.79
N ALA A 5 -0.84 50.66 -8.59
CA ALA A 5 -0.07 49.70 -7.78
C ALA A 5 -0.55 48.27 -8.07
N ARG A 6 0.16 47.56 -8.95
CA ARG A 6 -0.12 46.15 -9.28
C ARG A 6 0.50 45.23 -8.22
N GLU A 7 -0.32 44.83 -7.24
CA GLU A 7 0.10 43.96 -6.11
C GLU A 7 0.13 42.48 -6.54
N ASP A 8 0.87 41.65 -5.77
CA ASP A 8 0.99 40.20 -6.04
C ASP A 8 1.25 39.45 -4.71
N GLY A 9 0.76 38.20 -4.64
CA GLY A 9 0.95 37.34 -3.47
C GLY A 9 0.91 35.87 -3.85
N ALA A 10 1.52 35.53 -4.99
CA ALA A 10 1.50 34.16 -5.55
C ALA A 10 2.55 33.28 -4.83
N THR A 11 2.14 32.77 -3.66
CA THR A 11 2.97 31.90 -2.79
C THR A 11 2.05 30.85 -2.12
N GLY A 12 2.23 29.57 -2.49
CA GLY A 12 1.44 28.49 -1.93
C GLY A 12 2.08 27.13 -2.18
N GLU A 13 2.38 26.40 -1.10
CA GLU A 13 2.92 25.03 -1.16
C GLU A 13 2.40 24.18 0.02
N GLU A 14 2.76 22.89 0.00
CA GLU A 14 2.48 21.94 1.09
C GLU A 14 3.68 20.98 1.18
N ARG A 15 4.10 20.64 2.41
CA ARG A 15 5.39 19.96 2.67
C ARG A 15 5.18 18.66 3.49
N GLY A 16 6.12 17.71 3.33
CA GLY A 16 6.06 16.41 4.00
C GLY A 16 5.48 15.33 3.11
N GLN A 17 6.35 14.52 2.50
CA GLN A 17 5.96 13.44 1.57
C GLN A 17 5.23 12.31 2.32
N ARG A 18 4.09 11.86 1.76
CA ARG A 18 3.35 10.68 2.24
C ARG A 18 2.99 9.80 1.04
N GLY A 19 3.63 8.63 0.96
CA GLY A 19 3.43 7.67 -0.12
C GLY A 19 4.76 7.16 -0.65
N CYS A 20 4.70 6.42 -1.77
CA CYS A 20 5.88 5.85 -2.45
C CYS A 20 5.52 5.52 -3.90
N GLU A 21 6.57 5.30 -4.73
CA GLU A 21 6.43 4.96 -6.17
C GLU A 21 5.69 3.61 -6.39
N HIS A 22 5.58 2.80 -5.34
CA HIS A 22 4.90 1.49 -5.37
C HIS A 22 3.43 1.63 -4.93
N TYR A 23 3.20 2.37 -3.84
CA TYR A 23 1.84 2.62 -3.28
C TYR A 23 1.76 4.09 -2.83
N ASP A 24 0.80 4.86 -3.38
CA ASP A 24 0.48 6.20 -2.87
C ASP A 24 -0.52 6.06 -1.73
N ARG A 25 -0.02 6.17 -0.50
CA ARG A 25 -0.84 6.10 0.71
C ARG A 25 -0.29 7.07 1.78
N GLY A 26 -1.21 7.58 2.63
CA GLY A 26 -0.84 8.44 3.75
C GLY A 26 -0.45 7.65 4.99
N CYS A 27 -0.03 6.38 4.80
CA CYS A 27 0.27 5.46 5.90
C CYS A 27 1.49 4.57 5.60
N LEU A 28 1.99 3.90 6.66
CA LEU A 28 3.13 2.97 6.59
C LEU A 28 2.73 1.64 7.25
N LEU A 29 2.95 0.53 6.53
CA LEU A 29 2.69 -0.83 7.04
C LEU A 29 3.59 -1.12 8.25
N LYS A 30 2.99 -1.11 9.46
CA LYS A 30 3.69 -1.50 10.69
C LYS A 30 3.86 -3.02 10.69
N ALA A 31 5.09 -3.44 10.43
CA ALA A 31 5.47 -4.85 10.28
C ALA A 31 5.72 -5.46 11.67
N PRO A 32 4.81 -6.33 12.21
CA PRO A 32 4.95 -6.89 13.57
C PRO A 32 6.13 -7.88 13.69
N CYS A 33 6.71 -8.24 12.53
CA CYS A 33 7.90 -9.09 12.42
C CYS A 33 9.15 -8.41 13.02
N CYS A 34 9.15 -7.05 13.06
CA CYS A 34 10.29 -6.26 13.63
C CYS A 34 9.86 -4.84 14.06
N ASP A 35 8.53 -4.59 14.12
CA ASP A 35 7.92 -3.30 14.56
C ASP A 35 8.36 -2.07 13.71
N LYS A 36 8.73 -2.32 12.43
CA LYS A 36 9.25 -1.26 11.52
C LYS A 36 8.17 -0.78 10.53
N LEU A 37 8.30 0.48 10.10
CA LEU A 37 7.26 1.21 9.32
C LEU A 37 7.71 1.40 7.86
N TYR A 38 6.99 0.76 6.91
CA TYR A 38 7.28 0.86 5.45
C TYR A 38 5.99 0.91 4.63
N THR A 39 5.91 1.83 3.65
CA THR A 39 4.77 1.94 2.70
C THR A 39 4.53 0.62 1.94
N CYS A 40 5.63 -0.09 1.66
CA CYS A 40 5.63 -1.30 0.82
C CYS A 40 6.29 -2.45 1.56
N ARG A 41 5.91 -3.69 1.21
CA ARG A 41 6.57 -4.89 1.73
C ARG A 41 8.01 -5.02 1.16
N LEU A 42 8.17 -4.79 -0.15
CA LEU A 42 9.48 -4.87 -0.83
C LEU A 42 10.47 -3.77 -0.37
N CYS A 43 9.94 -2.57 -0.01
CA CYS A 43 10.77 -1.47 0.53
C CYS A 43 11.33 -1.82 1.93
N HIS A 44 10.58 -2.67 2.67
CA HIS A 44 11.07 -3.30 3.92
C HIS A 44 12.22 -4.28 3.59
N ASP A 45 11.94 -5.20 2.65
CA ASP A 45 12.85 -6.31 2.27
C ASP A 45 14.23 -5.79 1.79
N ASN A 46 14.25 -4.56 1.26
CA ASN A 46 15.49 -3.86 0.82
C ASN A 46 16.49 -3.68 2.00
N ASN A 47 15.94 -3.31 3.16
CA ASN A 47 16.75 -2.98 4.37
C ASN A 47 16.90 -4.20 5.31
N GLU A 48 16.11 -5.25 5.05
CA GLU A 48 15.93 -6.38 5.97
C GLU A 48 16.53 -7.69 5.41
N ASP A 49 16.84 -8.59 6.34
CA ASP A 49 17.24 -9.98 6.07
C ASP A 49 16.01 -10.84 5.71
N HIS A 50 14.85 -10.49 6.31
CA HIS A 50 13.60 -11.27 6.19
C HIS A 50 12.54 -10.47 5.40
N GLN A 51 11.35 -11.07 5.16
CA GLN A 51 10.30 -10.46 4.33
C GLN A 51 9.11 -9.94 5.18
N LEU A 52 8.53 -8.82 4.73
CA LEU A 52 7.25 -8.32 5.22
C LEU A 52 6.17 -8.99 4.37
N ASP A 53 5.11 -9.49 5.02
CA ASP A 53 3.95 -10.05 4.33
C ASP A 53 2.72 -9.19 4.65
N ARG A 54 1.96 -8.87 3.60
CA ARG A 54 0.75 -8.01 3.67
C ARG A 54 -0.39 -8.63 4.53
N PHE A 55 -0.36 -9.96 4.75
CA PHE A 55 -1.35 -10.65 5.62
C PHE A 55 -0.89 -10.70 7.09
N LYS A 56 0.38 -10.34 7.35
CA LYS A 56 0.96 -10.36 8.71
C LYS A 56 0.80 -9.02 9.43
N VAL A 57 0.83 -7.89 8.68
CA VAL A 57 0.67 -6.55 9.26
C VAL A 57 -0.76 -6.34 9.80
N LYS A 58 -0.88 -5.55 10.88
CA LYS A 58 -2.14 -5.30 11.59
C LYS A 58 -2.35 -3.79 11.74
N GLU A 59 -1.32 -3.13 12.24
CA GLU A 59 -1.29 -1.69 12.44
C GLU A 59 -0.58 -0.99 11.28
N VAL A 60 -0.58 0.35 11.38
CA VAL A 60 0.07 1.27 10.46
C VAL A 60 0.52 2.50 11.27
N GLN A 61 1.14 3.47 10.60
CA GLN A 61 1.24 4.84 11.14
C GLN A 61 0.83 5.83 10.05
N CYS A 62 0.54 7.07 10.45
CA CYS A 62 0.13 8.15 9.56
C CYS A 62 1.35 9.00 9.23
N ILE A 63 1.76 9.06 7.97
CA ILE A 63 3.02 9.74 7.57
C ILE A 63 2.90 11.29 7.78
N ASN A 64 1.64 11.78 7.77
CA ASN A 64 1.32 13.22 7.86
C ASN A 64 1.52 13.77 9.32
N CYS A 65 1.07 13.00 10.34
CA CYS A 65 1.10 13.44 11.78
C CYS A 65 1.76 12.40 12.69
N GLU A 66 2.43 11.41 12.07
CA GLU A 66 3.34 10.43 12.73
C GLU A 66 2.63 9.48 13.74
N LYS A 67 1.30 9.55 13.84
CA LYS A 67 0.53 8.80 14.86
C LYS A 67 0.43 7.30 14.52
N ILE A 68 0.61 6.48 15.57
CA ILE A 68 0.50 5.02 15.50
C ILE A 68 -0.97 4.64 15.74
N GLN A 69 -1.54 3.90 14.78
CA GLN A 69 -2.98 3.54 14.77
C GLN A 69 -3.18 2.26 13.95
N HIS A 70 -4.38 1.65 14.06
CA HIS A 70 -4.68 0.38 13.35
C HIS A 70 -4.87 0.64 11.84
N ALA A 71 -4.87 -0.45 11.05
CA ALA A 71 -5.07 -0.38 9.59
C ALA A 71 -6.52 0.08 9.27
N GLN A 72 -6.67 1.38 8.99
CA GLN A 72 -7.94 2.02 8.65
C GLN A 72 -7.80 2.83 7.35
N GLN A 73 -8.90 3.44 6.89
CA GLN A 73 -8.91 4.23 5.64
C GLN A 73 -8.65 5.72 5.93
N THR A 74 -9.10 6.18 7.11
CA THR A 74 -9.00 7.60 7.51
C THR A 74 -8.39 7.71 8.92
N CYS A 75 -7.43 8.62 9.08
CA CYS A 75 -6.74 8.87 10.35
C CYS A 75 -7.68 9.59 11.32
N GLU A 76 -7.96 8.94 12.45
CA GLU A 76 -8.88 9.46 13.49
C GLU A 76 -8.28 10.63 14.31
N GLU A 77 -7.09 11.16 13.91
CA GLU A 77 -6.43 12.28 14.63
C GLU A 77 -6.14 13.50 13.70
N CYS A 78 -6.39 13.36 12.37
CA CYS A 78 -6.23 14.51 11.42
C CYS A 78 -7.10 14.35 10.15
N SER A 79 -8.01 13.33 10.14
CA SER A 79 -8.95 13.05 9.02
C SER A 79 -8.25 12.82 7.65
N THR A 80 -6.97 12.40 7.69
CA THR A 80 -6.16 12.17 6.48
C THR A 80 -6.51 10.80 5.86
N LEU A 81 -6.92 10.84 4.58
CA LEU A 81 -7.25 9.65 3.79
C LEU A 81 -5.96 8.87 3.44
N PHE A 82 -5.82 7.68 4.04
CA PHE A 82 -4.69 6.76 3.77
C PHE A 82 -4.76 6.19 2.35
N GLY A 83 -5.98 6.03 1.82
CA GLY A 83 -6.17 5.52 0.47
C GLY A 83 -7.61 5.69 0.01
N GLU A 84 -7.79 6.13 -1.25
CA GLU A 84 -9.14 6.27 -1.86
C GLU A 84 -9.87 4.92 -1.84
N TYR A 85 -9.08 3.85 -2.06
CA TYR A 85 -9.53 2.48 -1.99
C TYR A 85 -8.93 1.81 -0.74
N TYR A 86 -9.80 1.32 0.16
CA TYR A 86 -9.40 0.61 1.38
C TYR A 86 -9.60 -0.90 1.17
N CYS A 87 -8.77 -1.70 1.88
CA CYS A 87 -8.94 -3.14 1.98
C CYS A 87 -8.05 -3.68 3.10
N ASP A 88 -8.68 -4.23 4.16
CA ASP A 88 -7.97 -4.77 5.33
C ASP A 88 -7.42 -6.17 5.07
N ILE A 89 -8.11 -6.96 4.22
CA ILE A 89 -7.73 -8.36 3.92
C ILE A 89 -6.35 -8.41 3.24
N CYS A 90 -6.16 -7.55 2.23
CA CYS A 90 -4.89 -7.45 1.48
C CYS A 90 -3.93 -6.44 2.16
N HIS A 91 -4.51 -5.57 3.03
CA HIS A 91 -3.79 -4.46 3.71
C HIS A 91 -3.16 -3.45 2.71
N LEU A 92 -3.70 -3.42 1.47
CA LEU A 92 -3.28 -2.44 0.47
C LEU A 92 -4.22 -1.22 0.57
N PHE A 93 -3.61 -0.06 0.77
CA PHE A 93 -4.30 1.24 0.84
C PHE A 93 -3.66 2.11 -0.23
N ASP A 94 -4.43 2.53 -1.22
CA ASP A 94 -3.90 3.19 -2.41
C ASP A 94 -5.02 3.97 -3.11
N LYS A 95 -4.62 4.77 -4.12
CA LYS A 95 -5.53 5.54 -4.97
C LYS A 95 -6.56 4.62 -5.68
N ASP A 96 -7.71 5.19 -6.02
CA ASP A 96 -8.75 4.48 -6.77
C ASP A 96 -8.48 4.69 -8.26
N LYS A 97 -8.05 3.60 -8.92
CA LYS A 97 -7.80 3.56 -10.36
C LYS A 97 -8.47 2.31 -10.90
N LYS A 98 -9.83 2.34 -10.82
CA LYS A 98 -10.72 1.32 -11.38
C LYS A 98 -10.64 -0.05 -10.65
N GLN A 99 -9.77 -0.13 -9.61
CA GLN A 99 -9.41 -1.41 -8.96
C GLN A 99 -10.60 -1.97 -8.14
N TYR A 100 -10.67 -3.30 -8.04
CA TYR A 100 -11.82 -4.01 -7.44
C TYR A 100 -11.29 -5.24 -6.66
N HIS A 101 -11.88 -5.52 -5.49
CA HIS A 101 -11.46 -6.69 -4.66
C HIS A 101 -12.24 -7.95 -5.09
N CYS A 102 -11.48 -8.98 -5.43
CA CYS A 102 -12.00 -10.31 -5.72
C CYS A 102 -12.00 -11.18 -4.45
N GLU A 103 -13.15 -11.79 -4.13
CA GLU A 103 -13.25 -12.79 -3.05
C GLU A 103 -12.62 -14.12 -3.52
N ASN A 104 -12.87 -14.48 -4.81
CA ASN A 104 -12.34 -15.72 -5.43
C ASN A 104 -10.81 -15.69 -5.52
N CYS A 105 -10.27 -14.59 -6.10
CA CYS A 105 -8.82 -14.40 -6.24
C CYS A 105 -8.18 -14.02 -4.88
N GLY A 106 -9.01 -13.52 -3.95
CA GLY A 106 -8.58 -13.21 -2.57
C GLY A 106 -7.95 -11.85 -2.42
N ILE A 107 -7.77 -11.12 -3.55
CA ILE A 107 -7.01 -9.86 -3.62
C ILE A 107 -7.68 -8.85 -4.56
N CYS A 108 -7.26 -7.57 -4.42
CA CYS A 108 -7.56 -6.49 -5.38
C CYS A 108 -6.28 -6.05 -6.09
N ARG A 109 -6.44 -5.64 -7.35
CA ARG A 109 -5.32 -5.21 -8.22
C ARG A 109 -5.87 -4.11 -9.15
N ILE A 110 -4.97 -3.17 -9.58
CA ILE A 110 -5.34 -2.07 -10.50
C ILE A 110 -5.85 -2.68 -11.83
N GLY A 111 -7.17 -2.68 -12.00
CA GLY A 111 -7.80 -3.33 -13.13
C GLY A 111 -9.26 -2.89 -13.23
N PRO A 112 -9.70 -2.35 -14.42
CA PRO A 112 -11.10 -1.96 -14.61
C PRO A 112 -12.00 -3.20 -14.67
N LYS A 113 -12.85 -3.39 -13.64
CA LYS A 113 -13.69 -4.61 -13.44
C LYS A 113 -14.51 -5.01 -14.69
N GLU A 114 -14.89 -4.01 -15.49
CA GLU A 114 -15.62 -4.19 -16.75
C GLU A 114 -14.79 -4.99 -17.79
N ASP A 115 -13.46 -4.77 -17.78
CA ASP A 115 -12.51 -5.45 -18.69
C ASP A 115 -11.72 -6.56 -17.93
N PHE A 116 -11.65 -6.47 -16.60
CA PHE A 116 -10.79 -7.35 -15.78
C PHE A 116 -11.68 -8.40 -15.08
N PHE A 117 -11.34 -9.68 -15.25
CA PHE A 117 -12.15 -10.83 -14.81
C PHE A 117 -11.23 -11.97 -14.33
N HIS A 118 -11.82 -13.08 -13.86
CA HIS A 118 -11.08 -14.30 -13.44
C HIS A 118 -11.64 -15.52 -14.21
N CYS A 119 -10.74 -16.46 -14.54
CA CYS A 119 -11.04 -17.63 -15.39
C CYS A 119 -12.02 -18.60 -14.70
N LEU A 120 -12.85 -19.29 -15.51
CA LEU A 120 -13.79 -20.31 -15.01
C LEU A 120 -13.06 -21.66 -14.82
N LYS A 121 -12.12 -21.97 -15.73
CA LYS A 121 -11.33 -23.22 -15.70
C LYS A 121 -9.90 -22.95 -15.17
N CYS A 122 -9.05 -22.32 -16.04
CA CYS A 122 -7.62 -22.06 -15.72
C CYS A 122 -7.47 -20.80 -14.85
N ASN A 123 -7.82 -20.93 -13.55
CA ASN A 123 -8.10 -19.80 -12.63
C ASN A 123 -6.90 -18.80 -12.52
N LEU A 124 -7.16 -17.55 -12.96
CA LEU A 124 -6.21 -16.40 -12.93
C LEU A 124 -7.02 -15.14 -13.33
N CYS A 125 -6.62 -13.95 -12.84
CA CYS A 125 -7.35 -12.69 -13.14
C CYS A 125 -6.69 -11.96 -14.33
N LEU A 126 -7.41 -11.91 -15.47
CA LEU A 126 -6.90 -11.27 -16.71
C LEU A 126 -7.71 -10.01 -17.04
N ALA A 127 -7.25 -9.33 -18.09
CA ALA A 127 -8.03 -8.37 -18.86
C ALA A 127 -8.73 -9.12 -20.03
N MET A 128 -9.79 -8.52 -20.62
CA MET A 128 -10.46 -9.11 -21.82
C MET A 128 -9.50 -9.05 -23.03
N ASN A 129 -8.54 -8.12 -22.96
CA ASN A 129 -7.45 -7.98 -23.93
C ASN A 129 -6.33 -9.01 -23.68
N LEU A 130 -6.24 -9.49 -22.42
CA LEU A 130 -5.19 -10.44 -21.99
C LEU A 130 -5.61 -11.90 -22.36
N GLN A 131 -6.89 -12.08 -22.72
CA GLN A 131 -7.42 -13.34 -23.26
C GLN A 131 -6.60 -13.82 -24.48
N GLY A 132 -6.29 -15.12 -24.51
CA GLY A 132 -5.41 -15.70 -25.53
C GLY A 132 -3.95 -15.79 -25.09
N ARG A 133 -3.55 -14.92 -24.12
CA ARG A 133 -2.14 -14.84 -23.64
C ARG A 133 -1.96 -15.52 -22.26
N HIS A 134 -3.07 -15.80 -21.56
CA HIS A 134 -3.05 -16.43 -20.22
C HIS A 134 -2.71 -17.93 -20.27
N LYS A 135 -1.41 -18.25 -20.17
CA LYS A 135 -0.94 -19.63 -19.96
C LYS A 135 -0.95 -19.96 -18.45
N CYS A 136 -2.17 -20.02 -17.89
CA CYS A 136 -2.41 -20.18 -16.44
C CYS A 136 -2.01 -21.59 -15.95
N ILE A 137 -1.79 -22.53 -16.90
CA ILE A 137 -1.28 -23.87 -16.58
C ILE A 137 0.23 -23.77 -16.21
N MET A 1 53.17 16.96 -11.58
CA MET A 1 52.33 16.90 -10.35
C MET A 1 50.85 17.09 -10.70
N ALA A 2 49.96 16.56 -9.85
CA ALA A 2 48.50 16.65 -10.02
C ALA A 2 47.82 16.79 -8.63
N ALA A 3 47.69 18.05 -8.17
CA ALA A 3 46.95 18.39 -6.94
C ALA A 3 45.54 18.87 -7.31
N THR A 4 44.60 17.92 -7.40
CA THR A 4 43.22 18.19 -7.84
C THR A 4 42.32 18.56 -6.65
N ALA A 5 41.71 19.75 -6.71
CA ALA A 5 40.76 20.25 -5.69
C ALA A 5 39.40 19.57 -5.87
N ARG A 6 39.03 18.70 -4.92
CA ARG A 6 37.79 17.90 -4.99
C ARG A 6 36.64 18.63 -4.27
N GLU A 7 36.12 19.66 -4.95
CA GLU A 7 34.93 20.42 -4.50
C GLU A 7 33.65 19.61 -4.82
N ASP A 8 33.78 18.69 -5.81
CA ASP A 8 32.72 17.78 -6.23
C ASP A 8 32.45 16.69 -5.16
N GLY A 9 31.21 16.18 -5.13
CA GLY A 9 30.80 15.13 -4.19
C GLY A 9 29.96 15.69 -3.05
N ALA A 10 28.80 15.06 -2.80
CA ALA A 10 27.84 15.47 -1.76
C ALA A 10 27.02 14.26 -1.28
N THR A 11 26.36 14.41 -0.12
CA THR A 11 25.53 13.37 0.49
C THR A 11 24.23 14.01 1.03
N GLY A 12 23.09 13.59 0.45
CA GLY A 12 21.77 14.09 0.85
C GLY A 12 20.69 13.04 0.64
N GLU A 13 19.48 13.33 1.17
CA GLU A 13 18.36 12.38 1.18
C GLU A 13 17.05 13.10 1.53
N GLU A 14 15.91 12.41 1.34
CA GLU A 14 14.57 12.94 1.64
C GLU A 14 13.65 11.78 2.10
N ARG A 15 12.98 11.98 3.25
CA ARG A 15 11.96 11.04 3.78
C ARG A 15 10.88 11.82 4.57
N GLY A 16 10.99 13.16 4.59
CA GLY A 16 10.01 14.04 5.26
C GLY A 16 8.81 14.31 4.35
N GLN A 17 8.31 13.24 3.71
CA GLN A 17 7.18 13.29 2.77
C GLN A 17 6.23 12.12 3.08
N ARG A 18 4.91 12.35 2.96
CA ARG A 18 3.93 11.27 3.07
C ARG A 18 3.68 10.67 1.68
N GLY A 19 3.70 9.32 1.58
CA GLY A 19 3.69 8.62 0.29
C GLY A 19 5.06 8.07 -0.08
N CYS A 20 5.08 7.30 -1.17
CA CYS A 20 6.30 6.72 -1.77
C CYS A 20 5.97 6.40 -3.23
N GLU A 21 6.94 6.55 -4.16
CA GLU A 21 6.69 6.40 -5.62
C GLU A 21 6.15 4.99 -6.00
N HIS A 22 6.37 4.01 -5.10
CA HIS A 22 5.88 2.62 -5.25
C HIS A 22 4.38 2.53 -4.97
N TYR A 23 3.92 3.17 -3.87
CA TYR A 23 2.50 3.11 -3.41
C TYR A 23 2.00 4.50 -3.00
N ASP A 24 0.87 4.92 -3.58
CA ASP A 24 0.22 6.22 -3.28
C ASP A 24 -0.65 6.08 -2.02
N ARG A 25 0.02 6.08 -0.86
CA ARG A 25 -0.63 6.10 0.45
C ARG A 25 0.26 6.92 1.39
N GLY A 26 -0.33 7.90 2.08
CA GLY A 26 0.42 8.76 3.02
C GLY A 26 0.60 8.11 4.39
N CYS A 27 0.95 6.81 4.37
CA CYS A 27 0.99 5.96 5.56
C CYS A 27 2.02 4.82 5.39
N LEU A 28 2.39 4.21 6.52
CA LEU A 28 3.46 3.20 6.61
C LEU A 28 2.91 1.88 7.18
N LEU A 29 3.28 0.76 6.55
CA LEU A 29 3.01 -0.61 7.08
C LEU A 29 3.89 -0.85 8.33
N LYS A 30 3.25 -0.98 9.51
CA LYS A 30 3.98 -1.29 10.75
C LYS A 30 4.12 -2.81 10.88
N ALA A 31 5.33 -3.30 10.62
CA ALA A 31 5.62 -4.74 10.52
C ALA A 31 6.01 -5.30 11.89
N PRO A 32 5.08 -6.06 12.60
CA PRO A 32 5.30 -6.52 14.01
C PRO A 32 6.51 -7.47 14.18
N CYS A 33 7.09 -7.91 13.05
CA CYS A 33 8.33 -8.70 13.02
C CYS A 33 9.51 -7.91 13.62
N CYS A 34 9.57 -6.59 13.33
CA CYS A 34 10.62 -5.70 13.83
C CYS A 34 10.06 -4.30 14.19
N ASP A 35 8.70 -4.21 14.25
CA ASP A 35 7.91 -2.97 14.47
C ASP A 35 8.40 -1.78 13.63
N LYS A 36 8.80 -2.07 12.38
CA LYS A 36 9.34 -1.06 11.45
C LYS A 36 8.27 -0.51 10.51
N LEU A 37 8.43 0.78 10.18
CA LEU A 37 7.44 1.59 9.47
C LEU A 37 7.92 1.88 8.03
N TYR A 38 7.29 1.24 7.03
CA TYR A 38 7.60 1.46 5.58
C TYR A 38 6.30 1.40 4.75
N THR A 39 6.10 2.40 3.86
CA THR A 39 4.94 2.50 2.95
C THR A 39 4.76 1.21 2.09
N CYS A 40 5.90 0.56 1.80
CA CYS A 40 5.94 -0.62 0.93
C CYS A 40 6.53 -1.82 1.70
N ARG A 41 6.03 -3.03 1.37
CA ARG A 41 6.64 -4.30 1.79
C ARG A 41 8.11 -4.39 1.28
N LEU A 42 8.30 -3.99 0.01
CA LEU A 42 9.61 -4.04 -0.66
C LEU A 42 10.61 -3.02 -0.08
N CYS A 43 10.10 -1.85 0.40
CA CYS A 43 10.93 -0.81 1.06
C CYS A 43 11.40 -1.28 2.46
N HIS A 44 10.58 -2.15 3.09
CA HIS A 44 10.95 -2.84 4.33
C HIS A 44 12.08 -3.84 4.06
N ASP A 45 11.81 -4.78 3.13
CA ASP A 45 12.72 -5.88 2.77
C ASP A 45 14.09 -5.35 2.28
N ASN A 46 14.07 -4.17 1.62
CA ASN A 46 15.27 -3.50 1.08
C ASN A 46 16.32 -3.23 2.18
N ASN A 47 15.84 -2.80 3.36
CA ASN A 47 16.70 -2.47 4.52
C ASN A 47 16.86 -3.68 5.47
N GLU A 48 15.90 -4.62 5.40
CA GLU A 48 15.83 -5.79 6.28
C GLU A 48 16.48 -7.03 5.65
N ASP A 49 16.52 -8.10 6.45
CA ASP A 49 17.04 -9.43 6.03
C ASP A 49 15.88 -10.43 5.92
N HIS A 50 14.63 -9.90 5.81
CA HIS A 50 13.39 -10.71 5.77
C HIS A 50 12.26 -9.92 5.06
N GLN A 51 11.33 -10.67 4.43
CA GLN A 51 10.20 -10.09 3.63
C GLN A 51 9.00 -9.76 4.53
N LEU A 52 8.29 -8.67 4.20
CA LEU A 52 7.09 -8.23 4.93
C LEU A 52 5.85 -8.89 4.30
N ASP A 53 5.27 -9.91 4.96
CA ASP A 53 3.94 -10.42 4.61
C ASP A 53 2.90 -9.38 5.07
N ARG A 54 2.16 -8.82 4.11
CA ARG A 54 1.19 -7.72 4.37
C ARG A 54 0.04 -8.15 5.29
N PHE A 55 -0.21 -9.46 5.42
CA PHE A 55 -1.30 -9.98 6.27
C PHE A 55 -0.88 -9.94 7.75
N LYS A 56 0.44 -9.93 8.00
CA LYS A 56 1.04 -9.91 9.35
C LYS A 56 0.85 -8.56 10.05
N VAL A 57 0.82 -7.45 9.29
CA VAL A 57 0.77 -6.09 9.89
C VAL A 57 -0.56 -5.89 10.64
N LYS A 58 -0.47 -5.90 11.98
CA LYS A 58 -1.59 -5.58 12.88
C LYS A 58 -1.84 -4.06 12.87
N GLU A 59 -0.75 -3.31 12.65
CA GLU A 59 -0.75 -1.86 12.76
C GLU A 59 -0.21 -1.21 11.49
N VAL A 60 -0.29 0.10 11.50
CA VAL A 60 0.19 1.03 10.47
C VAL A 60 0.51 2.35 11.19
N GLN A 61 0.96 3.37 10.45
CA GLN A 61 0.99 4.73 10.98
C GLN A 61 0.70 5.75 9.88
N CYS A 62 0.30 6.92 10.32
CA CYS A 62 -0.01 8.08 9.47
C CYS A 62 1.23 8.97 9.45
N ILE A 63 1.89 9.12 8.28
CA ILE A 63 3.15 9.91 8.17
C ILE A 63 2.84 11.40 8.47
N ASN A 64 1.59 11.78 8.15
CA ASN A 64 1.05 13.12 8.39
C ASN A 64 0.42 13.22 9.81
N CYS A 65 1.30 13.12 10.81
CA CYS A 65 1.10 13.44 12.27
C CYS A 65 1.74 12.35 13.15
N GLU A 66 2.20 11.26 12.49
CA GLU A 66 2.99 10.16 13.13
C GLU A 66 2.09 9.25 14.00
N LYS A 67 0.76 9.29 13.75
CA LYS A 67 -0.23 8.52 14.51
C LYS A 67 -0.07 7.02 14.27
N ILE A 68 0.34 6.28 15.32
CA ILE A 68 0.38 4.81 15.32
C ILE A 68 -1.03 4.31 15.64
N GLN A 69 -1.61 3.56 14.70
CA GLN A 69 -2.99 3.07 14.80
C GLN A 69 -3.11 1.71 14.10
N HIS A 70 -4.26 1.06 14.28
CA HIS A 70 -4.57 -0.20 13.56
C HIS A 70 -4.81 0.11 12.06
N ALA A 71 -4.73 -0.94 11.22
CA ALA A 71 -4.95 -0.83 9.77
C ALA A 71 -6.38 -0.30 9.46
N GLN A 72 -6.46 0.98 9.06
CA GLN A 72 -7.73 1.72 8.85
C GLN A 72 -7.63 2.59 7.58
N GLN A 73 -8.78 2.98 6.98
CA GLN A 73 -8.79 3.77 5.73
C GLN A 73 -8.40 5.25 5.97
N THR A 74 -8.69 5.77 7.17
CA THR A 74 -8.44 7.19 7.48
C THR A 74 -7.82 7.34 8.88
N CYS A 75 -7.29 8.54 9.15
CA CYS A 75 -6.74 8.94 10.44
C CYS A 75 -7.73 9.87 11.13
N GLU A 76 -8.43 9.34 12.12
CA GLU A 76 -9.29 10.12 13.05
C GLU A 76 -8.53 11.31 13.71
N GLU A 77 -7.20 11.16 13.82
CA GLU A 77 -6.32 12.13 14.48
C GLU A 77 -6.17 13.44 13.67
N CYS A 78 -6.21 13.38 12.31
CA CYS A 78 -5.98 14.58 11.45
C CYS A 78 -6.60 14.42 10.03
N SER A 79 -7.57 13.50 9.88
CA SER A 79 -8.32 13.23 8.61
C SER A 79 -7.42 12.85 7.41
N THR A 80 -6.26 12.21 7.71
CA THR A 80 -5.35 11.68 6.66
C THR A 80 -6.00 10.45 6.00
N LEU A 81 -6.42 10.63 4.75
CA LEU A 81 -6.95 9.54 3.92
C LEU A 81 -5.77 8.66 3.44
N PHE A 82 -5.74 7.42 3.92
CA PHE A 82 -4.70 6.41 3.59
C PHE A 82 -4.84 5.97 2.13
N GLY A 83 -6.10 5.78 1.70
CA GLY A 83 -6.37 5.23 0.37
C GLY A 83 -7.81 5.40 -0.08
N GLU A 84 -7.98 5.93 -1.32
CA GLU A 84 -9.30 6.04 -2.01
C GLU A 84 -9.99 4.66 -2.00
N TYR A 85 -9.21 3.65 -2.44
CA TYR A 85 -9.60 2.25 -2.44
C TYR A 85 -8.87 1.54 -1.28
N TYR A 86 -9.65 0.94 -0.35
CA TYR A 86 -9.09 0.28 0.86
C TYR A 86 -9.56 -1.18 0.92
N CYS A 87 -8.78 -2.03 1.59
CA CYS A 87 -9.15 -3.43 1.82
C CYS A 87 -8.34 -4.00 2.99
N ASP A 88 -9.04 -4.33 4.09
CA ASP A 88 -8.45 -4.86 5.33
C ASP A 88 -8.04 -6.34 5.18
N ILE A 89 -8.82 -7.10 4.37
CA ILE A 89 -8.56 -8.53 4.08
C ILE A 89 -7.15 -8.71 3.48
N CYS A 90 -6.79 -7.78 2.58
CA CYS A 90 -5.50 -7.79 1.86
C CYS A 90 -4.50 -6.79 2.50
N HIS A 91 -4.98 -5.95 3.45
CA HIS A 91 -4.18 -4.91 4.16
C HIS A 91 -3.58 -3.86 3.19
N LEU A 92 -4.20 -3.68 2.02
CA LEU A 92 -3.74 -2.69 1.04
C LEU A 92 -4.70 -1.50 1.04
N PHE A 93 -4.16 -0.29 1.28
CA PHE A 93 -4.93 0.96 1.28
C PHE A 93 -4.16 1.94 0.38
N ASP A 94 -4.75 2.30 -0.76
CA ASP A 94 -4.03 3.07 -1.80
C ASP A 94 -5.06 3.85 -2.63
N LYS A 95 -4.58 4.67 -3.59
CA LYS A 95 -5.47 5.34 -4.56
C LYS A 95 -6.41 4.36 -5.27
N ASP A 96 -7.44 4.91 -5.91
CA ASP A 96 -8.24 4.15 -6.87
C ASP A 96 -7.43 4.15 -8.17
N LYS A 97 -6.87 2.99 -8.47
CA LYS A 97 -6.07 2.73 -9.68
C LYS A 97 -6.81 1.70 -10.51
N LYS A 98 -8.17 1.83 -10.46
CA LYS A 98 -9.14 1.03 -11.22
C LYS A 98 -9.16 -0.45 -10.76
N GLN A 99 -8.46 -0.75 -9.64
CA GLN A 99 -8.23 -2.13 -9.18
C GLN A 99 -9.52 -2.78 -8.61
N TYR A 100 -9.55 -4.11 -8.74
CA TYR A 100 -10.70 -4.97 -8.39
C TYR A 100 -10.27 -5.95 -7.29
N HIS A 101 -11.17 -6.30 -6.37
CA HIS A 101 -10.95 -7.42 -5.42
C HIS A 101 -11.71 -8.64 -5.94
N CYS A 102 -10.94 -9.58 -6.53
CA CYS A 102 -11.46 -10.87 -7.00
C CYS A 102 -11.81 -11.71 -5.76
N GLU A 103 -13.11 -11.96 -5.56
CA GLU A 103 -13.65 -12.51 -4.30
C GLU A 103 -13.27 -13.99 -4.09
N ASN A 104 -13.24 -14.80 -5.17
CA ASN A 104 -12.97 -16.25 -5.05
C ASN A 104 -11.48 -16.53 -4.77
N CYS A 105 -10.61 -15.65 -5.29
CA CYS A 105 -9.16 -15.65 -5.02
C CYS A 105 -8.87 -14.94 -3.67
N GLY A 106 -9.75 -13.98 -3.33
CA GLY A 106 -9.72 -13.30 -2.03
C GLY A 106 -8.69 -12.18 -1.95
N ILE A 107 -8.28 -11.65 -3.12
CA ILE A 107 -7.23 -10.60 -3.23
C ILE A 107 -7.64 -9.53 -4.24
N CYS A 108 -7.13 -8.29 -4.06
CA CYS A 108 -7.25 -7.23 -5.08
C CYS A 108 -5.89 -6.96 -5.74
N ARG A 109 -5.94 -6.65 -7.05
CA ARG A 109 -4.76 -6.51 -7.90
C ARG A 109 -5.03 -5.37 -8.90
N ILE A 110 -3.98 -4.58 -9.22
CA ILE A 110 -4.09 -3.39 -10.09
C ILE A 110 -4.43 -3.80 -11.54
N GLY A 111 -5.54 -3.25 -12.04
CA GLY A 111 -6.11 -3.62 -13.34
C GLY A 111 -7.50 -3.03 -13.44
N PRO A 112 -7.95 -2.55 -14.64
CA PRO A 112 -9.24 -1.88 -14.75
C PRO A 112 -10.40 -2.88 -14.55
N LYS A 113 -11.16 -2.66 -13.48
CA LYS A 113 -12.22 -3.58 -13.01
C LYS A 113 -13.36 -3.72 -14.04
N GLU A 114 -13.53 -2.69 -14.87
CA GLU A 114 -14.45 -2.68 -16.03
C GLU A 114 -14.04 -3.74 -17.09
N ASP A 115 -12.71 -3.89 -17.26
CA ASP A 115 -12.08 -4.78 -18.25
C ASP A 115 -11.67 -6.12 -17.58
N PHE A 116 -12.06 -6.30 -16.31
CA PHE A 116 -11.72 -7.49 -15.52
C PHE A 116 -12.74 -8.62 -15.73
N PHE A 117 -12.22 -9.85 -15.75
CA PHE A 117 -13.00 -11.08 -15.56
C PHE A 117 -12.08 -12.16 -14.96
N HIS A 118 -12.54 -12.86 -13.91
CA HIS A 118 -11.86 -14.07 -13.43
C HIS A 118 -12.29 -15.23 -14.34
N CYS A 119 -11.34 -16.13 -14.67
CA CYS A 119 -11.60 -17.28 -15.56
C CYS A 119 -11.67 -18.57 -14.71
N LEU A 120 -12.80 -19.30 -14.81
CA LEU A 120 -13.04 -20.55 -14.04
C LEU A 120 -12.16 -21.70 -14.58
N LYS A 121 -12.03 -21.75 -15.92
CA LYS A 121 -11.24 -22.77 -16.61
C LYS A 121 -9.89 -22.14 -17.00
N CYS A 122 -8.80 -22.65 -16.40
CA CYS A 122 -7.52 -21.93 -16.23
C CYS A 122 -7.77 -20.78 -15.23
N ASN A 123 -7.44 -21.06 -13.96
CA ASN A 123 -7.99 -20.38 -12.76
C ASN A 123 -7.32 -19.01 -12.46
N LEU A 124 -6.83 -18.31 -13.48
CA LEU A 124 -6.22 -16.96 -13.33
C LEU A 124 -7.30 -15.87 -13.58
N CYS A 125 -7.05 -14.65 -13.08
CA CYS A 125 -7.88 -13.47 -13.39
C CYS A 125 -7.23 -12.71 -14.57
N LEU A 126 -7.95 -12.54 -15.68
CA LEU A 126 -7.41 -11.91 -16.91
C LEU A 126 -8.11 -10.57 -17.19
N ALA A 127 -7.43 -9.77 -18.02
CA ALA A 127 -8.01 -8.57 -18.62
C ALA A 127 -8.74 -8.96 -19.92
N MET A 128 -9.75 -8.18 -20.29
CA MET A 128 -10.62 -8.45 -21.46
C MET A 128 -9.90 -8.00 -22.74
N ASN A 129 -8.95 -7.07 -22.57
CA ASN A 129 -7.96 -6.70 -23.61
C ASN A 129 -6.96 -7.86 -23.83
N LEU A 130 -6.67 -8.60 -22.74
CA LEU A 130 -5.65 -9.66 -22.70
C LEU A 130 -6.25 -11.03 -23.13
N GLN A 131 -7.61 -11.12 -23.14
CA GLN A 131 -8.33 -12.41 -23.34
C GLN A 131 -7.90 -13.14 -24.63
N GLY A 132 -7.87 -14.48 -24.58
CA GLY A 132 -7.34 -15.31 -25.67
C GLY A 132 -5.93 -15.82 -25.38
N ARG A 133 -5.12 -14.99 -24.67
CA ARG A 133 -3.72 -15.33 -24.28
C ARG A 133 -3.70 -16.51 -23.26
N HIS A 134 -4.84 -16.75 -22.62
CA HIS A 134 -5.02 -17.85 -21.64
C HIS A 134 -5.71 -19.04 -22.33
N LYS A 135 -4.95 -20.14 -22.51
CA LYS A 135 -5.51 -21.41 -22.99
C LYS A 135 -6.34 -22.06 -21.85
N CYS A 136 -7.57 -22.46 -22.16
CA CYS A 136 -8.50 -23.03 -21.17
C CYS A 136 -8.92 -24.46 -21.61
N ILE A 137 -8.01 -25.12 -22.36
CA ILE A 137 -8.23 -26.46 -22.93
C ILE A 137 -7.90 -27.52 -21.85
N MET A 1 30.86 6.30 -31.15
CA MET A 1 30.52 7.73 -30.94
C MET A 1 29.15 7.85 -30.26
N ALA A 2 29.04 8.77 -29.30
CA ALA A 2 27.81 9.03 -28.52
C ALA A 2 27.94 10.37 -27.79
N ALA A 3 26.82 11.11 -27.70
CA ALA A 3 26.75 12.36 -26.94
C ALA A 3 26.89 12.07 -25.44
N THR A 4 27.79 12.80 -24.75
CA THR A 4 28.00 12.66 -23.30
C THR A 4 26.78 13.23 -22.53
N ALA A 5 25.74 12.39 -22.39
CA ALA A 5 24.52 12.71 -21.64
C ALA A 5 24.76 12.47 -20.14
N ARG A 6 24.44 13.48 -19.32
CA ARG A 6 24.63 13.42 -17.86
C ARG A 6 23.33 13.81 -17.16
N GLU A 7 22.33 12.90 -17.26
CA GLU A 7 21.05 13.05 -16.58
C GLU A 7 21.23 12.79 -15.07
N ASP A 8 21.58 13.86 -14.35
CA ASP A 8 21.67 13.86 -12.88
C ASP A 8 20.26 13.95 -12.29
N GLY A 9 19.42 14.83 -12.89
CA GLY A 9 18.06 15.09 -12.42
C GLY A 9 18.02 15.55 -10.97
N ALA A 10 17.69 14.60 -10.07
CA ALA A 10 17.68 14.79 -8.60
C ALA A 10 16.77 15.96 -8.17
N THR A 11 15.64 16.13 -8.89
CA THR A 11 14.61 17.12 -8.58
C THR A 11 13.92 16.76 -7.25
N GLY A 12 13.62 17.78 -6.43
CA GLY A 12 13.01 17.57 -5.12
C GLY A 12 12.05 18.69 -4.77
N GLU A 13 11.06 18.37 -3.94
CA GLU A 13 10.00 19.30 -3.56
C GLU A 13 9.95 19.40 -2.02
N GLU A 14 9.90 20.64 -1.52
CA GLU A 14 9.84 20.94 -0.07
C GLU A 14 8.38 21.05 0.40
N ARG A 15 7.52 20.18 -0.16
CA ARG A 15 6.07 20.14 0.10
C ARG A 15 5.72 18.89 0.94
N GLY A 16 4.61 18.97 1.69
CA GLY A 16 4.09 17.82 2.44
C GLY A 16 3.44 16.79 1.51
N GLN A 17 4.26 15.84 1.02
CA GLN A 17 3.79 14.73 0.14
C GLN A 17 4.04 13.38 0.82
N ARG A 18 3.28 12.34 0.40
CA ARG A 18 3.32 10.99 1.00
C ARG A 18 3.00 9.89 -0.03
N GLY A 19 3.21 8.62 0.40
CA GLY A 19 2.97 7.45 -0.45
C GLY A 19 4.27 6.90 -1.04
N CYS A 20 4.12 6.18 -2.15
CA CYS A 20 5.24 5.55 -2.88
C CYS A 20 4.76 5.26 -4.32
N GLU A 21 5.70 5.16 -5.30
CA GLU A 21 5.35 4.94 -6.73
C GLU A 21 4.66 3.57 -6.97
N HIS A 22 4.77 2.67 -5.98
CA HIS A 22 4.04 1.40 -5.97
C HIS A 22 2.59 1.63 -5.51
N TYR A 23 2.42 2.27 -4.32
CA TYR A 23 1.10 2.50 -3.69
C TYR A 23 1.02 3.91 -3.10
N ASP A 24 0.00 4.66 -3.53
CA ASP A 24 -0.31 6.01 -3.04
C ASP A 24 -1.22 5.89 -1.81
N ARG A 25 -0.59 5.95 -0.63
CA ARG A 25 -1.29 5.82 0.66
C ARG A 25 -0.64 6.75 1.70
N GLY A 26 -1.49 7.35 2.55
CA GLY A 26 -1.06 8.29 3.58
C GLY A 26 -0.63 7.62 4.89
N CYS A 27 -0.19 6.34 4.78
CA CYS A 27 0.30 5.56 5.92
C CYS A 27 1.37 4.54 5.49
N LEU A 28 2.29 4.23 6.44
CA LEU A 28 3.29 3.18 6.30
C LEU A 28 2.83 1.96 7.12
N LEU A 29 2.89 0.76 6.53
CA LEU A 29 2.53 -0.51 7.21
C LEU A 29 3.51 -0.80 8.37
N LYS A 30 2.99 -0.87 9.62
CA LYS A 30 3.79 -1.26 10.80
C LYS A 30 4.06 -2.77 10.75
N ALA A 31 5.28 -3.12 10.29
CA ALA A 31 5.75 -4.50 10.26
C ALA A 31 6.06 -4.95 11.71
N PRO A 32 5.24 -5.86 12.32
CA PRO A 32 5.46 -6.32 13.72
C PRO A 32 6.68 -7.25 13.83
N CYS A 33 7.18 -7.69 12.66
CA CYS A 33 8.32 -8.60 12.56
C CYS A 33 9.67 -7.87 12.77
N CYS A 34 9.73 -6.58 12.36
CA CYS A 34 10.98 -5.76 12.45
C CYS A 34 10.73 -4.39 13.11
N ASP A 35 9.47 -4.14 13.57
CA ASP A 35 9.04 -2.88 14.26
C ASP A 35 9.09 -1.63 13.31
N LYS A 36 9.47 -1.85 12.05
CA LYS A 36 9.70 -0.77 11.08
C LYS A 36 8.46 -0.49 10.23
N LEU A 37 8.48 0.70 9.62
CA LEU A 37 7.34 1.28 8.89
C LEU A 37 7.68 1.34 7.39
N TYR A 38 6.86 0.66 6.55
CA TYR A 38 7.07 0.61 5.07
C TYR A 38 5.73 0.77 4.34
N THR A 39 5.67 1.69 3.34
CA THR A 39 4.47 1.96 2.53
C THR A 39 3.93 0.67 1.89
N CYS A 40 4.86 -0.11 1.31
CA CYS A 40 4.57 -1.37 0.63
C CYS A 40 5.26 -2.51 1.38
N ARG A 41 4.64 -3.71 1.40
CA ARG A 41 5.26 -4.92 2.01
C ARG A 41 6.55 -5.32 1.25
N LEU A 42 6.51 -5.13 -0.09
CA LEU A 42 7.64 -5.40 -0.99
C LEU A 42 8.79 -4.40 -0.77
N CYS A 43 8.47 -3.19 -0.26
CA CYS A 43 9.47 -2.16 0.08
C CYS A 43 10.27 -2.54 1.35
N HIS A 44 9.67 -3.40 2.21
CA HIS A 44 10.41 -4.07 3.31
C HIS A 44 11.32 -5.14 2.71
N ASP A 45 10.71 -6.04 1.92
CA ASP A 45 11.36 -7.24 1.33
C ASP A 45 12.51 -6.86 0.37
N ASN A 46 12.48 -5.62 -0.13
CA ASN A 46 13.52 -5.04 -1.00
C ASN A 46 14.83 -4.77 -0.22
N ASN A 47 14.69 -4.33 1.04
CA ASN A 47 15.84 -3.95 1.89
C ASN A 47 16.28 -5.14 2.77
N GLU A 48 15.29 -5.87 3.29
CA GLU A 48 15.50 -6.90 4.32
C GLU A 48 15.47 -8.31 3.72
N ASP A 49 15.93 -9.28 4.51
CA ASP A 49 16.17 -10.67 4.07
C ASP A 49 14.86 -11.42 3.74
N HIS A 50 13.78 -11.09 4.48
CA HIS A 50 12.51 -11.86 4.42
C HIS A 50 11.33 -10.95 4.01
N GLN A 51 10.12 -11.55 3.98
CA GLN A 51 8.87 -10.86 3.59
C GLN A 51 8.28 -10.04 4.76
N LEU A 52 7.61 -8.92 4.42
CA LEU A 52 6.67 -8.25 5.33
C LEU A 52 5.32 -8.97 5.16
N ASP A 53 4.77 -9.44 6.28
CA ASP A 53 3.45 -10.08 6.32
C ASP A 53 2.37 -8.98 6.23
N ARG A 54 1.97 -8.65 4.97
CA ARG A 54 1.04 -7.53 4.66
C ARG A 54 -0.32 -7.70 5.33
N PHE A 55 -0.68 -8.96 5.63
CA PHE A 55 -1.93 -9.31 6.30
C PHE A 55 -1.83 -9.06 7.82
N LYS A 56 -0.64 -9.34 8.38
CA LYS A 56 -0.41 -9.40 9.84
C LYS A 56 0.03 -8.05 10.44
N VAL A 57 0.11 -6.99 9.61
CA VAL A 57 0.29 -5.63 10.13
C VAL A 57 -0.96 -5.18 10.93
N LYS A 58 -0.77 -4.94 12.23
CA LYS A 58 -1.86 -4.51 13.12
C LYS A 58 -2.07 -2.99 13.02
N GLU A 59 -0.95 -2.27 12.90
CA GLU A 59 -0.93 -0.81 12.92
C GLU A 59 -0.28 -0.25 11.66
N VAL A 60 -0.22 1.09 11.62
CA VAL A 60 0.38 1.90 10.56
C VAL A 60 0.82 3.23 11.20
N GLN A 61 1.72 3.99 10.54
CA GLN A 61 2.00 5.39 10.94
C GLN A 61 1.46 6.33 9.85
N CYS A 62 0.99 7.49 10.27
CA CYS A 62 0.42 8.51 9.36
C CYS A 62 1.54 9.38 8.81
N ILE A 63 1.74 9.38 7.47
CA ILE A 63 2.84 10.13 6.81
C ILE A 63 2.40 11.62 6.66
N ASN A 64 2.03 12.23 7.79
CA ASN A 64 1.35 13.54 7.82
C ASN A 64 1.41 14.12 9.27
N CYS A 65 1.34 13.23 10.28
CA CYS A 65 1.50 13.61 11.71
C CYS A 65 2.26 12.54 12.51
N GLU A 66 2.86 11.54 11.80
CA GLU A 66 3.63 10.41 12.38
C GLU A 66 2.83 9.59 13.42
N LYS A 67 1.49 9.72 13.37
CA LYS A 67 0.60 9.08 14.35
C LYS A 67 0.59 7.57 14.15
N ILE A 68 0.95 6.82 15.19
CA ILE A 68 0.83 5.37 15.22
C ILE A 68 -0.61 5.04 15.62
N GLN A 69 -1.39 4.62 14.63
CA GLN A 69 -2.77 4.16 14.84
C GLN A 69 -2.96 2.83 14.13
N HIS A 70 -3.99 2.08 14.54
CA HIS A 70 -4.29 0.76 13.97
C HIS A 70 -4.80 0.91 12.52
N ALA A 71 -4.52 -0.13 11.71
CA ALA A 71 -4.76 -0.11 10.26
C ALA A 71 -6.27 -0.01 9.92
N GLN A 72 -6.71 1.24 9.68
CA GLN A 72 -8.12 1.60 9.35
C GLN A 72 -8.16 2.26 7.95
N GLN A 73 -9.17 3.10 7.66
CA GLN A 73 -9.23 3.83 6.37
C GLN A 73 -8.69 5.26 6.50
N THR A 74 -8.94 5.94 7.63
CA THR A 74 -8.59 7.37 7.80
C THR A 74 -8.06 7.67 9.22
N CYS A 75 -7.03 8.53 9.29
CA CYS A 75 -6.45 9.04 10.54
C CYS A 75 -7.45 9.96 11.23
N GLU A 76 -8.04 9.50 12.33
CA GLU A 76 -9.00 10.30 13.12
C GLU A 76 -8.29 11.40 13.96
N GLU A 77 -6.95 11.47 13.84
CA GLU A 77 -6.13 12.50 14.46
C GLU A 77 -6.08 13.78 13.58
N CYS A 78 -6.01 13.61 12.23
CA CYS A 78 -5.80 14.78 11.30
C CYS A 78 -6.40 14.54 9.89
N SER A 79 -7.38 13.61 9.77
CA SER A 79 -8.17 13.38 8.52
C SER A 79 -7.32 12.85 7.34
N THR A 80 -6.15 12.22 7.64
CA THR A 80 -5.26 11.68 6.59
C THR A 80 -5.85 10.37 6.04
N LEU A 81 -6.39 10.43 4.82
CA LEU A 81 -6.97 9.28 4.14
C LEU A 81 -5.83 8.32 3.70
N PHE A 82 -5.87 7.07 4.23
CA PHE A 82 -4.88 6.01 3.92
C PHE A 82 -5.03 5.56 2.46
N GLY A 83 -6.20 5.84 1.88
CA GLY A 83 -6.46 5.57 0.48
C GLY A 83 -7.94 5.61 0.16
N GLU A 84 -8.26 6.04 -1.07
CA GLU A 84 -9.65 6.09 -1.58
C GLU A 84 -10.30 4.70 -1.51
N TYR A 85 -9.51 3.70 -1.89
CA TYR A 85 -9.88 2.29 -1.79
C TYR A 85 -9.11 1.66 -0.60
N TYR A 86 -9.83 1.10 0.37
CA TYR A 86 -9.23 0.34 1.49
C TYR A 86 -9.82 -1.07 1.50
N CYS A 87 -9.06 -2.04 2.04
CA CYS A 87 -9.52 -3.44 2.13
C CYS A 87 -8.81 -4.11 3.32
N ASP A 88 -9.59 -4.50 4.35
CA ASP A 88 -9.06 -4.90 5.68
C ASP A 88 -8.51 -6.35 5.69
N ILE A 89 -9.20 -7.27 4.99
CA ILE A 89 -8.81 -8.70 4.93
C ILE A 89 -7.49 -8.88 4.14
N CYS A 90 -7.20 -7.92 3.22
CA CYS A 90 -5.90 -7.86 2.53
C CYS A 90 -4.91 -6.91 3.24
N HIS A 91 -5.49 -5.96 4.03
CA HIS A 91 -4.74 -4.89 4.75
C HIS A 91 -4.03 -3.90 3.82
N LEU A 92 -4.40 -3.89 2.52
CA LEU A 92 -3.86 -2.94 1.54
C LEU A 92 -4.82 -1.75 1.42
N PHE A 93 -4.27 -0.55 1.60
CA PHE A 93 -5.01 0.72 1.46
C PHE A 93 -4.25 1.56 0.42
N ASP A 94 -4.97 2.11 -0.56
CA ASP A 94 -4.38 2.74 -1.75
C ASP A 94 -5.43 3.65 -2.41
N LYS A 95 -5.01 4.53 -3.34
CA LYS A 95 -5.95 5.37 -4.13
C LYS A 95 -6.98 4.53 -4.91
N ASP A 96 -7.93 5.22 -5.54
CA ASP A 96 -8.80 4.63 -6.55
C ASP A 96 -8.01 4.65 -7.86
N LYS A 97 -7.59 3.46 -8.29
CA LYS A 97 -6.79 3.24 -9.52
C LYS A 97 -7.41 2.09 -10.30
N LYS A 98 -8.76 2.04 -10.29
CA LYS A 98 -9.56 1.07 -11.06
C LYS A 98 -9.47 -0.37 -10.51
N GLN A 99 -8.71 -0.57 -9.39
CA GLN A 99 -8.43 -1.91 -8.84
C GLN A 99 -9.68 -2.50 -8.16
N TYR A 100 -9.87 -3.81 -8.31
CA TYR A 100 -11.01 -4.55 -7.73
C TYR A 100 -10.48 -5.67 -6.83
N HIS A 101 -11.33 -6.12 -5.90
CA HIS A 101 -11.03 -7.26 -5.04
C HIS A 101 -11.59 -8.55 -5.68
N CYS A 102 -10.65 -9.43 -6.07
CA CYS A 102 -10.94 -10.76 -6.62
C CYS A 102 -11.38 -11.68 -5.47
N GLU A 103 -12.71 -11.85 -5.30
CA GLU A 103 -13.31 -12.51 -4.11
C GLU A 103 -12.94 -14.02 -3.96
N ASN A 104 -12.77 -14.73 -5.10
CA ASN A 104 -12.35 -16.16 -5.09
C ASN A 104 -10.85 -16.30 -4.72
N CYS A 105 -10.05 -15.30 -5.12
CA CYS A 105 -8.60 -15.25 -4.83
C CYS A 105 -8.33 -14.71 -3.41
N GLY A 106 -9.31 -13.95 -2.87
CA GLY A 106 -9.23 -13.44 -1.50
C GLY A 106 -8.32 -12.22 -1.36
N ILE A 107 -7.91 -11.66 -2.49
CA ILE A 107 -7.00 -10.50 -2.59
C ILE A 107 -7.50 -9.52 -3.66
N CYS A 108 -6.93 -8.30 -3.67
CA CYS A 108 -7.12 -7.33 -4.75
C CYS A 108 -5.79 -7.01 -5.42
N ARG A 109 -5.86 -6.58 -6.67
CA ARG A 109 -4.69 -6.37 -7.54
C ARG A 109 -4.99 -5.15 -8.42
N ILE A 110 -3.95 -4.34 -8.72
CA ILE A 110 -4.08 -3.13 -9.56
C ILE A 110 -4.47 -3.56 -10.99
N GLY A 111 -5.76 -3.37 -11.32
CA GLY A 111 -6.38 -3.94 -12.51
C GLY A 111 -7.76 -3.38 -12.73
N PRO A 112 -8.04 -2.74 -13.91
CA PRO A 112 -9.34 -2.08 -14.17
C PRO A 112 -10.46 -3.12 -14.30
N LYS A 113 -11.38 -3.13 -13.33
CA LYS A 113 -12.46 -4.14 -13.23
C LYS A 113 -13.31 -4.24 -14.54
N GLU A 114 -13.35 -3.14 -15.30
CA GLU A 114 -13.95 -3.09 -16.65
C GLU A 114 -13.09 -3.85 -17.69
N ASP A 115 -11.76 -3.64 -17.65
CA ASP A 115 -10.80 -4.23 -18.60
C ASP A 115 -9.87 -5.26 -17.92
N PHE A 116 -10.44 -6.07 -17.02
CA PHE A 116 -9.71 -7.12 -16.29
C PHE A 116 -10.71 -8.22 -15.92
N PHE A 117 -10.27 -9.48 -15.95
CA PHE A 117 -11.12 -10.66 -15.66
C PHE A 117 -10.32 -11.69 -14.84
N HIS A 118 -11.03 -12.46 -14.03
CA HIS A 118 -10.50 -13.67 -13.37
C HIS A 118 -10.86 -14.90 -14.24
N CYS A 119 -9.89 -15.79 -14.44
CA CYS A 119 -10.13 -17.08 -15.12
C CYS A 119 -10.73 -18.11 -14.16
N LEU A 120 -12.02 -18.43 -14.34
CA LEU A 120 -12.72 -19.48 -13.55
C LEU A 120 -12.30 -20.88 -14.03
N LYS A 121 -11.78 -20.97 -15.27
CA LYS A 121 -11.37 -22.27 -15.88
C LYS A 121 -9.84 -22.43 -15.98
N CYS A 122 -9.05 -21.39 -15.60
CA CYS A 122 -7.56 -21.47 -15.57
C CYS A 122 -6.93 -20.35 -14.70
N ASN A 123 -7.32 -20.35 -13.41
CA ASN A 123 -6.63 -19.64 -12.29
C ASN A 123 -6.44 -18.11 -12.50
N LEU A 124 -5.37 -17.75 -13.26
CA LEU A 124 -4.81 -16.37 -13.34
C LEU A 124 -5.86 -15.32 -13.76
N CYS A 125 -5.74 -14.12 -13.19
CA CYS A 125 -6.58 -12.96 -13.51
C CYS A 125 -5.78 -12.04 -14.47
N LEU A 126 -6.27 -11.85 -15.71
CA LEU A 126 -5.55 -11.09 -16.76
C LEU A 126 -6.38 -9.89 -17.25
N ALA A 127 -5.86 -9.20 -18.27
CA ALA A 127 -6.50 -7.99 -18.83
C ALA A 127 -7.44 -8.36 -20.01
N MET A 128 -8.33 -7.41 -20.35
CA MET A 128 -9.24 -7.52 -21.52
C MET A 128 -8.44 -7.64 -22.82
N ASN A 129 -7.31 -6.93 -22.86
CA ASN A 129 -6.35 -6.94 -23.98
C ASN A 129 -5.57 -8.26 -24.06
N LEU A 130 -5.52 -9.00 -22.94
CA LEU A 130 -4.67 -10.20 -22.77
C LEU A 130 -5.54 -11.49 -22.72
N GLN A 131 -6.84 -11.33 -22.99
CA GLN A 131 -7.83 -12.42 -23.00
C GLN A 131 -7.43 -13.57 -23.95
N GLY A 132 -7.10 -13.21 -25.20
CA GLY A 132 -6.82 -14.19 -26.26
C GLY A 132 -5.40 -14.76 -26.19
N ARG A 133 -4.58 -14.24 -25.27
CA ARG A 133 -3.16 -14.65 -25.11
C ARG A 133 -2.89 -15.13 -23.66
N HIS A 134 -3.97 -15.50 -22.91
CA HIS A 134 -3.88 -15.85 -21.48
C HIS A 134 -3.04 -17.13 -21.23
N LYS A 135 -1.72 -16.94 -21.02
CA LYS A 135 -0.81 -18.04 -20.65
C LYS A 135 -0.93 -18.27 -19.13
N CYS A 136 -1.86 -19.15 -18.76
CA CYS A 136 -2.21 -19.44 -17.37
C CYS A 136 -1.58 -20.77 -16.92
N ILE A 137 -0.35 -20.67 -16.37
CA ILE A 137 0.40 -21.82 -15.83
C ILE A 137 0.70 -21.53 -14.34
N MET A 1 12.43 33.54 40.77
CA MET A 1 13.58 33.17 39.93
C MET A 1 13.06 32.50 38.65
N ALA A 2 12.88 33.31 37.58
CA ALA A 2 12.36 32.85 36.27
C ALA A 2 13.47 32.92 35.22
N ALA A 3 13.81 31.77 34.61
CA ALA A 3 14.85 31.66 33.57
C ALA A 3 14.49 30.52 32.58
N THR A 4 14.46 30.85 31.28
CA THR A 4 14.13 29.89 30.21
C THR A 4 14.70 30.38 28.85
N ALA A 5 14.97 29.42 27.95
CA ALA A 5 15.53 29.69 26.60
C ALA A 5 15.07 28.58 25.65
N ARG A 6 13.93 28.80 24.96
CA ARG A 6 13.32 27.80 24.07
C ARG A 6 14.11 27.68 22.74
N GLU A 7 14.72 26.51 22.53
CA GLU A 7 15.45 26.18 21.29
C GLU A 7 15.48 24.66 21.07
N ASP A 8 15.69 24.24 19.81
CA ASP A 8 15.76 22.82 19.44
C ASP A 8 16.47 22.69 18.07
N GLY A 9 17.12 21.53 17.84
CA GLY A 9 17.93 21.30 16.63
C GLY A 9 17.21 20.48 15.56
N ALA A 10 15.87 20.59 15.52
CA ALA A 10 15.03 19.90 14.50
C ALA A 10 15.21 20.55 13.12
N THR A 11 15.77 19.80 12.17
CA THR A 11 16.03 20.29 10.81
C THR A 11 14.72 20.37 9.99
N GLY A 12 14.02 19.23 9.87
CA GLY A 12 12.86 19.09 8.99
C GLY A 12 13.20 18.30 7.72
N GLU A 13 12.23 18.26 6.76
CA GLU A 13 12.40 17.65 5.41
C GLU A 13 12.56 16.11 5.44
N GLU A 14 12.58 15.48 6.64
CA GLU A 14 12.78 14.02 6.79
C GLU A 14 11.46 13.27 6.47
N ARG A 15 10.40 13.61 7.21
CA ARG A 15 9.02 13.15 6.92
C ARG A 15 8.26 14.30 6.21
N GLY A 16 8.98 15.01 5.32
CA GLY A 16 8.47 16.21 4.63
C GLY A 16 7.27 15.94 3.74
N GLN A 17 7.26 14.76 3.11
CA GLN A 17 6.11 14.28 2.33
C GLN A 17 5.32 13.22 3.13
N ARG A 18 4.13 12.87 2.64
CA ARG A 18 3.33 11.76 3.17
C ARG A 18 2.84 10.89 1.99
N GLY A 19 3.66 9.87 1.69
CA GLY A 19 3.39 8.94 0.60
C GLY A 19 4.64 8.24 0.10
N CYS A 20 4.45 7.35 -0.85
CA CYS A 20 5.52 6.65 -1.57
C CYS A 20 5.08 6.56 -3.03
N GLU A 21 6.03 6.53 -3.99
CA GLU A 21 5.71 6.45 -5.43
C GLU A 21 4.96 5.13 -5.78
N HIS A 22 5.03 4.15 -4.85
CA HIS A 22 4.27 2.89 -4.94
C HIS A 22 2.80 3.10 -4.46
N TYR A 23 2.63 3.62 -3.23
CA TYR A 23 1.28 3.84 -2.62
C TYR A 23 1.16 5.29 -2.16
N ASP A 24 0.22 6.04 -2.74
CA ASP A 24 -0.07 7.44 -2.37
C ASP A 24 -1.01 7.46 -1.15
N ARG A 25 -0.40 7.43 0.05
CA ARG A 25 -1.12 7.39 1.33
C ARG A 25 -0.37 8.20 2.39
N GLY A 26 -1.14 8.85 3.28
CA GLY A 26 -0.57 9.64 4.38
C GLY A 26 -0.18 8.81 5.60
N CYS A 27 -0.02 7.50 5.42
CA CYS A 27 0.29 6.54 6.50
C CYS A 27 1.14 5.37 5.97
N LEU A 28 1.86 4.72 6.89
CA LEU A 28 2.71 3.54 6.61
C LEU A 28 2.00 2.24 7.06
N LEU A 29 2.68 1.09 6.87
CA LEU A 29 2.33 -0.20 7.50
C LEU A 29 3.28 -0.40 8.70
N LYS A 30 2.76 -0.86 9.86
CA LYS A 30 3.60 -1.29 10.98
C LYS A 30 3.75 -2.82 10.92
N ALA A 31 4.97 -3.28 10.62
CA ALA A 31 5.32 -4.70 10.59
C ALA A 31 5.64 -5.20 12.01
N PRO A 32 4.71 -5.96 12.69
CA PRO A 32 4.89 -6.42 14.09
C PRO A 32 6.07 -7.42 14.25
N CYS A 33 6.64 -7.88 13.10
CA CYS A 33 7.83 -8.75 13.09
C CYS A 33 9.05 -8.01 13.68
N CYS A 34 9.15 -6.70 13.43
CA CYS A 34 10.27 -5.85 13.93
C CYS A 34 9.75 -4.47 14.38
N ASP A 35 8.40 -4.35 14.49
CA ASP A 35 7.69 -3.09 14.88
C ASP A 35 8.07 -1.88 14.00
N LYS A 36 8.61 -2.16 12.79
CA LYS A 36 9.11 -1.12 11.86
C LYS A 36 7.99 -0.56 10.98
N LEU A 37 8.27 0.61 10.40
CA LEU A 37 7.27 1.43 9.69
C LEU A 37 7.70 1.66 8.23
N TYR A 38 6.95 1.08 7.26
CA TYR A 38 7.23 1.21 5.79
C TYR A 38 5.91 1.26 5.00
N THR A 39 5.82 2.14 3.97
CA THR A 39 4.58 2.29 3.14
C THR A 39 4.24 0.99 2.36
N CYS A 40 5.28 0.17 2.09
CA CYS A 40 5.15 -0.99 1.19
C CYS A 40 5.82 -2.22 1.82
N ARG A 41 5.33 -3.42 1.43
CA ARG A 41 6.00 -4.71 1.75
C ARG A 41 7.44 -4.73 1.22
N LEU A 42 7.59 -4.38 -0.07
CA LEU A 42 8.88 -4.39 -0.76
C LEU A 42 9.86 -3.38 -0.17
N CYS A 43 9.34 -2.20 0.23
CA CYS A 43 10.16 -1.14 0.87
C CYS A 43 10.64 -1.56 2.28
N HIS A 44 9.91 -2.50 2.91
CA HIS A 44 10.38 -3.20 4.14
C HIS A 44 11.52 -4.17 3.77
N ASP A 45 11.20 -5.13 2.89
CA ASP A 45 12.07 -6.29 2.56
C ASP A 45 13.42 -5.88 1.93
N ASN A 46 13.46 -4.73 1.23
CA ASN A 46 14.70 -4.22 0.57
C ASN A 46 15.67 -3.57 1.57
N ASN A 47 15.20 -3.33 2.81
CA ASN A 47 16.03 -2.82 3.93
C ASN A 47 16.18 -3.89 5.04
N GLU A 48 15.41 -4.99 4.94
CA GLU A 48 15.31 -6.01 6.01
C GLU A 48 15.91 -7.35 5.59
N ASP A 49 16.15 -8.20 6.61
CA ASP A 49 16.69 -9.56 6.45
C ASP A 49 15.56 -10.60 6.33
N HIS A 50 14.30 -10.11 6.22
CA HIS A 50 13.09 -10.94 6.22
C HIS A 50 11.94 -10.22 5.49
N GLN A 51 10.90 -10.99 5.11
CA GLN A 51 9.77 -10.50 4.27
C GLN A 51 8.59 -10.00 5.14
N LEU A 52 7.89 -8.95 4.64
CA LEU A 52 6.65 -8.44 5.27
C LEU A 52 5.47 -9.14 4.60
N ASP A 53 4.92 -10.17 5.24
CA ASP A 53 3.62 -10.73 4.82
C ASP A 53 2.50 -9.79 5.29
N ARG A 54 1.77 -9.25 4.30
CA ARG A 54 0.73 -8.21 4.49
C ARG A 54 -0.45 -8.67 5.37
N PHE A 55 -0.56 -10.00 5.57
CA PHE A 55 -1.63 -10.60 6.40
C PHE A 55 -1.26 -10.58 7.90
N LYS A 56 -0.06 -10.05 8.24
CA LYS A 56 0.46 -10.04 9.62
C LYS A 56 0.37 -8.63 10.25
N VAL A 57 0.50 -7.57 9.41
CA VAL A 57 0.51 -6.16 9.88
C VAL A 57 -0.82 -5.78 10.55
N LYS A 58 -0.79 -5.58 11.88
CA LYS A 58 -1.97 -5.23 12.68
C LYS A 58 -2.14 -3.70 12.70
N GLU A 59 -1.10 -3.03 13.20
CA GLU A 59 -1.05 -1.57 13.30
C GLU A 59 -0.45 -0.95 12.03
N VAL A 60 -0.42 0.38 12.08
CA VAL A 60 0.14 1.25 11.04
C VAL A 60 0.59 2.53 11.78
N GLN A 61 1.60 3.26 11.28
CA GLN A 61 1.80 4.65 11.73
C GLN A 61 1.28 5.60 10.65
N CYS A 62 1.17 6.86 11.01
CA CYS A 62 0.88 7.94 10.10
C CYS A 62 2.19 8.65 9.76
N ILE A 63 2.34 9.16 8.54
CA ILE A 63 3.54 9.90 8.13
C ILE A 63 3.32 11.37 8.53
N ASN A 64 2.09 11.84 8.25
CA ASN A 64 1.64 13.20 8.54
C ASN A 64 1.05 13.24 9.95
N CYS A 65 1.97 13.32 10.91
CA CYS A 65 1.78 13.56 12.38
C CYS A 65 2.47 12.45 13.18
N GLU A 66 2.98 11.42 12.47
CA GLU A 66 3.87 10.35 13.03
C GLU A 66 3.21 9.48 14.14
N LYS A 67 1.88 9.60 14.26
CA LYS A 67 1.10 8.97 15.35
C LYS A 67 0.63 7.56 14.93
N ILE A 68 0.69 6.59 15.88
CA ILE A 68 0.32 5.18 15.63
C ILE A 68 -1.20 4.97 15.83
N GLN A 69 -1.81 4.28 14.86
CA GLN A 69 -3.20 3.80 14.94
C GLN A 69 -3.27 2.37 14.37
N HIS A 70 -4.41 1.69 14.51
CA HIS A 70 -4.63 0.37 13.88
C HIS A 70 -5.04 0.55 12.41
N ALA A 71 -4.86 -0.52 11.60
CA ALA A 71 -5.05 -0.46 10.13
C ALA A 71 -6.49 -0.06 9.73
N GLN A 72 -6.67 1.25 9.47
CA GLN A 72 -7.98 1.85 9.07
C GLN A 72 -7.82 2.62 7.74
N GLN A 73 -8.86 3.36 7.28
CA GLN A 73 -8.80 4.08 5.98
C GLN A 73 -8.42 5.57 6.16
N THR A 74 -8.60 6.13 7.36
CA THR A 74 -8.26 7.55 7.64
C THR A 74 -7.71 7.72 9.06
N CYS A 75 -6.57 8.43 9.17
CA CYS A 75 -5.96 8.82 10.45
C CYS A 75 -6.90 9.72 11.25
N GLU A 76 -7.41 9.19 12.35
CA GLU A 76 -8.21 9.91 13.35
C GLU A 76 -7.50 11.20 13.90
N GLU A 77 -6.16 11.20 13.87
CA GLU A 77 -5.33 12.27 14.47
C GLU A 77 -5.27 13.56 13.59
N CYS A 78 -5.29 13.42 12.23
CA CYS A 78 -5.12 14.59 11.31
C CYS A 78 -5.94 14.48 10.01
N SER A 79 -6.83 13.46 9.93
CA SER A 79 -7.71 13.23 8.75
C SER A 79 -6.93 13.00 7.43
N THR A 80 -5.75 12.32 7.51
CA THR A 80 -4.99 11.97 6.29
C THR A 80 -5.46 10.57 5.81
N LEU A 81 -5.62 10.45 4.49
CA LEU A 81 -6.26 9.30 3.86
C LEU A 81 -5.21 8.24 3.50
N PHE A 82 -5.45 6.99 3.95
CA PHE A 82 -4.65 5.80 3.57
C PHE A 82 -4.90 5.45 2.10
N GLY A 83 -6.03 5.89 1.56
CA GLY A 83 -6.38 5.68 0.15
C GLY A 83 -7.88 5.68 -0.03
N GLU A 84 -8.34 6.12 -1.21
CA GLU A 84 -9.75 6.06 -1.61
C GLU A 84 -10.26 4.61 -1.56
N TYR A 85 -9.40 3.70 -2.00
CA TYR A 85 -9.60 2.26 -1.85
C TYR A 85 -8.97 1.78 -0.53
N TYR A 86 -9.69 0.90 0.17
CA TYR A 86 -9.16 0.16 1.33
C TYR A 86 -9.55 -1.32 1.20
N CYS A 87 -8.72 -2.19 1.77
CA CYS A 87 -8.99 -3.63 1.84
C CYS A 87 -8.28 -4.18 3.10
N ASP A 88 -9.08 -4.62 4.07
CA ASP A 88 -8.61 -4.93 5.44
C ASP A 88 -7.65 -6.13 5.46
N ILE A 89 -8.05 -7.19 4.76
CA ILE A 89 -7.35 -8.49 4.75
C ILE A 89 -5.97 -8.39 4.06
N CYS A 90 -5.96 -7.77 2.86
CA CYS A 90 -4.73 -7.57 2.07
C CYS A 90 -3.87 -6.47 2.72
N HIS A 91 -4.53 -5.57 3.49
CA HIS A 91 -3.89 -4.43 4.18
C HIS A 91 -3.30 -3.38 3.22
N LEU A 92 -3.56 -3.55 1.90
CA LEU A 92 -3.13 -2.58 0.89
C LEU A 92 -4.21 -1.50 0.82
N PHE A 93 -3.80 -0.29 1.15
CA PHE A 93 -4.67 0.89 1.14
C PHE A 93 -4.01 1.89 0.17
N ASP A 94 -4.71 2.22 -0.90
CA ASP A 94 -4.19 3.08 -1.98
C ASP A 94 -5.35 3.75 -2.71
N LYS A 95 -5.03 4.60 -3.70
CA LYS A 95 -6.05 5.36 -4.44
C LYS A 95 -6.92 4.42 -5.29
N ASP A 96 -8.19 4.83 -5.50
CA ASP A 96 -9.17 4.02 -6.24
C ASP A 96 -9.09 4.42 -7.72
N LYS A 97 -8.60 3.48 -8.53
CA LYS A 97 -8.42 3.65 -9.98
C LYS A 97 -8.81 2.35 -10.67
N LYS A 98 -10.15 2.14 -10.79
CA LYS A 98 -10.76 1.04 -11.59
C LYS A 98 -10.50 -0.36 -11.00
N GLN A 99 -9.82 -0.44 -9.84
CA GLN A 99 -9.28 -1.71 -9.31
C GLN A 99 -10.38 -2.57 -8.69
N TYR A 100 -10.07 -3.86 -8.49
CA TYR A 100 -11.03 -4.87 -8.05
C TYR A 100 -10.33 -5.92 -7.16
N HIS A 101 -10.96 -6.28 -6.02
CA HIS A 101 -10.52 -7.43 -5.21
C HIS A 101 -11.15 -8.70 -5.77
N CYS A 102 -10.31 -9.50 -6.44
CA CYS A 102 -10.66 -10.85 -6.85
C CYS A 102 -10.30 -11.82 -5.70
N GLU A 103 -11.33 -12.48 -5.11
CA GLU A 103 -11.14 -13.43 -3.99
C GLU A 103 -10.48 -14.73 -4.49
N ASN A 104 -10.72 -15.08 -5.76
CA ASN A 104 -10.11 -16.26 -6.41
C ASN A 104 -8.58 -16.06 -6.57
N CYS A 105 -8.16 -14.93 -7.19
CA CYS A 105 -6.72 -14.56 -7.30
C CYS A 105 -6.16 -14.17 -5.90
N GLY A 106 -7.09 -13.79 -4.99
CA GLY A 106 -6.77 -13.54 -3.57
C GLY A 106 -6.30 -12.12 -3.29
N ILE A 107 -6.23 -11.27 -4.35
CA ILE A 107 -5.56 -9.94 -4.29
C ILE A 107 -6.44 -8.84 -4.92
N CYS A 108 -5.94 -7.60 -4.83
CA CYS A 108 -6.53 -6.42 -5.47
C CYS A 108 -5.43 -5.44 -5.82
N ARG A 109 -5.29 -5.11 -7.09
CA ARG A 109 -4.32 -4.09 -7.58
C ARG A 109 -4.95 -3.28 -8.70
N ILE A 110 -4.30 -2.13 -9.04
CA ILE A 110 -4.81 -1.18 -10.05
C ILE A 110 -4.91 -1.88 -11.42
N GLY A 111 -6.15 -2.22 -11.76
CA GLY A 111 -6.48 -2.97 -12.97
C GLY A 111 -7.92 -2.69 -13.33
N PRO A 112 -8.23 -2.19 -14.55
CA PRO A 112 -9.60 -1.89 -14.93
C PRO A 112 -10.41 -3.19 -15.08
N LYS A 113 -11.37 -3.36 -14.16
CA LYS A 113 -12.22 -4.56 -14.07
C LYS A 113 -13.06 -4.76 -15.35
N GLU A 114 -13.30 -3.64 -16.07
CA GLU A 114 -13.96 -3.65 -17.39
C GLU A 114 -13.05 -4.30 -18.48
N ASP A 115 -11.73 -4.13 -18.33
CA ASP A 115 -10.73 -4.72 -19.27
C ASP A 115 -10.24 -6.10 -18.78
N PHE A 116 -10.68 -6.54 -17.59
CA PHE A 116 -10.34 -7.88 -17.05
C PHE A 116 -11.60 -8.74 -16.88
N PHE A 117 -11.37 -10.06 -16.81
CA PHE A 117 -12.38 -11.07 -16.43
C PHE A 117 -11.66 -12.29 -15.82
N HIS A 118 -12.22 -12.86 -14.75
CA HIS A 118 -11.65 -14.06 -14.11
C HIS A 118 -12.20 -15.34 -14.77
N CYS A 119 -11.34 -16.37 -14.88
CA CYS A 119 -11.71 -17.69 -15.42
C CYS A 119 -11.57 -18.77 -14.32
N LEU A 120 -12.48 -19.76 -14.33
CA LEU A 120 -12.57 -20.78 -13.26
C LEU A 120 -11.35 -21.73 -13.26
N LYS A 121 -11.06 -22.38 -14.40
CA LYS A 121 -9.95 -23.36 -14.51
C LYS A 121 -8.69 -22.68 -15.14
N CYS A 122 -8.51 -21.39 -14.81
CA CYS A 122 -7.27 -20.64 -15.06
C CYS A 122 -7.13 -19.65 -13.89
N ASN A 123 -6.18 -19.90 -12.96
CA ASN A 123 -6.03 -19.13 -11.70
C ASN A 123 -5.40 -17.74 -11.98
N LEU A 124 -6.21 -16.86 -12.61
CA LEU A 124 -5.78 -15.55 -13.10
C LEU A 124 -7.00 -14.80 -13.67
N CYS A 125 -6.94 -13.47 -13.63
CA CYS A 125 -7.87 -12.60 -14.37
C CYS A 125 -7.23 -12.25 -15.73
N LEU A 126 -7.83 -12.75 -16.81
CA LEU A 126 -7.36 -12.53 -18.18
C LEU A 126 -7.82 -11.16 -18.68
N ALA A 127 -7.09 -10.62 -19.67
CA ALA A 127 -7.43 -9.34 -20.31
C ALA A 127 -8.50 -9.57 -21.39
N MET A 128 -9.28 -8.51 -21.66
CA MET A 128 -10.41 -8.53 -22.63
C MET A 128 -9.93 -8.87 -24.06
N ASN A 129 -8.67 -8.49 -24.38
CA ASN A 129 -8.05 -8.78 -25.69
C ASN A 129 -7.69 -10.27 -25.82
N LEU A 130 -7.36 -10.94 -24.68
CA LEU A 130 -7.01 -12.38 -24.65
C LEU A 130 -8.20 -13.24 -25.08
N GLN A 131 -9.40 -12.91 -24.55
CA GLN A 131 -10.68 -13.56 -24.89
C GLN A 131 -10.70 -15.06 -24.49
N GLY A 132 -10.13 -15.92 -25.36
CA GLY A 132 -10.11 -17.39 -25.15
C GLY A 132 -8.70 -17.95 -25.12
N ARG A 133 -7.67 -17.08 -25.05
CA ARG A 133 -6.26 -17.50 -24.93
C ARG A 133 -5.94 -17.83 -23.46
N HIS A 134 -6.37 -19.03 -23.05
CA HIS A 134 -6.15 -19.59 -21.70
C HIS A 134 -6.66 -21.04 -21.67
N LYS A 135 -5.74 -22.00 -21.37
CA LYS A 135 -6.09 -23.41 -21.24
C LYS A 135 -6.99 -23.62 -20.01
N CYS A 136 -8.24 -24.01 -20.27
CA CYS A 136 -9.23 -24.27 -19.23
C CYS A 136 -9.32 -25.78 -18.94
N ILE A 137 -8.29 -26.53 -19.39
CA ILE A 137 -8.13 -27.96 -19.14
C ILE A 137 -7.23 -28.18 -17.88
N MET A 1 37.84 50.52 8.73
CA MET A 1 36.49 50.37 9.31
C MET A 1 36.29 48.92 9.80
N ALA A 2 36.14 48.74 11.11
CA ALA A 2 35.86 47.44 11.72
C ALA A 2 34.41 47.01 11.40
N ALA A 3 34.27 46.14 10.39
CA ALA A 3 32.97 45.64 9.93
C ALA A 3 32.39 44.66 10.96
N THR A 4 31.58 45.20 11.90
CA THR A 4 30.93 44.41 12.95
C THR A 4 29.82 43.53 12.34
N ALA A 5 29.90 42.21 12.61
CA ALA A 5 28.94 41.21 12.10
C ALA A 5 27.61 41.30 12.89
N ARG A 6 26.49 41.06 12.20
CA ARG A 6 25.13 41.20 12.78
C ARG A 6 24.68 39.88 13.44
N GLU A 7 24.83 38.78 12.71
CA GLU A 7 24.11 37.51 12.98
C GLU A 7 24.97 36.28 12.60
N ASP A 8 24.42 35.08 12.88
CA ASP A 8 25.00 33.78 12.51
C ASP A 8 23.98 32.66 12.72
N GLY A 9 23.50 32.06 11.62
CA GLY A 9 22.58 30.90 11.68
C GLY A 9 21.33 31.10 10.84
N ALA A 10 20.16 30.77 11.44
CA ALA A 10 18.83 30.75 10.78
C ALA A 10 18.76 29.67 9.67
N THR A 11 19.38 28.51 9.97
CA THR A 11 19.44 27.35 9.05
C THR A 11 18.78 26.12 9.70
N GLY A 12 18.26 25.20 8.85
CA GLY A 12 17.67 23.93 9.32
C GLY A 12 16.23 23.76 8.85
N GLU A 13 16.05 23.09 7.70
CA GLU A 13 14.71 22.90 7.08
C GLU A 13 14.71 21.62 6.20
N GLU A 14 13.52 21.04 6.01
CA GLU A 14 13.28 19.89 5.10
C GLU A 14 11.91 20.04 4.41
N ARG A 15 11.69 19.28 3.33
CA ARG A 15 10.50 19.46 2.46
C ARG A 15 9.28 18.65 2.95
N GLY A 16 9.54 17.54 3.69
CA GLY A 16 8.47 16.73 4.29
C GLY A 16 7.63 15.96 3.26
N GLN A 17 8.21 14.87 2.73
CA GLN A 17 7.55 14.02 1.72
C GLN A 17 6.69 12.93 2.40
N ARG A 18 5.56 12.58 1.74
CA ARG A 18 4.67 11.49 2.16
C ARG A 18 4.28 10.65 0.94
N GLY A 19 4.05 9.35 1.18
CA GLY A 19 3.69 8.42 0.13
C GLY A 19 4.89 7.73 -0.47
N CYS A 20 4.61 6.80 -1.38
CA CYS A 20 5.62 6.07 -2.13
C CYS A 20 4.95 5.56 -3.40
N GLU A 21 5.68 5.53 -4.52
CA GLU A 21 5.14 5.21 -5.86
C GLU A 21 4.38 3.84 -5.93
N HIS A 22 4.68 2.94 -4.97
CA HIS A 22 4.02 1.62 -4.85
C HIS A 22 2.59 1.76 -4.28
N TYR A 23 2.47 2.50 -3.15
CA TYR A 23 1.15 2.81 -2.53
C TYR A 23 1.13 4.31 -2.21
N ASP A 24 0.25 5.06 -2.89
CA ASP A 24 0.17 6.52 -2.75
C ASP A 24 -0.79 6.86 -1.61
N ARG A 25 -0.23 6.99 -0.40
CA ARG A 25 -0.98 7.33 0.82
C ARG A 25 -0.10 8.21 1.73
N GLY A 26 -0.73 9.02 2.59
CA GLY A 26 0.01 9.78 3.60
C GLY A 26 0.17 9.00 4.89
N CYS A 27 0.51 7.70 4.76
CA CYS A 27 0.49 6.74 5.88
C CYS A 27 1.52 5.59 5.67
N LEU A 28 1.79 4.84 6.76
CA LEU A 28 2.79 3.75 6.79
C LEU A 28 2.14 2.43 7.28
N LEU A 29 2.96 1.37 7.38
CA LEU A 29 2.57 0.04 7.90
C LEU A 29 3.53 -0.29 9.04
N LYS A 30 3.01 -0.52 10.25
CA LYS A 30 3.84 -0.95 11.37
C LYS A 30 3.99 -2.48 11.32
N ALA A 31 5.20 -2.92 10.96
CA ALA A 31 5.54 -4.33 10.79
C ALA A 31 5.96 -4.91 12.14
N PRO A 32 5.12 -5.75 12.83
CA PRO A 32 5.37 -6.20 14.23
C PRO A 32 6.60 -7.13 14.35
N CYS A 33 7.06 -7.61 13.18
CA CYS A 33 8.24 -8.47 13.06
C CYS A 33 9.54 -7.73 13.48
N CYS A 34 9.50 -6.38 13.43
CA CYS A 34 10.64 -5.52 13.83
C CYS A 34 10.17 -4.12 14.29
N ASP A 35 8.83 -3.94 14.41
CA ASP A 35 8.16 -2.66 14.81
C ASP A 35 8.55 -1.46 13.92
N LYS A 36 8.89 -1.75 12.64
CA LYS A 36 9.39 -0.73 11.68
C LYS A 36 8.28 -0.24 10.74
N LEU A 37 8.43 1.01 10.28
CA LEU A 37 7.36 1.78 9.63
C LEU A 37 7.67 2.01 8.13
N TYR A 38 6.96 1.29 7.23
CA TYR A 38 7.11 1.43 5.76
C TYR A 38 5.72 1.43 5.10
N THR A 39 5.51 2.33 4.13
CA THR A 39 4.28 2.38 3.30
C THR A 39 4.06 1.05 2.55
N CYS A 40 5.17 0.41 2.14
CA CYS A 40 5.14 -0.80 1.32
C CYS A 40 5.72 -1.99 2.09
N ARG A 41 5.32 -3.21 1.65
CA ARG A 41 5.84 -4.46 2.20
C ARG A 41 7.25 -4.75 1.61
N LEU A 42 7.42 -4.40 0.31
CA LEU A 42 8.67 -4.64 -0.45
C LEU A 42 9.76 -3.60 -0.12
N CYS A 43 9.34 -2.36 0.23
CA CYS A 43 10.28 -1.30 0.67
C CYS A 43 10.87 -1.62 2.06
N HIS A 44 10.08 -2.35 2.89
CA HIS A 44 10.56 -2.98 4.14
C HIS A 44 11.61 -4.06 3.80
N ASP A 45 11.22 -4.97 2.91
CA ASP A 45 12.02 -6.15 2.47
C ASP A 45 13.36 -5.72 1.83
N ASN A 46 13.37 -4.52 1.22
CA ASN A 46 14.54 -3.94 0.53
C ASN A 46 15.72 -3.73 1.51
N ASN A 47 15.41 -3.26 2.73
CA ASN A 47 16.42 -2.87 3.73
C ASN A 47 16.74 -4.04 4.68
N GLU A 48 15.76 -4.94 4.86
CA GLU A 48 15.80 -6.00 5.90
C GLU A 48 16.02 -7.39 5.31
N ASP A 49 16.42 -8.33 6.19
CA ASP A 49 16.76 -9.73 5.84
C ASP A 49 15.52 -10.64 5.88
N HIS A 50 14.34 -10.05 6.06
CA HIS A 50 13.07 -10.79 6.11
C HIS A 50 11.96 -9.98 5.40
N GLN A 51 10.89 -10.69 5.00
CA GLN A 51 9.76 -10.10 4.24
C GLN A 51 8.69 -9.56 5.18
N LEU A 52 8.02 -8.47 4.77
CA LEU A 52 6.83 -7.97 5.48
C LEU A 52 5.63 -8.80 5.01
N ASP A 53 5.26 -9.77 5.84
CA ASP A 53 4.01 -10.50 5.70
C ASP A 53 2.85 -9.53 5.99
N ARG A 54 2.11 -9.16 4.94
CA ARG A 54 1.05 -8.12 4.98
C ARG A 54 -0.13 -8.52 5.88
N PHE A 55 -0.23 -9.82 6.21
CA PHE A 55 -1.29 -10.36 7.07
C PHE A 55 -0.97 -10.16 8.56
N LYS A 56 0.33 -9.88 8.87
CA LYS A 56 0.82 -9.76 10.25
C LYS A 56 0.72 -8.32 10.80
N VAL A 57 0.69 -7.31 9.90
CA VAL A 57 0.63 -5.89 10.33
C VAL A 57 -0.72 -5.56 11.01
N LYS A 58 -0.64 -5.35 12.33
CA LYS A 58 -1.79 -5.01 13.18
C LYS A 58 -2.02 -3.49 13.18
N GLU A 59 -0.89 -2.77 13.25
CA GLU A 59 -0.84 -1.32 13.38
C GLU A 59 -0.26 -0.68 12.11
N VAL A 60 -0.37 0.66 12.09
CA VAL A 60 0.03 1.53 10.96
C VAL A 60 0.49 2.91 11.49
N GLN A 61 0.90 3.83 10.58
CA GLN A 61 1.33 5.20 10.93
C GLN A 61 0.74 6.27 9.97
N CYS A 62 0.96 7.54 10.33
CA CYS A 62 0.55 8.74 9.54
C CYS A 62 1.81 9.54 9.14
N ILE A 63 2.14 9.68 7.84
CA ILE A 63 3.31 10.50 7.39
C ILE A 63 2.84 11.99 7.26
N ASN A 64 2.35 12.52 8.40
CA ASN A 64 1.69 13.84 8.46
C ASN A 64 1.56 14.24 9.93
N CYS A 65 0.95 13.33 10.73
CA CYS A 65 0.96 13.40 12.20
C CYS A 65 1.14 11.97 12.71
N GLU A 66 2.39 11.47 12.59
CA GLU A 66 2.86 10.11 13.03
C GLU A 66 2.08 9.53 14.24
N LYS A 67 0.90 8.98 13.90
CA LYS A 67 -0.04 8.39 14.83
C LYS A 67 0.11 6.87 14.74
N ILE A 68 0.49 6.22 15.84
CA ILE A 68 0.48 4.77 15.92
C ILE A 68 -0.96 4.36 16.25
N GLN A 69 -1.63 3.86 15.23
CA GLN A 69 -3.04 3.45 15.29
C GLN A 69 -3.16 2.07 14.63
N HIS A 70 -4.31 1.43 14.76
CA HIS A 70 -4.58 0.13 14.11
C HIS A 70 -5.06 0.36 12.66
N ALA A 71 -4.89 -0.68 11.82
CA ALA A 71 -5.13 -0.59 10.35
C ALA A 71 -6.55 -0.08 10.01
N GLN A 72 -6.62 1.20 9.60
CA GLN A 72 -7.89 1.92 9.31
C GLN A 72 -7.74 2.70 7.99
N GLN A 73 -8.88 3.06 7.35
CA GLN A 73 -8.86 3.76 6.03
C GLN A 73 -8.53 5.25 6.20
N THR A 74 -8.83 5.82 7.38
CA THR A 74 -8.49 7.21 7.72
C THR A 74 -7.84 7.30 9.11
N CYS A 75 -7.03 8.35 9.27
CA CYS A 75 -6.41 8.73 10.54
C CYS A 75 -7.43 9.53 11.33
N GLU A 76 -8.05 8.92 12.34
CA GLU A 76 -9.02 9.59 13.25
C GLU A 76 -8.47 10.93 13.83
N GLU A 77 -7.14 11.04 13.92
CA GLU A 77 -6.43 12.22 14.42
C GLU A 77 -6.54 13.45 13.46
N CYS A 78 -6.48 13.22 12.12
CA CYS A 78 -6.46 14.36 11.14
C CYS A 78 -7.07 13.97 9.75
N SER A 79 -7.90 12.92 9.74
CA SER A 79 -8.59 12.35 8.55
C SER A 79 -7.65 12.04 7.34
N THR A 80 -6.37 11.71 7.62
CA THR A 80 -5.40 11.31 6.55
C THR A 80 -5.85 10.01 5.86
N LEU A 81 -5.98 10.06 4.53
CA LEU A 81 -6.44 8.93 3.74
C LEU A 81 -5.29 7.91 3.50
N PHE A 82 -5.53 6.66 3.95
CA PHE A 82 -4.62 5.52 3.73
C PHE A 82 -4.74 4.98 2.30
N GLY A 83 -5.83 5.34 1.60
CA GLY A 83 -6.02 4.97 0.21
C GLY A 83 -7.45 5.13 -0.23
N GLU A 84 -7.64 5.53 -1.51
CA GLU A 84 -8.97 5.63 -2.15
C GLU A 84 -9.62 4.24 -2.18
N TYR A 85 -8.78 3.23 -2.42
CA TYR A 85 -9.17 1.82 -2.33
C TYR A 85 -8.65 1.25 -0.98
N TYR A 86 -9.58 0.72 -0.17
CA TYR A 86 -9.27 0.06 1.11
C TYR A 86 -9.45 -1.45 0.96
N CYS A 87 -8.62 -2.24 1.66
CA CYS A 87 -8.78 -3.69 1.75
C CYS A 87 -7.98 -4.22 2.97
N ASP A 88 -8.71 -4.70 4.01
CA ASP A 88 -8.10 -5.08 5.31
C ASP A 88 -7.47 -6.47 5.26
N ILE A 89 -8.11 -7.39 4.50
CA ILE A 89 -7.68 -8.80 4.39
C ILE A 89 -6.30 -8.89 3.71
N CYS A 90 -6.08 -8.04 2.69
CA CYS A 90 -4.77 -7.93 2.01
C CYS A 90 -3.87 -6.89 2.72
N HIS A 91 -4.50 -5.97 3.49
CA HIS A 91 -3.80 -4.84 4.17
C HIS A 91 -3.11 -3.86 3.20
N LEU A 92 -3.41 -3.98 1.88
CA LEU A 92 -2.87 -3.05 0.89
C LEU A 92 -3.86 -1.89 0.76
N PHE A 93 -3.40 -0.70 1.17
CA PHE A 93 -4.17 0.54 1.12
C PHE A 93 -3.48 1.44 0.08
N ASP A 94 -4.21 1.89 -0.93
CA ASP A 94 -3.62 2.60 -2.07
C ASP A 94 -4.70 3.42 -2.78
N LYS A 95 -4.29 4.43 -3.55
CA LYS A 95 -5.19 5.14 -4.47
C LYS A 95 -5.83 4.14 -5.46
N ASP A 96 -6.96 4.54 -6.02
CA ASP A 96 -7.65 3.74 -7.02
C ASP A 96 -7.04 4.04 -8.38
N LYS A 97 -6.34 3.04 -8.92
CA LYS A 97 -5.85 3.05 -10.31
C LYS A 97 -6.70 2.02 -11.06
N LYS A 98 -8.04 2.22 -10.95
CA LYS A 98 -9.06 1.34 -11.54
C LYS A 98 -9.02 -0.08 -10.93
N GLN A 99 -8.34 -0.23 -9.77
CA GLN A 99 -8.01 -1.54 -9.18
C GLN A 99 -9.25 -2.16 -8.48
N TYR A 100 -9.24 -3.50 -8.40
CA TYR A 100 -10.40 -4.31 -7.97
C TYR A 100 -9.91 -5.47 -7.09
N HIS A 101 -10.68 -5.83 -6.04
CA HIS A 101 -10.43 -7.06 -5.27
C HIS A 101 -11.33 -8.17 -5.81
N CYS A 102 -10.67 -9.19 -6.36
CA CYS A 102 -11.31 -10.44 -6.75
C CYS A 102 -11.08 -11.47 -5.65
N GLU A 103 -12.15 -11.98 -5.04
CA GLU A 103 -12.07 -13.01 -3.97
C GLU A 103 -11.66 -14.38 -4.55
N ASN A 104 -11.98 -14.60 -5.85
CA ASN A 104 -11.62 -15.82 -6.58
C ASN A 104 -10.09 -15.90 -6.86
N CYS A 105 -9.46 -14.75 -7.17
CA CYS A 105 -7.98 -14.64 -7.26
C CYS A 105 -7.40 -14.49 -5.83
N GLY A 106 -8.21 -13.93 -4.93
CA GLY A 106 -7.86 -13.77 -3.51
C GLY A 106 -7.08 -12.49 -3.22
N ILE A 107 -6.93 -11.63 -4.24
CA ILE A 107 -6.08 -10.40 -4.16
C ILE A 107 -6.76 -9.22 -4.87
N CYS A 108 -6.15 -8.04 -4.72
CA CYS A 108 -6.43 -6.84 -5.51
C CYS A 108 -5.11 -6.33 -6.10
N ARG A 109 -5.10 -6.11 -7.42
CA ARG A 109 -3.90 -5.71 -8.16
C ARG A 109 -4.32 -4.63 -9.18
N ILE A 110 -3.38 -3.73 -9.52
CA ILE A 110 -3.61 -2.62 -10.47
C ILE A 110 -4.05 -3.15 -11.85
N GLY A 111 -5.30 -2.86 -12.22
CA GLY A 111 -5.90 -3.34 -13.45
C GLY A 111 -7.30 -2.79 -13.58
N PRO A 112 -7.73 -2.27 -14.78
CA PRO A 112 -9.08 -1.73 -14.92
C PRO A 112 -10.14 -2.83 -14.84
N LYS A 113 -10.97 -2.74 -13.79
CA LYS A 113 -11.99 -3.76 -13.43
C LYS A 113 -13.02 -3.97 -14.57
N GLU A 114 -13.23 -2.90 -15.35
CA GLU A 114 -14.09 -2.92 -16.55
C GLU A 114 -13.48 -3.80 -17.67
N ASP A 115 -12.15 -3.75 -17.82
CA ASP A 115 -11.42 -4.51 -18.86
C ASP A 115 -10.90 -5.85 -18.30
N PHE A 116 -11.17 -6.14 -17.02
CA PHE A 116 -10.78 -7.42 -16.38
C PHE A 116 -12.01 -8.24 -15.97
N PHE A 117 -11.96 -9.54 -16.28
CA PHE A 117 -12.96 -10.53 -15.89
C PHE A 117 -12.23 -11.73 -15.26
N HIS A 118 -12.93 -12.48 -14.39
CA HIS A 118 -12.39 -13.73 -13.83
C HIS A 118 -12.78 -14.91 -14.74
N CYS A 119 -11.85 -15.86 -14.92
CA CYS A 119 -12.08 -17.09 -15.69
C CYS A 119 -12.15 -18.27 -14.71
N LEU A 120 -13.09 -19.23 -14.93
CA LEU A 120 -13.35 -20.35 -13.98
C LEU A 120 -12.10 -21.25 -13.86
N LYS A 121 -11.63 -21.76 -15.00
CA LYS A 121 -10.26 -22.28 -15.13
C LYS A 121 -9.40 -21.10 -15.61
N CYS A 122 -8.11 -21.09 -15.26
CA CYS A 122 -7.25 -19.89 -15.22
C CYS A 122 -7.66 -19.08 -13.98
N ASN A 123 -7.03 -19.38 -12.84
CA ASN A 123 -7.40 -18.82 -11.50
C ASN A 123 -7.13 -17.30 -11.38
N LEU A 124 -6.50 -16.73 -12.41
CA LEU A 124 -6.19 -15.29 -12.50
C LEU A 124 -7.34 -14.57 -13.24
N CYS A 125 -7.40 -13.24 -13.10
CA CYS A 125 -8.27 -12.39 -13.92
C CYS A 125 -7.53 -11.95 -15.18
N LEU A 126 -8.17 -12.14 -16.33
CA LEU A 126 -7.59 -11.83 -17.65
C LEU A 126 -8.32 -10.63 -18.25
N ALA A 127 -7.68 -9.97 -19.21
CA ALA A 127 -8.23 -8.77 -19.88
C ALA A 127 -9.12 -9.15 -21.07
N MET A 128 -9.97 -8.20 -21.52
CA MET A 128 -10.76 -8.32 -22.76
C MET A 128 -9.84 -8.26 -24.00
N ASN A 129 -8.60 -7.77 -23.80
CA ASN A 129 -7.51 -7.85 -24.80
C ASN A 129 -6.93 -9.28 -24.88
N LEU A 130 -7.04 -10.01 -23.76
CA LEU A 130 -6.43 -11.34 -23.58
C LEU A 130 -7.47 -12.48 -23.70
N GLN A 131 -8.77 -12.14 -23.75
CA GLN A 131 -9.86 -13.16 -23.74
C GLN A 131 -9.77 -14.11 -24.96
N GLY A 132 -9.95 -15.41 -24.70
CA GLY A 132 -9.83 -16.46 -25.74
C GLY A 132 -8.41 -17.00 -25.88
N ARG A 133 -7.42 -16.15 -25.60
CA ARG A 133 -5.98 -16.45 -25.76
C ARG A 133 -5.44 -17.33 -24.61
N HIS A 134 -6.21 -17.40 -23.50
CA HIS A 134 -5.89 -18.28 -22.35
C HIS A 134 -6.45 -19.69 -22.59
N LYS A 135 -5.57 -20.70 -22.49
CA LYS A 135 -5.93 -22.11 -22.61
C LYS A 135 -6.73 -22.54 -21.37
N CYS A 136 -8.04 -22.70 -21.55
CA CYS A 136 -8.98 -23.00 -20.46
C CYS A 136 -9.23 -24.51 -20.33
N ILE A 137 -8.21 -25.32 -20.71
CA ILE A 137 -8.19 -26.78 -20.52
C ILE A 137 -6.79 -27.20 -19.95
#